data_2FIW
# 
_entry.id   2FIW 
# 
_audit_conform.dict_name       mmcif_pdbx.dic 
_audit_conform.dict_version    5.399 
_audit_conform.dict_location   http://mmcif.pdb.org/dictionaries/ascii/mmcif_pdbx.dic 
# 
loop_
_database_2.database_id 
_database_2.database_code 
_database_2.pdbx_database_accession 
_database_2.pdbx_DOI 
PDB   2FIW         pdb_00002fiw 10.2210/pdb2fiw/pdb 
RCSB  RCSB035928   ?            ?                   
WWPDB D_1000035928 ?            ?                   
# 
loop_
_pdbx_audit_revision_history.ordinal 
_pdbx_audit_revision_history.data_content_type 
_pdbx_audit_revision_history.major_revision 
_pdbx_audit_revision_history.minor_revision 
_pdbx_audit_revision_history.revision_date 
1 'Structure model' 1 0 2006-02-14 
2 'Structure model' 1 1 2008-05-01 
3 'Structure model' 1 2 2011-07-13 
4 'Structure model' 1 3 2018-01-24 
5 'Structure model' 1 4 2024-12-25 
# 
_pdbx_audit_revision_details.ordinal             1 
_pdbx_audit_revision_details.revision_ordinal    1 
_pdbx_audit_revision_details.data_content_type   'Structure model' 
_pdbx_audit_revision_details.provider            repository 
_pdbx_audit_revision_details.type                'Initial release' 
_pdbx_audit_revision_details.description         ? 
_pdbx_audit_revision_details.details             ? 
# 
loop_
_pdbx_audit_revision_group.ordinal 
_pdbx_audit_revision_group.revision_ordinal 
_pdbx_audit_revision_group.data_content_type 
_pdbx_audit_revision_group.group 
1  2 'Structure model' 'Version format compliance' 
2  3 'Structure model' 'Derived calculations'      
3  3 'Structure model' 'Source and taxonomy'       
4  3 'Structure model' 'Version format compliance' 
5  4 'Structure model' 'Database references'       
6  5 'Structure model' Advisory                    
7  5 'Structure model' 'Data collection'           
8  5 'Structure model' 'Database references'       
9  5 'Structure model' 'Derived calculations'      
10 5 'Structure model' 'Structure summary'         
# 
loop_
_pdbx_audit_revision_category.ordinal 
_pdbx_audit_revision_category.revision_ordinal 
_pdbx_audit_revision_category.data_content_type 
_pdbx_audit_revision_category.category 
1  4 'Structure model' citation_author             
2  5 'Structure model' chem_comp_atom              
3  5 'Structure model' chem_comp_bond              
4  5 'Structure model' database_2                  
5  5 'Structure model' pdbx_entry_details          
6  5 'Structure model' pdbx_modification_feature   
7  5 'Structure model' pdbx_validate_close_contact 
8  5 'Structure model' struct_conn                 
9  5 'Structure model' struct_ref_seq_dif          
10 5 'Structure model' struct_site                 
# 
loop_
_pdbx_audit_revision_item.ordinal 
_pdbx_audit_revision_item.revision_ordinal 
_pdbx_audit_revision_item.data_content_type 
_pdbx_audit_revision_item.item 
1 4 'Structure model' '_citation_author.name'               
2 5 'Structure model' '_database_2.pdbx_DOI'                
3 5 'Structure model' '_database_2.pdbx_database_accession' 
4 5 'Structure model' '_struct_ref_seq_dif.details'         
5 5 'Structure model' '_struct_site.pdbx_auth_asym_id'      
6 5 'Structure model' '_struct_site.pdbx_auth_comp_id'      
7 5 'Structure model' '_struct_site.pdbx_auth_seq_id'       
# 
_pdbx_database_status.status_code                     REL 
_pdbx_database_status.entry_id                        2FIW 
_pdbx_database_status.recvd_initial_deposition_date   2005-12-30 
_pdbx_database_status.deposit_site                    RCSB 
_pdbx_database_status.process_site                    RCSB 
_pdbx_database_status.status_code_sf                  REL 
_pdbx_database_status.status_code_mr                  ? 
_pdbx_database_status.SG_entry                        Y 
_pdbx_database_status.pdb_format_compatible           Y 
_pdbx_database_status.status_code_cs                  ? 
_pdbx_database_status.methods_development_category    ? 
_pdbx_database_status.status_code_nmr_data            ? 
# 
_pdbx_database_related.db_name        TargetDB 
_pdbx_database_related.db_id          APC5959 
_pdbx_database_related.details        . 
_pdbx_database_related.content_type   unspecified 
# 
loop_
_audit_author.name 
_audit_author.pdbx_ordinal 
'Kim, Y.'                                       1 
'Skarina, T.'                                   2 
'Onopriyenko, O.'                               3 
'Savchenko, A.'                                 4 
'Edwards, A.'                                   5 
'Joachimiak, A.'                                6 
'Midwest Center for Structural Genomics (MCSG)' 7 
# 
_citation.id                        primary 
_citation.title                     
'Crystal Structure of the GCN5-Related N-acetyltransferase: Aminotransferase, Class-II from Rhodopseudomonas palustris' 
_citation.journal_abbrev            'To be Published' 
_citation.journal_volume            ? 
_citation.page_first                ? 
_citation.page_last                 ? 
_citation.year                      2006 
_citation.journal_id_ASTM           ? 
_citation.country                   ? 
_citation.journal_id_ISSN           ? 
_citation.journal_id_CSD            0353 
_citation.book_publisher            ? 
_citation.pdbx_database_id_PubMed   ? 
_citation.pdbx_database_id_DOI      ? 
# 
loop_
_citation_author.citation_id 
_citation_author.name 
_citation_author.ordinal 
_citation_author.identifier_ORCID 
primary 'Kim, Y.'         1 ? 
primary 'Skarina, T.'     2 ? 
primary 'Onopriyenko, O.' 3 ? 
primary 'Savchenko, A.'   4 ? 
primary 'Edwards, A.'     5 ? 
primary 'Joachimiak, A.'  6 ? 
# 
loop_
_entity.id 
_entity.type 
_entity.src_method 
_entity.pdbx_description 
_entity.formula_weight 
_entity.pdbx_number_of_molecules 
_entity.pdbx_ec 
_entity.pdbx_mutation 
_entity.pdbx_fragment 
_entity.details 
1 polymer     man 'GCN5-related N-acetyltransferase:Aminotransferase, class-II' 18262.713 1  ? ? ? ? 
2 non-polymer syn 'SULFATE ION'                                                 96.063    1  ? ? ? ? 
3 non-polymer syn 'ACETYL COENZYME *A'                                          809.571   1  ? ? ? ? 
4 water       nat water                                                         18.015    90 ? ? ? ? 
# 
_entity_poly.entity_id                      1 
_entity_poly.type                           'polypeptide(L)' 
_entity_poly.nstd_linkage                   no 
_entity_poly.nstd_monomer                   yes 
_entity_poly.pdbx_seq_one_letter_code       
;GH(MSE)V(MSE)STPALRPYLPEDAAVTAAIFVASIEQLTADDYSEEQQEAWASAADDEAKFAARLSGQLTLIATLQGV
PVGFASLKGPDHID(MSE)LYVHPDYVGRDVGTTLIDALEKLAGARGALILTVDASDNAAEFFAKRGYVAKQRNTVSING
EWLANTT(MSE)TKSLADSAAPGASSGS
;
_entity_poly.pdbx_seq_one_letter_code_can   
;GHMVMSTPALRPYLPEDAAVTAAIFVASIEQLTADDYSEEQQEAWASAADDEAKFAARLSGQLTLIATLQGVPVGFASLK
GPDHIDMLYVHPDYVGRDVGTTLIDALEKLAGARGALILTVDASDNAAEFFAKRGYVAKQRNTVSINGEWLANTTMTKSL
ADSAAPGASSGS
;
_entity_poly.pdbx_strand_id                 A 
_entity_poly.pdbx_target_identifier         APC5959 
# 
loop_
_pdbx_entity_nonpoly.entity_id 
_pdbx_entity_nonpoly.name 
_pdbx_entity_nonpoly.comp_id 
2 'SULFATE ION'        SO4 
3 'ACETYL COENZYME *A' ACO 
4 water                HOH 
# 
loop_
_entity_poly_seq.entity_id 
_entity_poly_seq.num 
_entity_poly_seq.mon_id 
_entity_poly_seq.hetero 
1 1   GLY n 
1 2   HIS n 
1 3   MSE n 
1 4   VAL n 
1 5   MSE n 
1 6   SER n 
1 7   THR n 
1 8   PRO n 
1 9   ALA n 
1 10  LEU n 
1 11  ARG n 
1 12  PRO n 
1 13  TYR n 
1 14  LEU n 
1 15  PRO n 
1 16  GLU n 
1 17  ASP n 
1 18  ALA n 
1 19  ALA n 
1 20  VAL n 
1 21  THR n 
1 22  ALA n 
1 23  ALA n 
1 24  ILE n 
1 25  PHE n 
1 26  VAL n 
1 27  ALA n 
1 28  SER n 
1 29  ILE n 
1 30  GLU n 
1 31  GLN n 
1 32  LEU n 
1 33  THR n 
1 34  ALA n 
1 35  ASP n 
1 36  ASP n 
1 37  TYR n 
1 38  SER n 
1 39  GLU n 
1 40  GLU n 
1 41  GLN n 
1 42  GLN n 
1 43  GLU n 
1 44  ALA n 
1 45  TRP n 
1 46  ALA n 
1 47  SER n 
1 48  ALA n 
1 49  ALA n 
1 50  ASP n 
1 51  ASP n 
1 52  GLU n 
1 53  ALA n 
1 54  LYS n 
1 55  PHE n 
1 56  ALA n 
1 57  ALA n 
1 58  ARG n 
1 59  LEU n 
1 60  SER n 
1 61  GLY n 
1 62  GLN n 
1 63  LEU n 
1 64  THR n 
1 65  LEU n 
1 66  ILE n 
1 67  ALA n 
1 68  THR n 
1 69  LEU n 
1 70  GLN n 
1 71  GLY n 
1 72  VAL n 
1 73  PRO n 
1 74  VAL n 
1 75  GLY n 
1 76  PHE n 
1 77  ALA n 
1 78  SER n 
1 79  LEU n 
1 80  LYS n 
1 81  GLY n 
1 82  PRO n 
1 83  ASP n 
1 84  HIS n 
1 85  ILE n 
1 86  ASP n 
1 87  MSE n 
1 88  LEU n 
1 89  TYR n 
1 90  VAL n 
1 91  HIS n 
1 92  PRO n 
1 93  ASP n 
1 94  TYR n 
1 95  VAL n 
1 96  GLY n 
1 97  ARG n 
1 98  ASP n 
1 99  VAL n 
1 100 GLY n 
1 101 THR n 
1 102 THR n 
1 103 LEU n 
1 104 ILE n 
1 105 ASP n 
1 106 ALA n 
1 107 LEU n 
1 108 GLU n 
1 109 LYS n 
1 110 LEU n 
1 111 ALA n 
1 112 GLY n 
1 113 ALA n 
1 114 ARG n 
1 115 GLY n 
1 116 ALA n 
1 117 LEU n 
1 118 ILE n 
1 119 LEU n 
1 120 THR n 
1 121 VAL n 
1 122 ASP n 
1 123 ALA n 
1 124 SER n 
1 125 ASP n 
1 126 ASN n 
1 127 ALA n 
1 128 ALA n 
1 129 GLU n 
1 130 PHE n 
1 131 PHE n 
1 132 ALA n 
1 133 LYS n 
1 134 ARG n 
1 135 GLY n 
1 136 TYR n 
1 137 VAL n 
1 138 ALA n 
1 139 LYS n 
1 140 GLN n 
1 141 ARG n 
1 142 ASN n 
1 143 THR n 
1 144 VAL n 
1 145 SER n 
1 146 ILE n 
1 147 ASN n 
1 148 GLY n 
1 149 GLU n 
1 150 TRP n 
1 151 LEU n 
1 152 ALA n 
1 153 ASN n 
1 154 THR n 
1 155 THR n 
1 156 MSE n 
1 157 THR n 
1 158 LYS n 
1 159 SER n 
1 160 LEU n 
1 161 ALA n 
1 162 ASP n 
1 163 SER n 
1 164 ALA n 
1 165 ALA n 
1 166 PRO n 
1 167 GLY n 
1 168 ALA n 
1 169 SER n 
1 170 SER n 
1 171 GLY n 
1 172 SER n 
# 
_entity_src_gen.entity_id                          1 
_entity_src_gen.pdbx_src_id                        1 
_entity_src_gen.pdbx_alt_source_flag               sample 
_entity_src_gen.pdbx_seq_type                      ? 
_entity_src_gen.pdbx_beg_seq_num                   ? 
_entity_src_gen.pdbx_end_seq_num                   ? 
_entity_src_gen.gene_src_common_name               ? 
_entity_src_gen.gene_src_genus                     Rhodopseudomonas 
_entity_src_gen.pdbx_gene_src_gene                 ? 
_entity_src_gen.gene_src_species                   'Rhodopseudomonas palustris' 
_entity_src_gen.gene_src_strain                    CGA009 
_entity_src_gen.gene_src_tissue                    ? 
_entity_src_gen.gene_src_tissue_fraction           ? 
_entity_src_gen.gene_src_details                   ? 
_entity_src_gen.pdbx_gene_src_fragment             ? 
_entity_src_gen.pdbx_gene_src_scientific_name      'Rhodopseudomonas palustris' 
_entity_src_gen.pdbx_gene_src_ncbi_taxonomy_id     258594 
_entity_src_gen.pdbx_gene_src_variant              ? 
_entity_src_gen.pdbx_gene_src_cell_line            ? 
_entity_src_gen.pdbx_gene_src_atcc                 ? 
_entity_src_gen.pdbx_gene_src_organ                ? 
_entity_src_gen.pdbx_gene_src_organelle            ? 
_entity_src_gen.pdbx_gene_src_cell                 ? 
_entity_src_gen.pdbx_gene_src_cellular_location    ? 
_entity_src_gen.host_org_common_name               ? 
_entity_src_gen.pdbx_host_org_scientific_name      'Escherichia coli BL21(DE3)' 
_entity_src_gen.pdbx_host_org_ncbi_taxonomy_id     469008 
_entity_src_gen.host_org_genus                     Escherichia 
_entity_src_gen.pdbx_host_org_gene                 ? 
_entity_src_gen.pdbx_host_org_organ                ? 
_entity_src_gen.host_org_species                   'Escherichia coli' 
_entity_src_gen.pdbx_host_org_tissue               ? 
_entity_src_gen.pdbx_host_org_tissue_fraction      ? 
_entity_src_gen.pdbx_host_org_strain               BL21DE3 
_entity_src_gen.pdbx_host_org_variant              ? 
_entity_src_gen.pdbx_host_org_cell_line            ? 
_entity_src_gen.pdbx_host_org_atcc                 ? 
_entity_src_gen.pdbx_host_org_culture_collection   ? 
_entity_src_gen.pdbx_host_org_cell                 ? 
_entity_src_gen.pdbx_host_org_organelle            ? 
_entity_src_gen.pdbx_host_org_cellular_location    ? 
_entity_src_gen.pdbx_host_org_vector_type          plasmid 
_entity_src_gen.pdbx_host_org_vector               ? 
_entity_src_gen.host_org_details                   ? 
_entity_src_gen.expression_system_id               ? 
_entity_src_gen.plasmid_name                       pMCSG7 
_entity_src_gen.plasmid_details                    ? 
_entity_src_gen.pdbx_description                   ? 
# 
loop_
_chem_comp.id 
_chem_comp.type 
_chem_comp.mon_nstd_flag 
_chem_comp.name 
_chem_comp.pdbx_synonyms 
_chem_comp.formula 
_chem_comp.formula_weight 
ACO non-polymer         . 'ACETYL COENZYME *A' ? 'C23 H38 N7 O17 P3 S' 809.571 
ALA 'L-peptide linking' y ALANINE              ? 'C3 H7 N O2'          89.093  
ARG 'L-peptide linking' y ARGININE             ? 'C6 H15 N4 O2 1'      175.209 
ASN 'L-peptide linking' y ASPARAGINE           ? 'C4 H8 N2 O3'         132.118 
ASP 'L-peptide linking' y 'ASPARTIC ACID'      ? 'C4 H7 N O4'          133.103 
GLN 'L-peptide linking' y GLUTAMINE            ? 'C5 H10 N2 O3'        146.144 
GLU 'L-peptide linking' y 'GLUTAMIC ACID'      ? 'C5 H9 N O4'          147.129 
GLY 'peptide linking'   y GLYCINE              ? 'C2 H5 N O2'          75.067  
HIS 'L-peptide linking' y HISTIDINE            ? 'C6 H10 N3 O2 1'      156.162 
HOH non-polymer         . WATER                ? 'H2 O'                18.015  
ILE 'L-peptide linking' y ISOLEUCINE           ? 'C6 H13 N O2'         131.173 
LEU 'L-peptide linking' y LEUCINE              ? 'C6 H13 N O2'         131.173 
LYS 'L-peptide linking' y LYSINE               ? 'C6 H15 N2 O2 1'      147.195 
MET 'L-peptide linking' y METHIONINE           ? 'C5 H11 N O2 S'       149.211 
MSE 'L-peptide linking' n SELENOMETHIONINE     ? 'C5 H11 N O2 Se'      196.106 
PHE 'L-peptide linking' y PHENYLALANINE        ? 'C9 H11 N O2'         165.189 
PRO 'L-peptide linking' y PROLINE              ? 'C5 H9 N O2'          115.130 
SER 'L-peptide linking' y SERINE               ? 'C3 H7 N O3'          105.093 
SO4 non-polymer         . 'SULFATE ION'        ? 'O4 S -2'             96.063  
THR 'L-peptide linking' y THREONINE            ? 'C4 H9 N O3'          119.119 
TRP 'L-peptide linking' y TRYPTOPHAN           ? 'C11 H12 N2 O2'       204.225 
TYR 'L-peptide linking' y TYROSINE             ? 'C9 H11 N O3'         181.189 
VAL 'L-peptide linking' y VALINE               ? 'C5 H11 N O2'         117.146 
# 
loop_
_pdbx_poly_seq_scheme.asym_id 
_pdbx_poly_seq_scheme.entity_id 
_pdbx_poly_seq_scheme.seq_id 
_pdbx_poly_seq_scheme.mon_id 
_pdbx_poly_seq_scheme.ndb_seq_num 
_pdbx_poly_seq_scheme.pdb_seq_num 
_pdbx_poly_seq_scheme.auth_seq_num 
_pdbx_poly_seq_scheme.pdb_mon_id 
_pdbx_poly_seq_scheme.auth_mon_id 
_pdbx_poly_seq_scheme.pdb_strand_id 
_pdbx_poly_seq_scheme.pdb_ins_code 
_pdbx_poly_seq_scheme.hetero 
A 1 1   GLY 1   -2  -2  GLY GLY A . n 
A 1 2   HIS 2   -1  -1  HIS HIS A . n 
A 1 3   MSE 3   0   0   MSE MSE A . n 
A 1 4   VAL 4   1   1   VAL VAL A . n 
A 1 5   MSE 5   2   2   MSE MSE A . n 
A 1 6   SER 6   3   3   SER SER A . n 
A 1 7   THR 7   4   4   THR THR A . n 
A 1 8   PRO 8   5   5   PRO PRO A . n 
A 1 9   ALA 9   6   6   ALA ALA A . n 
A 1 10  LEU 10  7   7   LEU LEU A . n 
A 1 11  ARG 11  8   8   ARG ARG A . n 
A 1 12  PRO 12  9   9   PRO PRO A . n 
A 1 13  TYR 13  10  10  TYR TYR A . n 
A 1 14  LEU 14  11  11  LEU LEU A . n 
A 1 15  PRO 15  12  12  PRO PRO A . n 
A 1 16  GLU 16  13  13  GLU GLU A . n 
A 1 17  ASP 17  14  14  ASP ASP A . n 
A 1 18  ALA 18  15  15  ALA ALA A . n 
A 1 19  ALA 19  16  16  ALA ALA A . n 
A 1 20  VAL 20  17  17  VAL VAL A . n 
A 1 21  THR 21  18  18  THR THR A . n 
A 1 22  ALA 22  19  19  ALA ALA A . n 
A 1 23  ALA 23  20  20  ALA ALA A . n 
A 1 24  ILE 24  21  21  ILE ILE A . n 
A 1 25  PHE 25  22  22  PHE PHE A . n 
A 1 26  VAL 26  23  23  VAL VAL A . n 
A 1 27  ALA 27  24  24  ALA ALA A . n 
A 1 28  SER 28  25  25  SER SER A . n 
A 1 29  ILE 29  26  26  ILE ILE A . n 
A 1 30  GLU 30  27  27  GLU GLU A . n 
A 1 31  GLN 31  28  28  GLN GLN A . n 
A 1 32  LEU 32  29  29  LEU LEU A . n 
A 1 33  THR 33  30  30  THR THR A . n 
A 1 34  ALA 34  31  31  ALA ALA A . n 
A 1 35  ASP 35  32  32  ASP ASP A . n 
A 1 36  ASP 36  33  33  ASP ASP A . n 
A 1 37  TYR 37  34  34  TYR TYR A . n 
A 1 38  SER 38  35  35  SER SER A . n 
A 1 39  GLU 39  36  36  GLU GLU A . n 
A 1 40  GLU 40  37  37  GLU GLU A . n 
A 1 41  GLN 41  38  38  GLN GLN A . n 
A 1 42  GLN 42  39  39  GLN GLN A . n 
A 1 43  GLU 43  40  40  GLU GLU A . n 
A 1 44  ALA 44  41  41  ALA ALA A . n 
A 1 45  TRP 45  42  42  TRP TRP A . n 
A 1 46  ALA 46  43  43  ALA ALA A . n 
A 1 47  SER 47  44  44  SER SER A . n 
A 1 48  ALA 48  45  45  ALA ALA A . n 
A 1 49  ALA 49  46  46  ALA ALA A . n 
A 1 50  ASP 50  47  47  ASP ASP A . n 
A 1 51  ASP 51  48  48  ASP ASP A . n 
A 1 52  GLU 52  49  49  GLU GLU A . n 
A 1 53  ALA 53  50  50  ALA ALA A . n 
A 1 54  LYS 54  51  51  LYS LYS A . n 
A 1 55  PHE 55  52  52  PHE PHE A . n 
A 1 56  ALA 56  53  53  ALA ALA A . n 
A 1 57  ALA 57  54  54  ALA ALA A . n 
A 1 58  ARG 58  55  55  ARG ARG A . n 
A 1 59  LEU 59  56  56  LEU LEU A . n 
A 1 60  SER 60  57  57  SER SER A . n 
A 1 61  GLY 61  58  58  GLY GLY A . n 
A 1 62  GLN 62  59  59  GLN GLN A . n 
A 1 63  LEU 63  60  60  LEU LEU A . n 
A 1 64  THR 64  61  61  THR THR A . n 
A 1 65  LEU 65  62  62  LEU LEU A . n 
A 1 66  ILE 66  63  63  ILE ILE A . n 
A 1 67  ALA 67  64  64  ALA ALA A . n 
A 1 68  THR 68  65  65  THR THR A . n 
A 1 69  LEU 69  66  66  LEU LEU A . n 
A 1 70  GLN 70  67  67  GLN GLN A . n 
A 1 71  GLY 71  68  68  GLY GLY A . n 
A 1 72  VAL 72  69  69  VAL VAL A . n 
A 1 73  PRO 73  70  70  PRO PRO A . n 
A 1 74  VAL 74  71  71  VAL VAL A . n 
A 1 75  GLY 75  72  72  GLY GLY A . n 
A 1 76  PHE 76  73  73  PHE PHE A . n 
A 1 77  ALA 77  74  74  ALA ALA A . n 
A 1 78  SER 78  75  75  SER SER A . n 
A 1 79  LEU 79  76  76  LEU LEU A . n 
A 1 80  LYS 80  77  77  LYS LYS A . n 
A 1 81  GLY 81  78  78  GLY GLY A . n 
A 1 82  PRO 82  79  79  PRO PRO A . n 
A 1 83  ASP 83  80  80  ASP ASP A . n 
A 1 84  HIS 84  81  81  HIS HIS A . n 
A 1 85  ILE 85  82  82  ILE ILE A . n 
A 1 86  ASP 86  83  83  ASP ASP A . n 
A 1 87  MSE 87  84  84  MSE MSE A . n 
A 1 88  LEU 88  85  85  LEU LEU A . n 
A 1 89  TYR 89  86  86  TYR TYR A . n 
A 1 90  VAL 90  87  87  VAL VAL A . n 
A 1 91  HIS 91  88  88  HIS HIS A . n 
A 1 92  PRO 92  89  89  PRO PRO A . n 
A 1 93  ASP 93  90  90  ASP ASP A . n 
A 1 94  TYR 94  91  91  TYR TYR A . n 
A 1 95  VAL 95  92  92  VAL VAL A . n 
A 1 96  GLY 96  93  93  GLY GLY A . n 
A 1 97  ARG 97  94  94  ARG ARG A . n 
A 1 98  ASP 98  95  95  ASP ASP A . n 
A 1 99  VAL 99  96  96  VAL VAL A . n 
A 1 100 GLY 100 97  97  GLY GLY A . n 
A 1 101 THR 101 98  98  THR THR A . n 
A 1 102 THR 102 99  99  THR THR A . n 
A 1 103 LEU 103 100 100 LEU LEU A . n 
A 1 104 ILE 104 101 101 ILE ILE A . n 
A 1 105 ASP 105 102 102 ASP ASP A . n 
A 1 106 ALA 106 103 103 ALA ALA A . n 
A 1 107 LEU 107 104 104 LEU LEU A . n 
A 1 108 GLU 108 105 105 GLU GLU A . n 
A 1 109 LYS 109 106 106 LYS LYS A . n 
A 1 110 LEU 110 107 107 LEU LEU A . n 
A 1 111 ALA 111 108 108 ALA ALA A . n 
A 1 112 GLY 112 109 109 GLY GLY A . n 
A 1 113 ALA 113 110 110 ALA ALA A . n 
A 1 114 ARG 114 111 111 ARG ARG A . n 
A 1 115 GLY 115 112 112 GLY GLY A . n 
A 1 116 ALA 116 113 113 ALA ALA A . n 
A 1 117 LEU 117 114 114 LEU LEU A . n 
A 1 118 ILE 118 115 115 ILE ILE A . n 
A 1 119 LEU 119 116 116 LEU LEU A . n 
A 1 120 THR 120 117 117 THR THR A . n 
A 1 121 VAL 121 118 118 VAL VAL A . n 
A 1 122 ASP 122 119 119 ASP ASP A . n 
A 1 123 ALA 123 120 120 ALA ALA A . n 
A 1 124 SER 124 121 121 SER SER A . n 
A 1 125 ASP 125 122 122 ASP ASP A . n 
A 1 126 ASN 126 123 123 ASN ASN A . n 
A 1 127 ALA 127 124 124 ALA ALA A . n 
A 1 128 ALA 128 125 125 ALA ALA A . n 
A 1 129 GLU 129 126 126 GLU GLU A . n 
A 1 130 PHE 130 127 127 PHE PHE A . n 
A 1 131 PHE 131 128 128 PHE PHE A . n 
A 1 132 ALA 132 129 129 ALA ALA A . n 
A 1 133 LYS 133 130 130 LYS LYS A . n 
A 1 134 ARG 134 131 131 ARG ARG A . n 
A 1 135 GLY 135 132 132 GLY GLY A . n 
A 1 136 TYR 136 133 133 TYR TYR A . n 
A 1 137 VAL 137 134 134 VAL VAL A . n 
A 1 138 ALA 138 135 135 ALA ALA A . n 
A 1 139 LYS 139 136 136 LYS LYS A . n 
A 1 140 GLN 140 137 137 GLN GLN A . n 
A 1 141 ARG 141 138 138 ARG ARG A . n 
A 1 142 ASN 142 139 139 ASN ASN A . n 
A 1 143 THR 143 140 140 THR THR A . n 
A 1 144 VAL 144 141 141 VAL VAL A . n 
A 1 145 SER 145 142 142 SER SER A . n 
A 1 146 ILE 146 143 143 ILE ILE A . n 
A 1 147 ASN 147 144 144 ASN ASN A . n 
A 1 148 GLY 148 145 145 GLY GLY A . n 
A 1 149 GLU 149 146 146 GLU GLU A . n 
A 1 150 TRP 150 147 147 TRP TRP A . n 
A 1 151 LEU 151 148 148 LEU LEU A . n 
A 1 152 ALA 152 149 149 ALA ALA A . n 
A 1 153 ASN 153 150 150 ASN ASN A . n 
A 1 154 THR 154 151 151 THR THR A . n 
A 1 155 THR 155 152 152 THR THR A . n 
A 1 156 MSE 156 153 153 MSE MSE A . n 
A 1 157 THR 157 154 154 THR THR A . n 
A 1 158 LYS 158 155 155 LYS LYS A . n 
A 1 159 SER 159 156 156 SER SER A . n 
A 1 160 LEU 160 157 157 LEU LEU A . n 
A 1 161 ALA 161 158 ?   ?   ?   A . n 
A 1 162 ASP 162 159 ?   ?   ?   A . n 
A 1 163 SER 163 160 ?   ?   ?   A . n 
A 1 164 ALA 164 161 ?   ?   ?   A . n 
A 1 165 ALA 165 162 ?   ?   ?   A . n 
A 1 166 PRO 166 163 ?   ?   ?   A . n 
A 1 167 GLY 167 164 ?   ?   ?   A . n 
A 1 168 ALA 168 165 ?   ?   ?   A . n 
A 1 169 SER 169 166 ?   ?   ?   A . n 
A 1 170 SER 170 167 ?   ?   ?   A . n 
A 1 171 GLY 171 168 ?   ?   ?   A . n 
A 1 172 SER 172 169 ?   ?   ?   A . n 
# 
loop_
_pdbx_nonpoly_scheme.asym_id 
_pdbx_nonpoly_scheme.entity_id 
_pdbx_nonpoly_scheme.mon_id 
_pdbx_nonpoly_scheme.ndb_seq_num 
_pdbx_nonpoly_scheme.pdb_seq_num 
_pdbx_nonpoly_scheme.auth_seq_num 
_pdbx_nonpoly_scheme.pdb_mon_id 
_pdbx_nonpoly_scheme.auth_mon_id 
_pdbx_nonpoly_scheme.pdb_strand_id 
_pdbx_nonpoly_scheme.pdb_ins_code 
B 2 SO4 1  201 201 SO4 SO4 A . 
C 3 ACO 1  200 200 ACO ACZ A . 
D 4 HOH 1  202 1   HOH HOH A . 
D 4 HOH 2  203 2   HOH HOH A . 
D 4 HOH 3  204 3   HOH HOH A . 
D 4 HOH 4  205 4   HOH HOH A . 
D 4 HOH 5  206 5   HOH HOH A . 
D 4 HOH 6  207 6   HOH HOH A . 
D 4 HOH 7  208 7   HOH HOH A . 
D 4 HOH 8  209 8   HOH HOH A . 
D 4 HOH 9  210 9   HOH HOH A . 
D 4 HOH 10 211 10  HOH HOH A . 
D 4 HOH 11 212 11  HOH HOH A . 
D 4 HOH 12 213 12  HOH HOH A . 
D 4 HOH 13 214 13  HOH HOH A . 
D 4 HOH 14 215 14  HOH HOH A . 
D 4 HOH 15 216 15  HOH HOH A . 
D 4 HOH 16 217 16  HOH HOH A . 
D 4 HOH 17 218 17  HOH HOH A . 
D 4 HOH 18 219 18  HOH HOH A . 
D 4 HOH 19 220 19  HOH HOH A . 
D 4 HOH 20 221 20  HOH HOH A . 
D 4 HOH 21 222 21  HOH HOH A . 
D 4 HOH 22 223 22  HOH HOH A . 
D 4 HOH 23 224 23  HOH HOH A . 
D 4 HOH 24 225 24  HOH HOH A . 
D 4 HOH 25 226 25  HOH HOH A . 
D 4 HOH 26 227 26  HOH HOH A . 
D 4 HOH 27 228 27  HOH HOH A . 
D 4 HOH 28 229 28  HOH HOH A . 
D 4 HOH 29 230 29  HOH HOH A . 
D 4 HOH 30 231 30  HOH HOH A . 
D 4 HOH 31 232 31  HOH HOH A . 
D 4 HOH 32 233 32  HOH HOH A . 
D 4 HOH 33 234 33  HOH HOH A . 
D 4 HOH 34 235 34  HOH HOH A . 
D 4 HOH 35 236 35  HOH HOH A . 
D 4 HOH 36 237 36  HOH HOH A . 
D 4 HOH 37 238 37  HOH HOH A . 
D 4 HOH 38 239 38  HOH HOH A . 
D 4 HOH 39 240 39  HOH HOH A . 
D 4 HOH 40 241 40  HOH HOH A . 
D 4 HOH 41 242 41  HOH HOH A . 
D 4 HOH 42 243 42  HOH HOH A . 
D 4 HOH 43 244 43  HOH HOH A . 
D 4 HOH 44 245 44  HOH HOH A . 
D 4 HOH 45 246 45  HOH HOH A . 
D 4 HOH 46 247 46  HOH HOH A . 
D 4 HOH 47 248 47  HOH HOH A . 
D 4 HOH 48 249 48  HOH HOH A . 
D 4 HOH 49 250 49  HOH HOH A . 
D 4 HOH 50 251 50  HOH HOH A . 
D 4 HOH 51 252 51  HOH HOH A . 
D 4 HOH 52 253 52  HOH HOH A . 
D 4 HOH 53 254 53  HOH HOH A . 
D 4 HOH 54 255 54  HOH HOH A . 
D 4 HOH 55 256 55  HOH HOH A . 
D 4 HOH 56 257 56  HOH HOH A . 
D 4 HOH 57 258 57  HOH HOH A . 
D 4 HOH 58 259 58  HOH HOH A . 
D 4 HOH 59 260 59  HOH HOH A . 
D 4 HOH 60 261 60  HOH HOH A . 
D 4 HOH 61 262 61  HOH HOH A . 
D 4 HOH 62 263 62  HOH HOH A . 
D 4 HOH 63 264 63  HOH HOH A . 
D 4 HOH 64 265 64  HOH HOH A . 
D 4 HOH 65 266 65  HOH HOH A . 
D 4 HOH 66 267 66  HOH HOH A . 
D 4 HOH 67 268 67  HOH HOH A . 
D 4 HOH 68 269 68  HOH HOH A . 
D 4 HOH 69 270 69  HOH HOH A . 
D 4 HOH 70 271 70  HOH HOH A . 
D 4 HOH 71 272 71  HOH HOH A . 
D 4 HOH 72 273 72  HOH HOH A . 
D 4 HOH 73 274 73  HOH HOH A . 
D 4 HOH 74 275 74  HOH HOH A . 
D 4 HOH 75 276 75  HOH HOH A . 
D 4 HOH 76 277 76  HOH HOH A . 
D 4 HOH 77 278 77  HOH HOH A . 
D 4 HOH 78 279 78  HOH HOH A . 
D 4 HOH 79 280 79  HOH HOH A . 
D 4 HOH 80 281 80  HOH HOH A . 
D 4 HOH 81 282 81  HOH HOH A . 
D 4 HOH 82 283 82  HOH HOH A . 
D 4 HOH 83 284 83  HOH HOH A . 
D 4 HOH 84 285 84  HOH HOH A . 
D 4 HOH 85 286 85  HOH HOH A . 
D 4 HOH 86 287 86  HOH HOH A . 
D 4 HOH 87 288 87  HOH HOH A . 
D 4 HOH 88 289 88  HOH HOH A . 
D 4 HOH 89 290 89  HOH HOH A . 
D 4 HOH 90 291 90  HOH HOH A . 
# 
loop_
_software.name 
_software.classification 
_software.version 
_software.citation_id 
_software.pdbx_ordinal 
REFMAC      refinement        5.2.0000 ? 1 
SBC-Collect 'data collection' .        ? 2 
HKL-2000    'data reduction'  .        ? 3 
HKL-2000    'data scaling'    .        ? 4 
HKL-3000    phasing           .        ? 5 
MLPHARE     phasing           .        ? 6 
RESOLVE     phasing           .        ? 7 
SHELXE      'model building'  .        ? 8 
SHELXD      phasing           .        ? 9 
# 
_cell.entry_id           2FIW 
_cell.length_a           78.293 
_cell.length_b           78.293 
_cell.length_c           93.242 
_cell.angle_alpha        90.00 
_cell.angle_beta         90.00 
_cell.angle_gamma        120.00 
_cell.Z_PDB              6 
_cell.pdbx_unique_axis   ? 
_cell.length_a_esd       ? 
_cell.length_b_esd       ? 
_cell.length_c_esd       ? 
_cell.angle_alpha_esd    ? 
_cell.angle_beta_esd     ? 
_cell.angle_gamma_esd    ? 
# 
_symmetry.entry_id                         2FIW 
_symmetry.space_group_name_H-M             'P 31 2 1' 
_symmetry.pdbx_full_space_group_name_H-M   ? 
_symmetry.cell_setting                     ? 
_symmetry.Int_Tables_number                152 
_symmetry.space_group_name_Hall            ? 
# 
_exptl.entry_id          2FIW 
_exptl.method            'X-RAY DIFFRACTION' 
_exptl.crystals_number   1 
# 
_exptl_crystal.id                    1 
_exptl_crystal.density_meas          ? 
_exptl_crystal.density_Matthews      4.52 
_exptl_crystal.density_percent_sol   72.76 
_exptl_crystal.description           ? 
_exptl_crystal.F_000                 ? 
_exptl_crystal.preparation           ? 
# 
_exptl_crystal_grow.crystal_id      1 
_exptl_crystal_grow.method          'VAPOR DIFFUSION, HANGING DROP' 
_exptl_crystal_grow.temp            295 
_exptl_crystal_grow.temp_details    ? 
_exptl_crystal_grow.pH              7.5 
_exptl_crystal_grow.pdbx_details    
'2M Ammonium Sulphate, 2% PEG400, 0.1 M Hepes Na pH 7.5, VAPOR DIFFUSION, HANGING DROP, temperature 295K' 
_exptl_crystal_grow.pdbx_pH_range   . 
# 
_diffrn.id                     1 
_diffrn.ambient_temp           100 
_diffrn.ambient_temp_details   ? 
_diffrn.crystal_id             1 
# 
_diffrn_detector.diffrn_id              1 
_diffrn_detector.detector               CCD 
_diffrn_detector.type                   SBC-3 
_diffrn_detector.pdbx_collection_date   2005-11-23 
_diffrn_detector.details                mirrors 
# 
_diffrn_radiation.diffrn_id                        1 
_diffrn_radiation.wavelength_id                    1 
_diffrn_radiation.pdbx_monochromatic_or_laue_m_l   M 
_diffrn_radiation.monochromator                    'double crystal monochromator, Si(111)' 
_diffrn_radiation.pdbx_diffrn_protocol             'SINGLE WAVELENGTH' 
_diffrn_radiation.pdbx_scattering_type             x-ray 
# 
_diffrn_radiation_wavelength.id           1 
_diffrn_radiation_wavelength.wavelength   0.97885 
_diffrn_radiation_wavelength.wt           1.0 
# 
_diffrn_source.diffrn_id                   1 
_diffrn_source.source                      SYNCHROTRON 
_diffrn_source.type                        'APS BEAMLINE 19-BM' 
_diffrn_source.pdbx_synchrotron_site       APS 
_diffrn_source.pdbx_synchrotron_beamline   19-BM 
_diffrn_source.pdbx_wavelength             ? 
_diffrn_source.pdbx_wavelength_list        0.97885 
# 
_reflns.entry_id                     2FIW 
_reflns.observed_criterion_sigma_I   0.0 
_reflns.observed_criterion_sigma_F   0.0 
_reflns.d_resolution_low             50 
_reflns.d_resolution_high            2.35 
_reflns.number_obs                   13907 
_reflns.number_all                   16474 
_reflns.percent_possible_obs         97.8 
_reflns.pdbx_Rmerge_I_obs            0.075 
_reflns.pdbx_Rsym_value              ? 
_reflns.pdbx_netI_over_sigmaI        11.3 
_reflns.B_iso_Wilson_estimate        ? 
_reflns.pdbx_redundancy              16.0 
_reflns.R_free_details               ? 
_reflns.limit_h_max                  ? 
_reflns.limit_h_min                  ? 
_reflns.limit_k_max                  ? 
_reflns.limit_k_min                  ? 
_reflns.limit_l_max                  ? 
_reflns.limit_l_min                  ? 
_reflns.observed_criterion_F_max     ? 
_reflns.observed_criterion_F_min     ? 
_reflns.pdbx_chi_squared             ? 
_reflns.pdbx_scaling_rejects         ? 
_reflns.pdbx_ordinal                 1 
_reflns.pdbx_diffrn_id               1 
# 
_reflns_shell.d_res_high             2.35 
_reflns_shell.d_res_low              2.43 
_reflns_shell.percent_possible_all   98.5 
_reflns_shell.Rmerge_I_obs           0.67 
_reflns_shell.pdbx_Rsym_value        ? 
_reflns_shell.meanI_over_sigI_obs    5.4 
_reflns_shell.pdbx_redundancy        17.7 
_reflns_shell.percent_possible_obs   ? 
_reflns_shell.number_unique_all      1387 
_reflns_shell.number_measured_all    ? 
_reflns_shell.number_measured_obs    ? 
_reflns_shell.number_unique_obs      ? 
_reflns_shell.pdbx_chi_squared       ? 
_reflns_shell.pdbx_ordinal           1 
_reflns_shell.pdbx_diffrn_id         1 
# 
_refine.entry_id                                 2FIW 
_refine.ls_number_reflns_obs                     11153 
_refine.ls_number_reflns_all                     11153 
_refine.pdbx_ls_sigma_I                          ? 
_refine.pdbx_ls_sigma_F                          0.0 
_refine.pdbx_data_cutoff_high_absF               ? 
_refine.pdbx_data_cutoff_low_absF                ? 
_refine.pdbx_data_cutoff_high_rms_absF           ? 
_refine.ls_d_res_low                             25.63 
_refine.ls_d_res_high                            2.35 
_refine.ls_percent_reflns_obs                    87.48 
_refine.ls_R_factor_obs                          0.22335 
_refine.ls_R_factor_all                          0.22335 
_refine.ls_R_factor_R_work                       0.21899 
_refine.ls_R_factor_R_free                       0.26271 
_refine.ls_R_factor_R_free_error                 ? 
_refine.ls_R_factor_R_free_error_details         ? 
_refine.ls_percent_reflns_R_free                 9.9 
_refine.ls_number_reflns_R_free                  1229 
_refine.ls_number_parameters                     ? 
_refine.ls_number_restraints                     ? 
_refine.occupancy_min                            ? 
_refine.occupancy_max                            ? 
_refine.correlation_coeff_Fo_to_Fc               0.940 
_refine.correlation_coeff_Fo_to_Fc_free          0.918 
_refine.B_iso_mean                               41.070 
_refine.aniso_B[1][1]                            2.38 
_refine.aniso_B[2][2]                            2.38 
_refine.aniso_B[3][3]                            -3.57 
_refine.aniso_B[1][2]                            1.19 
_refine.aniso_B[1][3]                            0.00 
_refine.aniso_B[2][3]                            0.00 
_refine.solvent_model_details                    MASK 
_refine.solvent_model_param_ksol                 ? 
_refine.solvent_model_param_bsol                 ? 
_refine.pdbx_solvent_vdw_probe_radii             1.20 
_refine.pdbx_solvent_ion_probe_radii             0.80 
_refine.pdbx_solvent_shrinkage_radii             0.80 
_refine.pdbx_ls_cross_valid_method               THROUGHOUT 
_refine.details                                  ? 
_refine.pdbx_starting_model                      ? 
_refine.pdbx_method_to_determine_struct          SAD 
_refine.pdbx_isotropic_thermal_model             ? 
_refine.pdbx_stereochemistry_target_values       'MAXIMUM LIKELIHOOD' 
_refine.pdbx_stereochem_target_val_spec_case     ? 
_refine.pdbx_R_Free_selection_details            RANDOM 
_refine.pdbx_overall_ESU_R                       0.281 
_refine.pdbx_overall_ESU_R_Free                  0.237 
_refine.overall_SU_ML                            0.166 
_refine.overall_SU_B                             7.150 
_refine.ls_redundancy_reflns_obs                 ? 
_refine.B_iso_min                                ? 
_refine.B_iso_max                                ? 
_refine.overall_SU_R_Cruickshank_DPI             ? 
_refine.overall_SU_R_free                        ? 
_refine.ls_wR_factor_R_free                      ? 
_refine.ls_wR_factor_R_work                      ? 
_refine.overall_FOM_free_R_set                   ? 
_refine.overall_FOM_work_R_set                   ? 
_refine.pdbx_refine_id                           'X-RAY DIFFRACTION' 
_refine.pdbx_diffrn_id                           1 
_refine.pdbx_TLS_residual_ADP_flag               ? 
_refine.pdbx_overall_phase_error                 ? 
_refine.pdbx_overall_SU_R_free_Cruickshank_DPI   ? 
_refine.pdbx_overall_SU_R_Blow_DPI               ? 
_refine.pdbx_overall_SU_R_free_Blow_DPI          ? 
# 
_refine_hist.pdbx_refine_id                   'X-RAY DIFFRACTION' 
_refine_hist.cycle_id                         LAST 
_refine_hist.pdbx_number_atoms_protein        1203 
_refine_hist.pdbx_number_atoms_nucleic_acid   0 
_refine_hist.pdbx_number_atoms_ligand         56 
_refine_hist.number_atoms_solvent             90 
_refine_hist.number_atoms_total               1349 
_refine_hist.d_res_high                       2.35 
_refine_hist.d_res_low                        25.63 
# 
loop_
_refine_ls_restr.type 
_refine_ls_restr.dev_ideal 
_refine_ls_restr.dev_ideal_target 
_refine_ls_restr.weight 
_refine_ls_restr.number 
_refine_ls_restr.pdbx_refine_id 
_refine_ls_restr.pdbx_restraint_function 
r_bond_refined_d             0.012  0.022  ? 1342 'X-RAY DIFFRACTION' ? 
r_bond_other_d               ?      ?      ? ?    'X-RAY DIFFRACTION' ? 
r_angle_refined_deg          1.498  2.005  ? 1843 'X-RAY DIFFRACTION' ? 
r_angle_other_deg            ?      ?      ? ?    'X-RAY DIFFRACTION' ? 
r_dihedral_angle_1_deg       5.986  5.000  ? 171  'X-RAY DIFFRACTION' ? 
r_dihedral_angle_2_deg       37.505 25.000 ? 58   'X-RAY DIFFRACTION' ? 
r_dihedral_angle_3_deg       18.228 15.000 ? 204  'X-RAY DIFFRACTION' ? 
r_dihedral_angle_4_deg       20.771 15.000 ? 7    'X-RAY DIFFRACTION' ? 
r_chiral_restr               0.098  0.200  ? 207  'X-RAY DIFFRACTION' ? 
r_gen_planes_refined         0.004  0.020  ? 1025 'X-RAY DIFFRACTION' ? 
r_gen_planes_other           ?      ?      ? ?    'X-RAY DIFFRACTION' ? 
r_nbd_refined                0.220  0.200  ? 641  'X-RAY DIFFRACTION' ? 
r_nbd_other                  ?      ?      ? ?    'X-RAY DIFFRACTION' ? 
r_nbtor_refined              ?      ?      ? ?    'X-RAY DIFFRACTION' ? 
r_nbtor_other                ?      ?      ? ?    'X-RAY DIFFRACTION' ? 
r_xyhbond_nbd_refined        0.194  0.200  ? 91   'X-RAY DIFFRACTION' ? 
r_xyhbond_nbd_other          ?      ?      ? ?    'X-RAY DIFFRACTION' ? 
r_metal_ion_refined          ?      ?      ? ?    'X-RAY DIFFRACTION' ? 
r_metal_ion_other            ?      ?      ? ?    'X-RAY DIFFRACTION' ? 
r_symmetry_vdw_refined       0.260  0.200  ? 33   'X-RAY DIFFRACTION' ? 
r_symmetry_vdw_other         ?      ?      ? ?    'X-RAY DIFFRACTION' ? 
r_symmetry_hbond_refined     0.148  0.200  ? 12   'X-RAY DIFFRACTION' ? 
r_symmetry_hbond_other       ?      ?      ? ?    'X-RAY DIFFRACTION' ? 
r_symmetry_metal_ion_refined ?      ?      ? ?    'X-RAY DIFFRACTION' ? 
r_symmetry_metal_ion_other   ?      ?      ? ?    'X-RAY DIFFRACTION' ? 
r_mcbond_it                  0.698  1.500  ? 846  'X-RAY DIFFRACTION' ? 
r_mcbond_other               ?      ?      ? ?    'X-RAY DIFFRACTION' ? 
r_mcangle_it                 1.162  2.000  ? 1335 'X-RAY DIFFRACTION' ? 
r_scbond_it                  1.732  3.000  ? 557  'X-RAY DIFFRACTION' ? 
r_scangle_it                 2.898  4.500  ? 508  'X-RAY DIFFRACTION' ? 
r_rigid_bond_restr           ?      ?      ? ?    'X-RAY DIFFRACTION' ? 
r_sphericity_free            ?      ?      ? ?    'X-RAY DIFFRACTION' ? 
r_sphericity_bonded          ?      ?      ? ?    'X-RAY DIFFRACTION' ? 
# 
_refine_ls_shell.pdbx_total_number_of_bins_used   20 
_refine_ls_shell.d_res_high                       2.352 
_refine_ls_shell.d_res_low                        2.413 
_refine_ls_shell.number_reflns_R_work             593 
_refine_ls_shell.R_factor_R_work                  0.342 
_refine_ls_shell.percent_reflns_obs               ? 
_refine_ls_shell.R_factor_R_free                  0.543 
_refine_ls_shell.R_factor_R_free_error            ? 
_refine_ls_shell.percent_reflns_R_free            ? 
_refine_ls_shell.number_reflns_R_free             64 
_refine_ls_shell.number_reflns_all                ? 
_refine_ls_shell.R_factor_all                     ? 
_refine_ls_shell.number_reflns_obs                593 
_refine_ls_shell.redundancy_reflns_obs            ? 
_refine_ls_shell.pdbx_refine_id                   'X-RAY DIFFRACTION' 
# 
_struct.entry_id                  2FIW 
_struct.title                     
'Crystal Structure of the GCN5-Related N-acetyltransferase: Aminotransferase, Class-II from Rhodopseudomonas palustris' 
_struct.pdbx_model_details        ? 
_struct.pdbx_CASP_flag            ? 
_struct.pdbx_model_type_details   ? 
# 
_struct_keywords.entry_id        2FIW 
_struct_keywords.pdbx_keywords   TRANSFERASE 
_struct_keywords.text            
;alpha-beta-alpha sandwich, GCN4-related acetyltransferase, Structural Genomics, PSI, Protein Structure Initiative, Midwest Center for Structural Genomics, MCSG, TRANSFERASE
;
# 
loop_
_struct_asym.id 
_struct_asym.pdbx_blank_PDB_chainid_flag 
_struct_asym.pdbx_modified 
_struct_asym.entity_id 
_struct_asym.details 
A N N 1 ? 
B N N 2 ? 
C N N 3 ? 
D N N 4 ? 
# 
_struct_ref.id                         1 
_struct_ref.db_name                    GB 
_struct_ref.db_code                    CAE27440 
_struct_ref.pdbx_db_accession          39648919 
_struct_ref.entity_id                  1 
_struct_ref.pdbx_seq_one_letter_code   
;MMSTPALRPYLPEDAAVTAAIFVASIEQLTADDYSEEQQEAWASAADDEAKFAARLSGQLTLIATLQGVPVGFASLKGPD
HIDMLYVHPDYVGRDVGTTLIDALEKLAGARGALILTVDASDNAAEFFAKRGYVAKQRNTVSINGEWLANTTMTKSLADS
AAPGASS
;
_struct_ref.pdbx_align_begin           3 
_struct_ref.pdbx_db_isoform            ? 
# 
_struct_ref_seq.align_id                      1 
_struct_ref_seq.ref_id                        1 
_struct_ref_seq.pdbx_PDB_id_code              2FIW 
_struct_ref_seq.pdbx_strand_id                A 
_struct_ref_seq.seq_align_beg                 4 
_struct_ref_seq.pdbx_seq_align_beg_ins_code   ? 
_struct_ref_seq.seq_align_end                 170 
_struct_ref_seq.pdbx_seq_align_end_ins_code   ? 
_struct_ref_seq.pdbx_db_accession             39648919 
_struct_ref_seq.db_align_beg                  3 
_struct_ref_seq.pdbx_db_align_beg_ins_code    ? 
_struct_ref_seq.db_align_end                  169 
_struct_ref_seq.pdbx_db_align_end_ins_code    ? 
_struct_ref_seq.pdbx_auth_seq_align_beg       1 
_struct_ref_seq.pdbx_auth_seq_align_end       167 
# 
loop_
_struct_ref_seq_dif.align_id 
_struct_ref_seq_dif.pdbx_pdb_id_code 
_struct_ref_seq_dif.mon_id 
_struct_ref_seq_dif.pdbx_pdb_strand_id 
_struct_ref_seq_dif.seq_num 
_struct_ref_seq_dif.pdbx_pdb_ins_code 
_struct_ref_seq_dif.pdbx_seq_db_name 
_struct_ref_seq_dif.pdbx_seq_db_accession_code 
_struct_ref_seq_dif.db_mon_id 
_struct_ref_seq_dif.pdbx_seq_db_seq_num 
_struct_ref_seq_dif.details 
_struct_ref_seq_dif.pdbx_auth_seq_num 
_struct_ref_seq_dif.pdbx_ordinal 
1 2FIW GLY A 1   ? GB 39648919 ?   ?   'cloning artifact' -2  1 
1 2FIW HIS A 2   ? GB 39648919 ?   ?   'cloning artifact' -1  2 
1 2FIW MSE A 3   ? GB 39648919 MET 2   'modified residue' 0   3 
1 2FIW VAL A 4   ? GB 39648919 ?   ?   insertion          1   4 
1 2FIW MSE A 5   ? GB 39648919 MET 4   'modified residue' 2   5 
1 2FIW MSE A 87  ? GB 39648919 MET 86  'modified residue' 84  6 
1 2FIW MSE A 156 ? GB 39648919 MET 155 'modified residue' 153 7 
1 2FIW GLY A 171 ? GB 39648919 ?   ?   'cloning artifact' 168 8 
1 2FIW SER A 172 ? GB 39648919 ?   ?   'cloning artifact' 169 9 
# 
loop_
_pdbx_struct_assembly.id 
_pdbx_struct_assembly.details 
_pdbx_struct_assembly.method_details 
_pdbx_struct_assembly.oligomeric_details 
_pdbx_struct_assembly.oligomeric_count 
1 author_and_software_defined_assembly PQS  monomeric 1 
2 software_defined_assembly            PISA dimeric   2 
# 
loop_
_pdbx_struct_assembly_prop.biol_id 
_pdbx_struct_assembly_prop.type 
_pdbx_struct_assembly_prop.value 
_pdbx_struct_assembly_prop.details 
2 'ABSA (A^2)' 3780  ? 
2 MORE         -54   ? 
2 'SSA (A^2)'  16070 ? 
# 
loop_
_pdbx_struct_assembly_gen.assembly_id 
_pdbx_struct_assembly_gen.oper_expression 
_pdbx_struct_assembly_gen.asym_id_list 
1 1   A,B,C,D 
2 1,2 A,B,C,D 
# 
loop_
_pdbx_struct_oper_list.id 
_pdbx_struct_oper_list.type 
_pdbx_struct_oper_list.name 
_pdbx_struct_oper_list.symmetry_operation 
_pdbx_struct_oper_list.matrix[1][1] 
_pdbx_struct_oper_list.matrix[1][2] 
_pdbx_struct_oper_list.matrix[1][3] 
_pdbx_struct_oper_list.vector[1] 
_pdbx_struct_oper_list.matrix[2][1] 
_pdbx_struct_oper_list.matrix[2][2] 
_pdbx_struct_oper_list.matrix[2][3] 
_pdbx_struct_oper_list.vector[2] 
_pdbx_struct_oper_list.matrix[3][1] 
_pdbx_struct_oper_list.matrix[3][2] 
_pdbx_struct_oper_list.matrix[3][3] 
_pdbx_struct_oper_list.vector[3] 
1 'identity operation'         1_555 x,y,z    1.0000000000  0.0000000000 0.0000000000 0.0000000000  0.0000000000 1.0000000000 0.0000000000 0.0000000000 0.0000000000 0.0000000000 1.0000000000  0.0000000000   
2 'crystal symmetry operation' 4_556 y,x,-z+1 -0.8656966330 0.3968704128 0.3050626410 30.0850003603 0.3968704128 0.1727637821 0.9014691071 0.1923550937 0.3050626410 0.9014691071 -0.3070671490 -13.4951198053 
# 
_struct_biol.id   1 
# 
loop_
_struct_conf.conf_type_id 
_struct_conf.id 
_struct_conf.pdbx_PDB_helix_id 
_struct_conf.beg_label_comp_id 
_struct_conf.beg_label_asym_id 
_struct_conf.beg_label_seq_id 
_struct_conf.pdbx_beg_PDB_ins_code 
_struct_conf.end_label_comp_id 
_struct_conf.end_label_asym_id 
_struct_conf.end_label_seq_id 
_struct_conf.pdbx_end_PDB_ins_code 
_struct_conf.beg_auth_comp_id 
_struct_conf.beg_auth_asym_id 
_struct_conf.beg_auth_seq_id 
_struct_conf.end_auth_comp_id 
_struct_conf.end_auth_asym_id 
_struct_conf.end_auth_seq_id 
_struct_conf.pdbx_PDB_helix_class 
_struct_conf.details 
_struct_conf.pdbx_PDB_helix_length 
HELX_P HELX_P1 1 LEU A 14  ? GLU A 16  ? LEU A 11  GLU A 13  5 ? 3  
HELX_P HELX_P2 2 ASP A 17  ? THR A 33  ? ASP A 14  THR A 30  1 ? 17 
HELX_P HELX_P3 3 SER A 38  ? SER A 47  ? SER A 35  SER A 44  1 ? 10 
HELX_P HELX_P4 4 ALA A 48  ? ASP A 50  ? ALA A 45  ASP A 47  5 ? 3  
HELX_P HELX_P5 5 ASP A 51  ? GLY A 61  ? ASP A 48  GLY A 58  1 ? 11 
HELX_P HELX_P6 6 PRO A 92  ? VAL A 95  ? PRO A 89  VAL A 92  5 ? 4  
HELX_P HELX_P7 7 ASP A 98  ? ALA A 113 ? ASP A 95  ALA A 110 1 ? 16 
HELX_P HELX_P8 8 ALA A 127 ? LYS A 133 ? ALA A 124 LYS A 130 1 ? 7  
# 
_struct_conf_type.id          HELX_P 
_struct_conf_type.criteria    ? 
_struct_conf_type.reference   ? 
# 
loop_
_struct_conn.id 
_struct_conn.conn_type_id 
_struct_conn.pdbx_leaving_atom_flag 
_struct_conn.pdbx_PDB_id 
_struct_conn.ptnr1_label_asym_id 
_struct_conn.ptnr1_label_comp_id 
_struct_conn.ptnr1_label_seq_id 
_struct_conn.ptnr1_label_atom_id 
_struct_conn.pdbx_ptnr1_label_alt_id 
_struct_conn.pdbx_ptnr1_PDB_ins_code 
_struct_conn.pdbx_ptnr1_standard_comp_id 
_struct_conn.ptnr1_symmetry 
_struct_conn.ptnr2_label_asym_id 
_struct_conn.ptnr2_label_comp_id 
_struct_conn.ptnr2_label_seq_id 
_struct_conn.ptnr2_label_atom_id 
_struct_conn.pdbx_ptnr2_label_alt_id 
_struct_conn.pdbx_ptnr2_PDB_ins_code 
_struct_conn.ptnr1_auth_asym_id 
_struct_conn.ptnr1_auth_comp_id 
_struct_conn.ptnr1_auth_seq_id 
_struct_conn.ptnr2_auth_asym_id 
_struct_conn.ptnr2_auth_comp_id 
_struct_conn.ptnr2_auth_seq_id 
_struct_conn.ptnr2_symmetry 
_struct_conn.pdbx_ptnr3_label_atom_id 
_struct_conn.pdbx_ptnr3_label_seq_id 
_struct_conn.pdbx_ptnr3_label_comp_id 
_struct_conn.pdbx_ptnr3_label_asym_id 
_struct_conn.pdbx_ptnr3_label_alt_id 
_struct_conn.pdbx_ptnr3_PDB_ins_code 
_struct_conn.details 
_struct_conn.pdbx_dist_value 
_struct_conn.pdbx_value_order 
_struct_conn.pdbx_role 
covale1 covale both ? A HIS 2   C ? ? ? 1_555 A MSE 3   N ? ? A HIS -1  A MSE 0   1_555 ? ? ? ? ? ? ? 1.338 ? ? 
covale2 covale both ? A MSE 3   C ? ? ? 1_555 A VAL 4   N ? ? A MSE 0   A VAL 1   1_555 ? ? ? ? ? ? ? 1.328 ? ? 
covale3 covale both ? A VAL 4   C ? ? ? 1_555 A MSE 5   N ? ? A VAL 1   A MSE 2   1_555 ? ? ? ? ? ? ? 1.336 ? ? 
covale4 covale both ? A MSE 5   C ? ? ? 1_555 A SER 6   N ? ? A MSE 2   A SER 3   1_555 ? ? ? ? ? ? ? 1.322 ? ? 
covale5 covale both ? A ASP 86  C ? ? ? 1_555 A MSE 87  N ? ? A ASP 83  A MSE 84  1_555 ? ? ? ? ? ? ? 1.330 ? ? 
covale6 covale both ? A MSE 87  C ? ? ? 1_555 A LEU 88  N ? ? A MSE 84  A LEU 85  1_555 ? ? ? ? ? ? ? 1.333 ? ? 
covale7 covale both ? A THR 155 C ? ? ? 1_555 A MSE 156 N ? ? A THR 152 A MSE 153 1_555 ? ? ? ? ? ? ? 1.326 ? ? 
covale8 covale both ? A MSE 156 C ? ? ? 1_555 A THR 157 N ? ? A MSE 153 A THR 154 1_555 ? ? ? ? ? ? ? 1.328 ? ? 
# 
_struct_conn_type.id          covale 
_struct_conn_type.criteria    ? 
_struct_conn_type.reference   ? 
# 
loop_
_pdbx_modification_feature.ordinal 
_pdbx_modification_feature.label_comp_id 
_pdbx_modification_feature.label_asym_id 
_pdbx_modification_feature.label_seq_id 
_pdbx_modification_feature.label_alt_id 
_pdbx_modification_feature.modified_residue_label_comp_id 
_pdbx_modification_feature.modified_residue_label_asym_id 
_pdbx_modification_feature.modified_residue_label_seq_id 
_pdbx_modification_feature.modified_residue_label_alt_id 
_pdbx_modification_feature.auth_comp_id 
_pdbx_modification_feature.auth_asym_id 
_pdbx_modification_feature.auth_seq_id 
_pdbx_modification_feature.PDB_ins_code 
_pdbx_modification_feature.symmetry 
_pdbx_modification_feature.modified_residue_auth_comp_id 
_pdbx_modification_feature.modified_residue_auth_asym_id 
_pdbx_modification_feature.modified_residue_auth_seq_id 
_pdbx_modification_feature.modified_residue_PDB_ins_code 
_pdbx_modification_feature.modified_residue_symmetry 
_pdbx_modification_feature.comp_id_linking_atom 
_pdbx_modification_feature.modified_residue_id_linking_atom 
_pdbx_modification_feature.modified_residue_id 
_pdbx_modification_feature.ref_pcm_id 
_pdbx_modification_feature.ref_comp_id 
_pdbx_modification_feature.type 
_pdbx_modification_feature.category 
1 MSE A 3   ? . . . . MSE A 0   ? 1_555 . . . . . . . MET 1 MSE Selenomethionine 'Named protein modification' 
2 MSE A 5   ? . . . . MSE A 2   ? 1_555 . . . . . . . MET 1 MSE Selenomethionine 'Named protein modification' 
3 MSE A 87  ? . . . . MSE A 84  ? 1_555 . . . . . . . MET 1 MSE Selenomethionine 'Named protein modification' 
4 MSE A 156 ? . . . . MSE A 153 ? 1_555 . . . . . . . MET 1 MSE Selenomethionine 'Named protein modification' 
# 
_struct_sheet.id               A 
_struct_sheet.type             ? 
_struct_sheet.number_strands   7 
_struct_sheet.details          ? 
# 
loop_
_struct_sheet_order.sheet_id 
_struct_sheet_order.range_id_1 
_struct_sheet_order.range_id_2 
_struct_sheet_order.offset 
_struct_sheet_order.sense 
A 1 2 ? anti-parallel 
A 2 3 ? anti-parallel 
A 3 4 ? anti-parallel 
A 4 5 ? parallel      
A 5 6 ? anti-parallel 
A 6 7 ? anti-parallel 
# 
loop_
_struct_sheet_range.sheet_id 
_struct_sheet_range.id 
_struct_sheet_range.beg_label_comp_id 
_struct_sheet_range.beg_label_asym_id 
_struct_sheet_range.beg_label_seq_id 
_struct_sheet_range.pdbx_beg_PDB_ins_code 
_struct_sheet_range.end_label_comp_id 
_struct_sheet_range.end_label_asym_id 
_struct_sheet_range.end_label_seq_id 
_struct_sheet_range.pdbx_end_PDB_ins_code 
_struct_sheet_range.beg_auth_comp_id 
_struct_sheet_range.beg_auth_asym_id 
_struct_sheet_range.beg_auth_seq_id 
_struct_sheet_range.end_auth_comp_id 
_struct_sheet_range.end_auth_asym_id 
_struct_sheet_range.end_auth_seq_id 
A 1 ALA A 9   ? PRO A 12  ? ALA A 6   PRO A 9   
A 2 LEU A 63  ? LEU A 69  ? LEU A 60  LEU A 66  
A 3 VAL A 72  ? LYS A 80  ? VAL A 69  LYS A 77  
A 4 HIS A 84  ? VAL A 90  ? HIS A 81  VAL A 87  
A 5 ILE A 118 ? ALA A 123 ? ILE A 115 ALA A 120 
A 6 GLU A 149 ? SER A 159 ? GLU A 146 SER A 156 
A 7 VAL A 137 ? ILE A 146 ? VAL A 134 ILE A 143 
# 
loop_
_pdbx_struct_sheet_hbond.sheet_id 
_pdbx_struct_sheet_hbond.range_id_1 
_pdbx_struct_sheet_hbond.range_id_2 
_pdbx_struct_sheet_hbond.range_1_label_atom_id 
_pdbx_struct_sheet_hbond.range_1_label_comp_id 
_pdbx_struct_sheet_hbond.range_1_label_asym_id 
_pdbx_struct_sheet_hbond.range_1_label_seq_id 
_pdbx_struct_sheet_hbond.range_1_PDB_ins_code 
_pdbx_struct_sheet_hbond.range_1_auth_atom_id 
_pdbx_struct_sheet_hbond.range_1_auth_comp_id 
_pdbx_struct_sheet_hbond.range_1_auth_asym_id 
_pdbx_struct_sheet_hbond.range_1_auth_seq_id 
_pdbx_struct_sheet_hbond.range_2_label_atom_id 
_pdbx_struct_sheet_hbond.range_2_label_comp_id 
_pdbx_struct_sheet_hbond.range_2_label_asym_id 
_pdbx_struct_sheet_hbond.range_2_label_seq_id 
_pdbx_struct_sheet_hbond.range_2_PDB_ins_code 
_pdbx_struct_sheet_hbond.range_2_auth_atom_id 
_pdbx_struct_sheet_hbond.range_2_auth_comp_id 
_pdbx_struct_sheet_hbond.range_2_auth_asym_id 
_pdbx_struct_sheet_hbond.range_2_auth_seq_id 
A 1 2 N ARG A 11  ? N ARG A 8   O ILE A 66  ? O ILE A 63  
A 2 3 N ALA A 67  ? N ALA A 64  O VAL A 74  ? O VAL A 71  
A 3 4 N LYS A 80  ? N LYS A 77  O HIS A 84  ? O HIS A 81  
A 4 5 N ILE A 85  ? N ILE A 82  O THR A 120 ? O THR A 117 
A 5 6 N ALA A 123 ? N ALA A 120 O THR A 154 ? O THR A 151 
A 6 7 O THR A 155 ? O THR A 152 N LYS A 139 ? N LYS A 136 
# 
loop_
_struct_site.id 
_struct_site.pdbx_evidence_code 
_struct_site.pdbx_auth_asym_id 
_struct_site.pdbx_auth_comp_id 
_struct_site.pdbx_auth_seq_id 
_struct_site.pdbx_auth_ins_code 
_struct_site.pdbx_num_residues 
_struct_site.details 
AC1 Software A SO4 201 ? 6  'BINDING SITE FOR RESIDUE SO4 A 201' 
AC2 Software A ACO 200 ? 27 'BINDING SITE FOR RESIDUE ACO A 200' 
# 
loop_
_struct_site_gen.id 
_struct_site_gen.site_id 
_struct_site_gen.pdbx_num_res 
_struct_site_gen.label_comp_id 
_struct_site_gen.label_asym_id 
_struct_site_gen.label_seq_id 
_struct_site_gen.pdbx_auth_ins_code 
_struct_site_gen.auth_comp_id 
_struct_site_gen.auth_asym_id 
_struct_site_gen.auth_seq_id 
_struct_site_gen.label_atom_id 
_struct_site_gen.label_alt_id 
_struct_site_gen.symmetry 
_struct_site_gen.details 
1  AC1 6  ALA A 9   ? ALA A 6   . ? 1_555 ? 
2  AC1 6  ALA A 9   ? ALA A 6   . ? 4_556 ? 
3  AC1 6  THR A 68  ? THR A 65  . ? 1_555 ? 
4  AC1 6  LEU A 69  ? LEU A 66  . ? 1_555 ? 
5  AC1 6  GLN A 70  ? GLN A 67  . ? 1_555 ? 
6  AC1 6  GLY A 71  ? GLY A 68  . ? 1_555 ? 
7  AC2 27 MSE A 5   ? MSE A 2   . ? 1_555 ? 
8  AC2 27 SER A 28  ? SER A 25  . ? 1_555 ? 
9  AC2 27 LEU A 32  ? LEU A 29  . ? 1_555 ? 
10 AC2 27 ILE A 85  ? ILE A 82  . ? 1_555 ? 
11 AC2 27 ASP A 86  ? ASP A 83  . ? 1_555 ? 
12 AC2 27 MSE A 87  ? MSE A 84  . ? 1_555 ? 
13 AC2 27 LEU A 88  ? LEU A 85  . ? 1_555 ? 
14 AC2 27 TYR A 89  ? TYR A 86  . ? 1_555 ? 
15 AC2 27 VAL A 90  ? VAL A 87  . ? 1_555 ? 
16 AC2 27 VAL A 95  ? VAL A 92  . ? 1_555 ? 
17 AC2 27 GLY A 96  ? GLY A 93  . ? 1_555 ? 
18 AC2 27 ARG A 97  ? ARG A 94  . ? 1_555 ? 
19 AC2 27 ASP A 98  ? ASP A 95  . ? 1_555 ? 
20 AC2 27 VAL A 99  ? VAL A 96  . ? 1_555 ? 
21 AC2 27 GLY A 100 ? GLY A 97  . ? 1_555 ? 
22 AC2 27 THR A 101 ? THR A 98  . ? 1_555 ? 
23 AC2 27 VAL A 121 ? VAL A 118 . ? 1_555 ? 
24 AC2 27 ASP A 122 ? ASP A 119 . ? 1_555 ? 
25 AC2 27 SER A 124 ? SER A 121 . ? 1_555 ? 
26 AC2 27 ASN A 126 ? ASN A 123 . ? 1_555 ? 
27 AC2 27 PHE A 130 ? PHE A 127 . ? 1_555 ? 
28 AC2 27 LYS A 133 ? LYS A 130 . ? 1_555 ? 
29 AC2 27 ARG A 134 ? ARG A 131 . ? 1_555 ? 
30 AC2 27 HOH D .   ? HOH A 205 . ? 1_555 ? 
31 AC2 27 HOH D .   ? HOH A 268 . ? 1_555 ? 
32 AC2 27 HOH D .   ? HOH A 290 . ? 1_555 ? 
33 AC2 27 HOH D .   ? HOH A 291 . ? 1_555 ? 
# 
_pdbx_entry_details.entry_id                   2FIW 
_pdbx_entry_details.compound_details           ? 
_pdbx_entry_details.source_details             ? 
_pdbx_entry_details.nonpolymer_details         ? 
_pdbx_entry_details.sequence_details           ? 
_pdbx_entry_details.has_ligand_of_interest     ? 
_pdbx_entry_details.has_protein_modification   Y 
# 
loop_
_pdbx_validate_close_contact.id 
_pdbx_validate_close_contact.PDB_model_num 
_pdbx_validate_close_contact.auth_atom_id_1 
_pdbx_validate_close_contact.auth_asym_id_1 
_pdbx_validate_close_contact.auth_comp_id_1 
_pdbx_validate_close_contact.auth_seq_id_1 
_pdbx_validate_close_contact.PDB_ins_code_1 
_pdbx_validate_close_contact.label_alt_id_1 
_pdbx_validate_close_contact.auth_atom_id_2 
_pdbx_validate_close_contact.auth_asym_id_2 
_pdbx_validate_close_contact.auth_comp_id_2 
_pdbx_validate_close_contact.auth_seq_id_2 
_pdbx_validate_close_contact.PDB_ins_code_2 
_pdbx_validate_close_contact.label_alt_id_2 
_pdbx_validate_close_contact.dist 
1 1 N   A GLY 68  ? ? O3  A SO4 201 ? ? 1.98 
2 1 OD1 A ASP 122 ? ? NH2 A ARG 138 ? ? 2.19 
# 
_pdbx_SG_project.id                    1 
_pdbx_SG_project.project_name          'PSI, Protein Structure Initiative' 
_pdbx_SG_project.full_name_of_center   'Midwest Center for Structural Genomics' 
_pdbx_SG_project.initial_of_center     MCSG 
# 
loop_
_pdbx_struct_mod_residue.id 
_pdbx_struct_mod_residue.label_asym_id 
_pdbx_struct_mod_residue.label_comp_id 
_pdbx_struct_mod_residue.label_seq_id 
_pdbx_struct_mod_residue.auth_asym_id 
_pdbx_struct_mod_residue.auth_comp_id 
_pdbx_struct_mod_residue.auth_seq_id 
_pdbx_struct_mod_residue.PDB_ins_code 
_pdbx_struct_mod_residue.parent_comp_id 
_pdbx_struct_mod_residue.details 
1 A MSE 3   A MSE 0   ? MET SELENOMETHIONINE 
2 A MSE 5   A MSE 2   ? MET SELENOMETHIONINE 
3 A MSE 87  A MSE 84  ? MET SELENOMETHIONINE 
4 A MSE 156 A MSE 153 ? MET SELENOMETHIONINE 
# 
loop_
_pdbx_struct_special_symmetry.id 
_pdbx_struct_special_symmetry.PDB_model_num 
_pdbx_struct_special_symmetry.auth_asym_id 
_pdbx_struct_special_symmetry.auth_comp_id 
_pdbx_struct_special_symmetry.auth_seq_id 
_pdbx_struct_special_symmetry.PDB_ins_code 
_pdbx_struct_special_symmetry.label_asym_id 
_pdbx_struct_special_symmetry.label_comp_id 
_pdbx_struct_special_symmetry.label_seq_id 
1 1 A HOH 202 ? D HOH . 
2 1 A HOH 210 ? D HOH . 
# 
loop_
_pdbx_unobs_or_zero_occ_residues.id 
_pdbx_unobs_or_zero_occ_residues.PDB_model_num 
_pdbx_unobs_or_zero_occ_residues.polymer_flag 
_pdbx_unobs_or_zero_occ_residues.occupancy_flag 
_pdbx_unobs_or_zero_occ_residues.auth_asym_id 
_pdbx_unobs_or_zero_occ_residues.auth_comp_id 
_pdbx_unobs_or_zero_occ_residues.auth_seq_id 
_pdbx_unobs_or_zero_occ_residues.PDB_ins_code 
_pdbx_unobs_or_zero_occ_residues.label_asym_id 
_pdbx_unobs_or_zero_occ_residues.label_comp_id 
_pdbx_unobs_or_zero_occ_residues.label_seq_id 
1  1 Y 1 A ALA 158 ? A ALA 161 
2  1 Y 1 A ASP 159 ? A ASP 162 
3  1 Y 1 A SER 160 ? A SER 163 
4  1 Y 1 A ALA 161 ? A ALA 164 
5  1 Y 1 A ALA 162 ? A ALA 165 
6  1 Y 1 A PRO 163 ? A PRO 166 
7  1 Y 1 A GLY 164 ? A GLY 167 
8  1 Y 1 A ALA 165 ? A ALA 168 
9  1 Y 1 A SER 166 ? A SER 169 
10 1 Y 1 A SER 167 ? A SER 170 
11 1 Y 1 A GLY 168 ? A GLY 171 
12 1 Y 1 A SER 169 ? A SER 172 
# 
loop_
_chem_comp_atom.comp_id 
_chem_comp_atom.atom_id 
_chem_comp_atom.type_symbol 
_chem_comp_atom.pdbx_aromatic_flag 
_chem_comp_atom.pdbx_stereo_config 
_chem_comp_atom.pdbx_ordinal 
ACO N1A  N  Y N 1   
ACO C2A  C  Y N 2   
ACO N3A  N  Y N 3   
ACO C4A  C  Y N 4   
ACO C5A  C  Y N 5   
ACO C6A  C  Y N 6   
ACO N6A  N  N N 7   
ACO N7A  N  Y N 8   
ACO C8A  C  Y N 9   
ACO N9A  N  Y N 10  
ACO C1B  C  N R 11  
ACO C2B  C  N R 12  
ACO O2B  O  N N 13  
ACO C3B  C  N S 14  
ACO O3B  O  N N 15  
ACO P3B  P  N N 16  
ACO O7A  O  N N 17  
ACO O8A  O  N N 18  
ACO O9A  O  N N 19  
ACO C4B  C  N R 20  
ACO O4B  O  N N 21  
ACO C5B  C  N N 22  
ACO O5B  O  N N 23  
ACO P1A  P  N S 24  
ACO O1A  O  N N 25  
ACO O2A  O  N N 26  
ACO O3A  O  N N 27  
ACO P2A  P  N S 28  
ACO O4A  O  N N 29  
ACO O5A  O  N N 30  
ACO O6A  O  N N 31  
ACO CBP  C  N N 32  
ACO CCP  C  N N 33  
ACO CDP  C  N N 34  
ACO CEP  C  N N 35  
ACO CAP  C  N R 36  
ACO OAP  O  N N 37  
ACO C9P  C  N N 38  
ACO O9P  O  N N 39  
ACO N8P  N  N N 40  
ACO C7P  C  N N 41  
ACO C6P  C  N N 42  
ACO C5P  C  N N 43  
ACO O5P  O  N N 44  
ACO N4P  N  N N 45  
ACO C3P  C  N N 46  
ACO C2P  C  N N 47  
ACO S1P  S  N N 48  
ACO C    C  N N 49  
ACO O    O  N N 50  
ACO CH3  C  N N 51  
ACO H2A  H  N N 52  
ACO H61A H  N N 53  
ACO H62A H  N N 54  
ACO H8A  H  N N 55  
ACO H1B  H  N N 56  
ACO H2B  H  N N 57  
ACO HO2A H  N N 58  
ACO H3B  H  N N 59  
ACO HOA8 H  N N 60  
ACO HOA9 H  N N 61  
ACO H4B  H  N N 62  
ACO H51A H  N N 63  
ACO H52A H  N N 64  
ACO HOA2 H  N N 65  
ACO HOA5 H  N N 66  
ACO H121 H  N N 67  
ACO H122 H  N N 68  
ACO H131 H  N N 69  
ACO H132 H  N N 70  
ACO H133 H  N N 71  
ACO H141 H  N N 72  
ACO H142 H  N N 73  
ACO H143 H  N N 74  
ACO H10  H  N N 75  
ACO HO1  H  N N 76  
ACO HN8  H  N N 77  
ACO H71  H  N N 78  
ACO H72  H  N N 79  
ACO H61  H  N N 80  
ACO H62  H  N N 81  
ACO HN4  H  N N 82  
ACO H31  H  N N 83  
ACO H32  H  N N 84  
ACO H21  H  N N 85  
ACO H22  H  N N 86  
ACO HH31 H  N N 87  
ACO HH32 H  N N 88  
ACO HH33 H  N N 89  
ALA N    N  N N 90  
ALA CA   C  N S 91  
ALA C    C  N N 92  
ALA O    O  N N 93  
ALA CB   C  N N 94  
ALA OXT  O  N N 95  
ALA H    H  N N 96  
ALA H2   H  N N 97  
ALA HA   H  N N 98  
ALA HB1  H  N N 99  
ALA HB2  H  N N 100 
ALA HB3  H  N N 101 
ALA HXT  H  N N 102 
ARG N    N  N N 103 
ARG CA   C  N S 104 
ARG C    C  N N 105 
ARG O    O  N N 106 
ARG CB   C  N N 107 
ARG CG   C  N N 108 
ARG CD   C  N N 109 
ARG NE   N  N N 110 
ARG CZ   C  N N 111 
ARG NH1  N  N N 112 
ARG NH2  N  N N 113 
ARG OXT  O  N N 114 
ARG H    H  N N 115 
ARG H2   H  N N 116 
ARG HA   H  N N 117 
ARG HB2  H  N N 118 
ARG HB3  H  N N 119 
ARG HG2  H  N N 120 
ARG HG3  H  N N 121 
ARG HD2  H  N N 122 
ARG HD3  H  N N 123 
ARG HE   H  N N 124 
ARG HH11 H  N N 125 
ARG HH12 H  N N 126 
ARG HH21 H  N N 127 
ARG HH22 H  N N 128 
ARG HXT  H  N N 129 
ASN N    N  N N 130 
ASN CA   C  N S 131 
ASN C    C  N N 132 
ASN O    O  N N 133 
ASN CB   C  N N 134 
ASN CG   C  N N 135 
ASN OD1  O  N N 136 
ASN ND2  N  N N 137 
ASN OXT  O  N N 138 
ASN H    H  N N 139 
ASN H2   H  N N 140 
ASN HA   H  N N 141 
ASN HB2  H  N N 142 
ASN HB3  H  N N 143 
ASN HD21 H  N N 144 
ASN HD22 H  N N 145 
ASN HXT  H  N N 146 
ASP N    N  N N 147 
ASP CA   C  N S 148 
ASP C    C  N N 149 
ASP O    O  N N 150 
ASP CB   C  N N 151 
ASP CG   C  N N 152 
ASP OD1  O  N N 153 
ASP OD2  O  N N 154 
ASP OXT  O  N N 155 
ASP H    H  N N 156 
ASP H2   H  N N 157 
ASP HA   H  N N 158 
ASP HB2  H  N N 159 
ASP HB3  H  N N 160 
ASP HD2  H  N N 161 
ASP HXT  H  N N 162 
GLN N    N  N N 163 
GLN CA   C  N S 164 
GLN C    C  N N 165 
GLN O    O  N N 166 
GLN CB   C  N N 167 
GLN CG   C  N N 168 
GLN CD   C  N N 169 
GLN OE1  O  N N 170 
GLN NE2  N  N N 171 
GLN OXT  O  N N 172 
GLN H    H  N N 173 
GLN H2   H  N N 174 
GLN HA   H  N N 175 
GLN HB2  H  N N 176 
GLN HB3  H  N N 177 
GLN HG2  H  N N 178 
GLN HG3  H  N N 179 
GLN HE21 H  N N 180 
GLN HE22 H  N N 181 
GLN HXT  H  N N 182 
GLU N    N  N N 183 
GLU CA   C  N S 184 
GLU C    C  N N 185 
GLU O    O  N N 186 
GLU CB   C  N N 187 
GLU CG   C  N N 188 
GLU CD   C  N N 189 
GLU OE1  O  N N 190 
GLU OE2  O  N N 191 
GLU OXT  O  N N 192 
GLU H    H  N N 193 
GLU H2   H  N N 194 
GLU HA   H  N N 195 
GLU HB2  H  N N 196 
GLU HB3  H  N N 197 
GLU HG2  H  N N 198 
GLU HG3  H  N N 199 
GLU HE2  H  N N 200 
GLU HXT  H  N N 201 
GLY N    N  N N 202 
GLY CA   C  N N 203 
GLY C    C  N N 204 
GLY O    O  N N 205 
GLY OXT  O  N N 206 
GLY H    H  N N 207 
GLY H2   H  N N 208 
GLY HA2  H  N N 209 
GLY HA3  H  N N 210 
GLY HXT  H  N N 211 
HIS N    N  N N 212 
HIS CA   C  N S 213 
HIS C    C  N N 214 
HIS O    O  N N 215 
HIS CB   C  N N 216 
HIS CG   C  Y N 217 
HIS ND1  N  Y N 218 
HIS CD2  C  Y N 219 
HIS CE1  C  Y N 220 
HIS NE2  N  Y N 221 
HIS OXT  O  N N 222 
HIS H    H  N N 223 
HIS H2   H  N N 224 
HIS HA   H  N N 225 
HIS HB2  H  N N 226 
HIS HB3  H  N N 227 
HIS HD1  H  N N 228 
HIS HD2  H  N N 229 
HIS HE1  H  N N 230 
HIS HE2  H  N N 231 
HIS HXT  H  N N 232 
HOH O    O  N N 233 
HOH H1   H  N N 234 
HOH H2   H  N N 235 
ILE N    N  N N 236 
ILE CA   C  N S 237 
ILE C    C  N N 238 
ILE O    O  N N 239 
ILE CB   C  N S 240 
ILE CG1  C  N N 241 
ILE CG2  C  N N 242 
ILE CD1  C  N N 243 
ILE OXT  O  N N 244 
ILE H    H  N N 245 
ILE H2   H  N N 246 
ILE HA   H  N N 247 
ILE HB   H  N N 248 
ILE HG12 H  N N 249 
ILE HG13 H  N N 250 
ILE HG21 H  N N 251 
ILE HG22 H  N N 252 
ILE HG23 H  N N 253 
ILE HD11 H  N N 254 
ILE HD12 H  N N 255 
ILE HD13 H  N N 256 
ILE HXT  H  N N 257 
LEU N    N  N N 258 
LEU CA   C  N S 259 
LEU C    C  N N 260 
LEU O    O  N N 261 
LEU CB   C  N N 262 
LEU CG   C  N N 263 
LEU CD1  C  N N 264 
LEU CD2  C  N N 265 
LEU OXT  O  N N 266 
LEU H    H  N N 267 
LEU H2   H  N N 268 
LEU HA   H  N N 269 
LEU HB2  H  N N 270 
LEU HB3  H  N N 271 
LEU HG   H  N N 272 
LEU HD11 H  N N 273 
LEU HD12 H  N N 274 
LEU HD13 H  N N 275 
LEU HD21 H  N N 276 
LEU HD22 H  N N 277 
LEU HD23 H  N N 278 
LEU HXT  H  N N 279 
LYS N    N  N N 280 
LYS CA   C  N S 281 
LYS C    C  N N 282 
LYS O    O  N N 283 
LYS CB   C  N N 284 
LYS CG   C  N N 285 
LYS CD   C  N N 286 
LYS CE   C  N N 287 
LYS NZ   N  N N 288 
LYS OXT  O  N N 289 
LYS H    H  N N 290 
LYS H2   H  N N 291 
LYS HA   H  N N 292 
LYS HB2  H  N N 293 
LYS HB3  H  N N 294 
LYS HG2  H  N N 295 
LYS HG3  H  N N 296 
LYS HD2  H  N N 297 
LYS HD3  H  N N 298 
LYS HE2  H  N N 299 
LYS HE3  H  N N 300 
LYS HZ1  H  N N 301 
LYS HZ2  H  N N 302 
LYS HZ3  H  N N 303 
LYS HXT  H  N N 304 
MET N    N  N N 305 
MET CA   C  N S 306 
MET C    C  N N 307 
MET O    O  N N 308 
MET CB   C  N N 309 
MET CG   C  N N 310 
MET SD   S  N N 311 
MET CE   C  N N 312 
MET OXT  O  N N 313 
MET H    H  N N 314 
MET H2   H  N N 315 
MET HA   H  N N 316 
MET HB2  H  N N 317 
MET HB3  H  N N 318 
MET HG2  H  N N 319 
MET HG3  H  N N 320 
MET HE1  H  N N 321 
MET HE2  H  N N 322 
MET HE3  H  N N 323 
MET HXT  H  N N 324 
MSE N    N  N N 325 
MSE CA   C  N S 326 
MSE C    C  N N 327 
MSE O    O  N N 328 
MSE OXT  O  N N 329 
MSE CB   C  N N 330 
MSE CG   C  N N 331 
MSE SE   SE N N 332 
MSE CE   C  N N 333 
MSE H    H  N N 334 
MSE H2   H  N N 335 
MSE HA   H  N N 336 
MSE HXT  H  N N 337 
MSE HB2  H  N N 338 
MSE HB3  H  N N 339 
MSE HG2  H  N N 340 
MSE HG3  H  N N 341 
MSE HE1  H  N N 342 
MSE HE2  H  N N 343 
MSE HE3  H  N N 344 
PHE N    N  N N 345 
PHE CA   C  N S 346 
PHE C    C  N N 347 
PHE O    O  N N 348 
PHE CB   C  N N 349 
PHE CG   C  Y N 350 
PHE CD1  C  Y N 351 
PHE CD2  C  Y N 352 
PHE CE1  C  Y N 353 
PHE CE2  C  Y N 354 
PHE CZ   C  Y N 355 
PHE OXT  O  N N 356 
PHE H    H  N N 357 
PHE H2   H  N N 358 
PHE HA   H  N N 359 
PHE HB2  H  N N 360 
PHE HB3  H  N N 361 
PHE HD1  H  N N 362 
PHE HD2  H  N N 363 
PHE HE1  H  N N 364 
PHE HE2  H  N N 365 
PHE HZ   H  N N 366 
PHE HXT  H  N N 367 
PRO N    N  N N 368 
PRO CA   C  N S 369 
PRO C    C  N N 370 
PRO O    O  N N 371 
PRO CB   C  N N 372 
PRO CG   C  N N 373 
PRO CD   C  N N 374 
PRO OXT  O  N N 375 
PRO H    H  N N 376 
PRO HA   H  N N 377 
PRO HB2  H  N N 378 
PRO HB3  H  N N 379 
PRO HG2  H  N N 380 
PRO HG3  H  N N 381 
PRO HD2  H  N N 382 
PRO HD3  H  N N 383 
PRO HXT  H  N N 384 
SER N    N  N N 385 
SER CA   C  N S 386 
SER C    C  N N 387 
SER O    O  N N 388 
SER CB   C  N N 389 
SER OG   O  N N 390 
SER OXT  O  N N 391 
SER H    H  N N 392 
SER H2   H  N N 393 
SER HA   H  N N 394 
SER HB2  H  N N 395 
SER HB3  H  N N 396 
SER HG   H  N N 397 
SER HXT  H  N N 398 
SO4 S    S  N N 399 
SO4 O1   O  N N 400 
SO4 O2   O  N N 401 
SO4 O3   O  N N 402 
SO4 O4   O  N N 403 
THR N    N  N N 404 
THR CA   C  N S 405 
THR C    C  N N 406 
THR O    O  N N 407 
THR CB   C  N R 408 
THR OG1  O  N N 409 
THR CG2  C  N N 410 
THR OXT  O  N N 411 
THR H    H  N N 412 
THR H2   H  N N 413 
THR HA   H  N N 414 
THR HB   H  N N 415 
THR HG1  H  N N 416 
THR HG21 H  N N 417 
THR HG22 H  N N 418 
THR HG23 H  N N 419 
THR HXT  H  N N 420 
TRP N    N  N N 421 
TRP CA   C  N S 422 
TRP C    C  N N 423 
TRP O    O  N N 424 
TRP CB   C  N N 425 
TRP CG   C  Y N 426 
TRP CD1  C  Y N 427 
TRP CD2  C  Y N 428 
TRP NE1  N  Y N 429 
TRP CE2  C  Y N 430 
TRP CE3  C  Y N 431 
TRP CZ2  C  Y N 432 
TRP CZ3  C  Y N 433 
TRP CH2  C  Y N 434 
TRP OXT  O  N N 435 
TRP H    H  N N 436 
TRP H2   H  N N 437 
TRP HA   H  N N 438 
TRP HB2  H  N N 439 
TRP HB3  H  N N 440 
TRP HD1  H  N N 441 
TRP HE1  H  N N 442 
TRP HE3  H  N N 443 
TRP HZ2  H  N N 444 
TRP HZ3  H  N N 445 
TRP HH2  H  N N 446 
TRP HXT  H  N N 447 
TYR N    N  N N 448 
TYR CA   C  N S 449 
TYR C    C  N N 450 
TYR O    O  N N 451 
TYR CB   C  N N 452 
TYR CG   C  Y N 453 
TYR CD1  C  Y N 454 
TYR CD2  C  Y N 455 
TYR CE1  C  Y N 456 
TYR CE2  C  Y N 457 
TYR CZ   C  Y N 458 
TYR OH   O  N N 459 
TYR OXT  O  N N 460 
TYR H    H  N N 461 
TYR H2   H  N N 462 
TYR HA   H  N N 463 
TYR HB2  H  N N 464 
TYR HB3  H  N N 465 
TYR HD1  H  N N 466 
TYR HD2  H  N N 467 
TYR HE1  H  N N 468 
TYR HE2  H  N N 469 
TYR HH   H  N N 470 
TYR HXT  H  N N 471 
VAL N    N  N N 472 
VAL CA   C  N S 473 
VAL C    C  N N 474 
VAL O    O  N N 475 
VAL CB   C  N N 476 
VAL CG1  C  N N 477 
VAL CG2  C  N N 478 
VAL OXT  O  N N 479 
VAL H    H  N N 480 
VAL H2   H  N N 481 
VAL HA   H  N N 482 
VAL HB   H  N N 483 
VAL HG11 H  N N 484 
VAL HG12 H  N N 485 
VAL HG13 H  N N 486 
VAL HG21 H  N N 487 
VAL HG22 H  N N 488 
VAL HG23 H  N N 489 
VAL HXT  H  N N 490 
# 
loop_
_chem_comp_bond.comp_id 
_chem_comp_bond.atom_id_1 
_chem_comp_bond.atom_id_2 
_chem_comp_bond.value_order 
_chem_comp_bond.pdbx_aromatic_flag 
_chem_comp_bond.pdbx_stereo_config 
_chem_comp_bond.pdbx_ordinal 
ACO N1A C2A  sing Y N 1   
ACO N1A C6A  doub Y N 2   
ACO C2A N3A  doub Y N 3   
ACO C2A H2A  sing N N 4   
ACO N3A C4A  sing Y N 5   
ACO C4A C5A  doub Y N 6   
ACO C4A N9A  sing Y N 7   
ACO C5A C6A  sing Y N 8   
ACO C5A N7A  sing Y N 9   
ACO C6A N6A  sing N N 10  
ACO N6A H61A sing N N 11  
ACO N6A H62A sing N N 12  
ACO N7A C8A  doub Y N 13  
ACO C8A N9A  sing Y N 14  
ACO C8A H8A  sing N N 15  
ACO N9A C1B  sing N N 16  
ACO C1B C2B  sing N N 17  
ACO C1B O4B  sing N N 18  
ACO C1B H1B  sing N N 19  
ACO C2B O2B  sing N N 20  
ACO C2B C3B  sing N N 21  
ACO C2B H2B  sing N N 22  
ACO O2B HO2A sing N N 23  
ACO C3B O3B  sing N N 24  
ACO C3B C4B  sing N N 25  
ACO C3B H3B  sing N N 26  
ACO O3B P3B  sing N N 27  
ACO P3B O7A  doub N N 28  
ACO P3B O8A  sing N N 29  
ACO P3B O9A  sing N N 30  
ACO O8A HOA8 sing N N 31  
ACO O9A HOA9 sing N N 32  
ACO C4B O4B  sing N N 33  
ACO C4B C5B  sing N N 34  
ACO C4B H4B  sing N N 35  
ACO C5B O5B  sing N N 36  
ACO C5B H51A sing N N 37  
ACO C5B H52A sing N N 38  
ACO O5B P1A  sing N N 39  
ACO P1A O1A  doub N N 40  
ACO P1A O2A  sing N N 41  
ACO P1A O3A  sing N N 42  
ACO O2A HOA2 sing N N 43  
ACO O3A P2A  sing N N 44  
ACO P2A O4A  doub N N 45  
ACO P2A O5A  sing N N 46  
ACO P2A O6A  sing N N 47  
ACO O5A HOA5 sing N N 48  
ACO O6A CCP  sing N N 49  
ACO CBP CCP  sing N N 50  
ACO CBP CDP  sing N N 51  
ACO CBP CEP  sing N N 52  
ACO CBP CAP  sing N N 53  
ACO CCP H121 sing N N 54  
ACO CCP H122 sing N N 55  
ACO CDP H131 sing N N 56  
ACO CDP H132 sing N N 57  
ACO CDP H133 sing N N 58  
ACO CEP H141 sing N N 59  
ACO CEP H142 sing N N 60  
ACO CEP H143 sing N N 61  
ACO CAP OAP  sing N N 62  
ACO CAP C9P  sing N N 63  
ACO CAP H10  sing N N 64  
ACO OAP HO1  sing N N 65  
ACO C9P O9P  doub N N 66  
ACO C9P N8P  sing N N 67  
ACO N8P C7P  sing N N 68  
ACO N8P HN8  sing N N 69  
ACO C7P C6P  sing N N 70  
ACO C7P H71  sing N N 71  
ACO C7P H72  sing N N 72  
ACO C6P C5P  sing N N 73  
ACO C6P H61  sing N N 74  
ACO C6P H62  sing N N 75  
ACO C5P O5P  doub N N 76  
ACO C5P N4P  sing N N 77  
ACO N4P C3P  sing N N 78  
ACO N4P HN4  sing N N 79  
ACO C3P C2P  sing N N 80  
ACO C3P H31  sing N N 81  
ACO C3P H32  sing N N 82  
ACO C2P S1P  sing N N 83  
ACO C2P H21  sing N N 84  
ACO C2P H22  sing N N 85  
ACO S1P C    sing N N 86  
ACO C   O    doub N N 87  
ACO C   CH3  sing N N 88  
ACO CH3 HH31 sing N N 89  
ACO CH3 HH32 sing N N 90  
ACO CH3 HH33 sing N N 91  
ALA N   CA   sing N N 92  
ALA N   H    sing N N 93  
ALA N   H2   sing N N 94  
ALA CA  C    sing N N 95  
ALA CA  CB   sing N N 96  
ALA CA  HA   sing N N 97  
ALA C   O    doub N N 98  
ALA C   OXT  sing N N 99  
ALA CB  HB1  sing N N 100 
ALA CB  HB2  sing N N 101 
ALA CB  HB3  sing N N 102 
ALA OXT HXT  sing N N 103 
ARG N   CA   sing N N 104 
ARG N   H    sing N N 105 
ARG N   H2   sing N N 106 
ARG CA  C    sing N N 107 
ARG CA  CB   sing N N 108 
ARG CA  HA   sing N N 109 
ARG C   O    doub N N 110 
ARG C   OXT  sing N N 111 
ARG CB  CG   sing N N 112 
ARG CB  HB2  sing N N 113 
ARG CB  HB3  sing N N 114 
ARG CG  CD   sing N N 115 
ARG CG  HG2  sing N N 116 
ARG CG  HG3  sing N N 117 
ARG CD  NE   sing N N 118 
ARG CD  HD2  sing N N 119 
ARG CD  HD3  sing N N 120 
ARG NE  CZ   sing N N 121 
ARG NE  HE   sing N N 122 
ARG CZ  NH1  sing N N 123 
ARG CZ  NH2  doub N N 124 
ARG NH1 HH11 sing N N 125 
ARG NH1 HH12 sing N N 126 
ARG NH2 HH21 sing N N 127 
ARG NH2 HH22 sing N N 128 
ARG OXT HXT  sing N N 129 
ASN N   CA   sing N N 130 
ASN N   H    sing N N 131 
ASN N   H2   sing N N 132 
ASN CA  C    sing N N 133 
ASN CA  CB   sing N N 134 
ASN CA  HA   sing N N 135 
ASN C   O    doub N N 136 
ASN C   OXT  sing N N 137 
ASN CB  CG   sing N N 138 
ASN CB  HB2  sing N N 139 
ASN CB  HB3  sing N N 140 
ASN CG  OD1  doub N N 141 
ASN CG  ND2  sing N N 142 
ASN ND2 HD21 sing N N 143 
ASN ND2 HD22 sing N N 144 
ASN OXT HXT  sing N N 145 
ASP N   CA   sing N N 146 
ASP N   H    sing N N 147 
ASP N   H2   sing N N 148 
ASP CA  C    sing N N 149 
ASP CA  CB   sing N N 150 
ASP CA  HA   sing N N 151 
ASP C   O    doub N N 152 
ASP C   OXT  sing N N 153 
ASP CB  CG   sing N N 154 
ASP CB  HB2  sing N N 155 
ASP CB  HB3  sing N N 156 
ASP CG  OD1  doub N N 157 
ASP CG  OD2  sing N N 158 
ASP OD2 HD2  sing N N 159 
ASP OXT HXT  sing N N 160 
GLN N   CA   sing N N 161 
GLN N   H    sing N N 162 
GLN N   H2   sing N N 163 
GLN CA  C    sing N N 164 
GLN CA  CB   sing N N 165 
GLN CA  HA   sing N N 166 
GLN C   O    doub N N 167 
GLN C   OXT  sing N N 168 
GLN CB  CG   sing N N 169 
GLN CB  HB2  sing N N 170 
GLN CB  HB3  sing N N 171 
GLN CG  CD   sing N N 172 
GLN CG  HG2  sing N N 173 
GLN CG  HG3  sing N N 174 
GLN CD  OE1  doub N N 175 
GLN CD  NE2  sing N N 176 
GLN NE2 HE21 sing N N 177 
GLN NE2 HE22 sing N N 178 
GLN OXT HXT  sing N N 179 
GLU N   CA   sing N N 180 
GLU N   H    sing N N 181 
GLU N   H2   sing N N 182 
GLU CA  C    sing N N 183 
GLU CA  CB   sing N N 184 
GLU CA  HA   sing N N 185 
GLU C   O    doub N N 186 
GLU C   OXT  sing N N 187 
GLU CB  CG   sing N N 188 
GLU CB  HB2  sing N N 189 
GLU CB  HB3  sing N N 190 
GLU CG  CD   sing N N 191 
GLU CG  HG2  sing N N 192 
GLU CG  HG3  sing N N 193 
GLU CD  OE1  doub N N 194 
GLU CD  OE2  sing N N 195 
GLU OE2 HE2  sing N N 196 
GLU OXT HXT  sing N N 197 
GLY N   CA   sing N N 198 
GLY N   H    sing N N 199 
GLY N   H2   sing N N 200 
GLY CA  C    sing N N 201 
GLY CA  HA2  sing N N 202 
GLY CA  HA3  sing N N 203 
GLY C   O    doub N N 204 
GLY C   OXT  sing N N 205 
GLY OXT HXT  sing N N 206 
HIS N   CA   sing N N 207 
HIS N   H    sing N N 208 
HIS N   H2   sing N N 209 
HIS CA  C    sing N N 210 
HIS CA  CB   sing N N 211 
HIS CA  HA   sing N N 212 
HIS C   O    doub N N 213 
HIS C   OXT  sing N N 214 
HIS CB  CG   sing N N 215 
HIS CB  HB2  sing N N 216 
HIS CB  HB3  sing N N 217 
HIS CG  ND1  sing Y N 218 
HIS CG  CD2  doub Y N 219 
HIS ND1 CE1  doub Y N 220 
HIS ND1 HD1  sing N N 221 
HIS CD2 NE2  sing Y N 222 
HIS CD2 HD2  sing N N 223 
HIS CE1 NE2  sing Y N 224 
HIS CE1 HE1  sing N N 225 
HIS NE2 HE2  sing N N 226 
HIS OXT HXT  sing N N 227 
HOH O   H1   sing N N 228 
HOH O   H2   sing N N 229 
ILE N   CA   sing N N 230 
ILE N   H    sing N N 231 
ILE N   H2   sing N N 232 
ILE CA  C    sing N N 233 
ILE CA  CB   sing N N 234 
ILE CA  HA   sing N N 235 
ILE C   O    doub N N 236 
ILE C   OXT  sing N N 237 
ILE CB  CG1  sing N N 238 
ILE CB  CG2  sing N N 239 
ILE CB  HB   sing N N 240 
ILE CG1 CD1  sing N N 241 
ILE CG1 HG12 sing N N 242 
ILE CG1 HG13 sing N N 243 
ILE CG2 HG21 sing N N 244 
ILE CG2 HG22 sing N N 245 
ILE CG2 HG23 sing N N 246 
ILE CD1 HD11 sing N N 247 
ILE CD1 HD12 sing N N 248 
ILE CD1 HD13 sing N N 249 
ILE OXT HXT  sing N N 250 
LEU N   CA   sing N N 251 
LEU N   H    sing N N 252 
LEU N   H2   sing N N 253 
LEU CA  C    sing N N 254 
LEU CA  CB   sing N N 255 
LEU CA  HA   sing N N 256 
LEU C   O    doub N N 257 
LEU C   OXT  sing N N 258 
LEU CB  CG   sing N N 259 
LEU CB  HB2  sing N N 260 
LEU CB  HB3  sing N N 261 
LEU CG  CD1  sing N N 262 
LEU CG  CD2  sing N N 263 
LEU CG  HG   sing N N 264 
LEU CD1 HD11 sing N N 265 
LEU CD1 HD12 sing N N 266 
LEU CD1 HD13 sing N N 267 
LEU CD2 HD21 sing N N 268 
LEU CD2 HD22 sing N N 269 
LEU CD2 HD23 sing N N 270 
LEU OXT HXT  sing N N 271 
LYS N   CA   sing N N 272 
LYS N   H    sing N N 273 
LYS N   H2   sing N N 274 
LYS CA  C    sing N N 275 
LYS CA  CB   sing N N 276 
LYS CA  HA   sing N N 277 
LYS C   O    doub N N 278 
LYS C   OXT  sing N N 279 
LYS CB  CG   sing N N 280 
LYS CB  HB2  sing N N 281 
LYS CB  HB3  sing N N 282 
LYS CG  CD   sing N N 283 
LYS CG  HG2  sing N N 284 
LYS CG  HG3  sing N N 285 
LYS CD  CE   sing N N 286 
LYS CD  HD2  sing N N 287 
LYS CD  HD3  sing N N 288 
LYS CE  NZ   sing N N 289 
LYS CE  HE2  sing N N 290 
LYS CE  HE3  sing N N 291 
LYS NZ  HZ1  sing N N 292 
LYS NZ  HZ2  sing N N 293 
LYS NZ  HZ3  sing N N 294 
LYS OXT HXT  sing N N 295 
MET N   CA   sing N N 296 
MET N   H    sing N N 297 
MET N   H2   sing N N 298 
MET CA  C    sing N N 299 
MET CA  CB   sing N N 300 
MET CA  HA   sing N N 301 
MET C   O    doub N N 302 
MET C   OXT  sing N N 303 
MET CB  CG   sing N N 304 
MET CB  HB2  sing N N 305 
MET CB  HB3  sing N N 306 
MET CG  SD   sing N N 307 
MET CG  HG2  sing N N 308 
MET CG  HG3  sing N N 309 
MET SD  CE   sing N N 310 
MET CE  HE1  sing N N 311 
MET CE  HE2  sing N N 312 
MET CE  HE3  sing N N 313 
MET OXT HXT  sing N N 314 
MSE N   CA   sing N N 315 
MSE N   H    sing N N 316 
MSE N   H2   sing N N 317 
MSE CA  C    sing N N 318 
MSE CA  CB   sing N N 319 
MSE CA  HA   sing N N 320 
MSE C   O    doub N N 321 
MSE C   OXT  sing N N 322 
MSE OXT HXT  sing N N 323 
MSE CB  CG   sing N N 324 
MSE CB  HB2  sing N N 325 
MSE CB  HB3  sing N N 326 
MSE CG  SE   sing N N 327 
MSE CG  HG2  sing N N 328 
MSE CG  HG3  sing N N 329 
MSE SE  CE   sing N N 330 
MSE CE  HE1  sing N N 331 
MSE CE  HE2  sing N N 332 
MSE CE  HE3  sing N N 333 
PHE N   CA   sing N N 334 
PHE N   H    sing N N 335 
PHE N   H2   sing N N 336 
PHE CA  C    sing N N 337 
PHE CA  CB   sing N N 338 
PHE CA  HA   sing N N 339 
PHE C   O    doub N N 340 
PHE C   OXT  sing N N 341 
PHE CB  CG   sing N N 342 
PHE CB  HB2  sing N N 343 
PHE CB  HB3  sing N N 344 
PHE CG  CD1  doub Y N 345 
PHE CG  CD2  sing Y N 346 
PHE CD1 CE1  sing Y N 347 
PHE CD1 HD1  sing N N 348 
PHE CD2 CE2  doub Y N 349 
PHE CD2 HD2  sing N N 350 
PHE CE1 CZ   doub Y N 351 
PHE CE1 HE1  sing N N 352 
PHE CE2 CZ   sing Y N 353 
PHE CE2 HE2  sing N N 354 
PHE CZ  HZ   sing N N 355 
PHE OXT HXT  sing N N 356 
PRO N   CA   sing N N 357 
PRO N   CD   sing N N 358 
PRO N   H    sing N N 359 
PRO CA  C    sing N N 360 
PRO CA  CB   sing N N 361 
PRO CA  HA   sing N N 362 
PRO C   O    doub N N 363 
PRO C   OXT  sing N N 364 
PRO CB  CG   sing N N 365 
PRO CB  HB2  sing N N 366 
PRO CB  HB3  sing N N 367 
PRO CG  CD   sing N N 368 
PRO CG  HG2  sing N N 369 
PRO CG  HG3  sing N N 370 
PRO CD  HD2  sing N N 371 
PRO CD  HD3  sing N N 372 
PRO OXT HXT  sing N N 373 
SER N   CA   sing N N 374 
SER N   H    sing N N 375 
SER N   H2   sing N N 376 
SER CA  C    sing N N 377 
SER CA  CB   sing N N 378 
SER CA  HA   sing N N 379 
SER C   O    doub N N 380 
SER C   OXT  sing N N 381 
SER CB  OG   sing N N 382 
SER CB  HB2  sing N N 383 
SER CB  HB3  sing N N 384 
SER OG  HG   sing N N 385 
SER OXT HXT  sing N N 386 
SO4 S   O1   doub N N 387 
SO4 S   O2   doub N N 388 
SO4 S   O3   sing N N 389 
SO4 S   O4   sing N N 390 
THR N   CA   sing N N 391 
THR N   H    sing N N 392 
THR N   H2   sing N N 393 
THR CA  C    sing N N 394 
THR CA  CB   sing N N 395 
THR CA  HA   sing N N 396 
THR C   O    doub N N 397 
THR C   OXT  sing N N 398 
THR CB  OG1  sing N N 399 
THR CB  CG2  sing N N 400 
THR CB  HB   sing N N 401 
THR OG1 HG1  sing N N 402 
THR CG2 HG21 sing N N 403 
THR CG2 HG22 sing N N 404 
THR CG2 HG23 sing N N 405 
THR OXT HXT  sing N N 406 
TRP N   CA   sing N N 407 
TRP N   H    sing N N 408 
TRP N   H2   sing N N 409 
TRP CA  C    sing N N 410 
TRP CA  CB   sing N N 411 
TRP CA  HA   sing N N 412 
TRP C   O    doub N N 413 
TRP C   OXT  sing N N 414 
TRP CB  CG   sing N N 415 
TRP CB  HB2  sing N N 416 
TRP CB  HB3  sing N N 417 
TRP CG  CD1  doub Y N 418 
TRP CG  CD2  sing Y N 419 
TRP CD1 NE1  sing Y N 420 
TRP CD1 HD1  sing N N 421 
TRP CD2 CE2  doub Y N 422 
TRP CD2 CE3  sing Y N 423 
TRP NE1 CE2  sing Y N 424 
TRP NE1 HE1  sing N N 425 
TRP CE2 CZ2  sing Y N 426 
TRP CE3 CZ3  doub Y N 427 
TRP CE3 HE3  sing N N 428 
TRP CZ2 CH2  doub Y N 429 
TRP CZ2 HZ2  sing N N 430 
TRP CZ3 CH2  sing Y N 431 
TRP CZ3 HZ3  sing N N 432 
TRP CH2 HH2  sing N N 433 
TRP OXT HXT  sing N N 434 
TYR N   CA   sing N N 435 
TYR N   H    sing N N 436 
TYR N   H2   sing N N 437 
TYR CA  C    sing N N 438 
TYR CA  CB   sing N N 439 
TYR CA  HA   sing N N 440 
TYR C   O    doub N N 441 
TYR C   OXT  sing N N 442 
TYR CB  CG   sing N N 443 
TYR CB  HB2  sing N N 444 
TYR CB  HB3  sing N N 445 
TYR CG  CD1  doub Y N 446 
TYR CG  CD2  sing Y N 447 
TYR CD1 CE1  sing Y N 448 
TYR CD1 HD1  sing N N 449 
TYR CD2 CE2  doub Y N 450 
TYR CD2 HD2  sing N N 451 
TYR CE1 CZ   doub Y N 452 
TYR CE1 HE1  sing N N 453 
TYR CE2 CZ   sing Y N 454 
TYR CE2 HE2  sing N N 455 
TYR CZ  OH   sing N N 456 
TYR OH  HH   sing N N 457 
TYR OXT HXT  sing N N 458 
VAL N   CA   sing N N 459 
VAL N   H    sing N N 460 
VAL N   H2   sing N N 461 
VAL CA  C    sing N N 462 
VAL CA  CB   sing N N 463 
VAL CA  HA   sing N N 464 
VAL C   O    doub N N 465 
VAL C   OXT  sing N N 466 
VAL CB  CG1  sing N N 467 
VAL CB  CG2  sing N N 468 
VAL CB  HB   sing N N 469 
VAL CG1 HG11 sing N N 470 
VAL CG1 HG12 sing N N 471 
VAL CG1 HG13 sing N N 472 
VAL CG2 HG21 sing N N 473 
VAL CG2 HG22 sing N N 474 
VAL CG2 HG23 sing N N 475 
VAL OXT HXT  sing N N 476 
# 
_atom_sites.entry_id                    2FIW 
_atom_sites.fract_transf_matrix[1][1]   -0.00645835 
_atom_sites.fract_transf_matrix[1][2]   -0.01314240 
_atom_sites.fract_transf_matrix[1][3]   -0.00175856 
_atom_sites.fract_transf_matrix[2][1]   -0.00016154 
_atom_sites.fract_transf_matrix[2][2]   -0.00641895 
_atom_sites.fract_transf_matrix[2][3]   -0.01327684 
_atom_sites.fract_transf_matrix[3][1]   0.00929170 
_atom_sites.fract_transf_matrix[3][2]   -0.00486571 
_atom_sites.fract_transf_matrix[3][3]   0.00223937 
_atom_sites.fract_transf_vector[1]      0.588709 
_atom_sites.fract_transf_vector[2]      0.415606 
_atom_sites.fract_transf_vector[3]      0.375818 
# 
loop_
_atom_type.symbol 
C  
N  
O  
P  
S  
SE 
# 
loop_
_atom_site.group_PDB 
_atom_site.id 
_atom_site.type_symbol 
_atom_site.label_atom_id 
_atom_site.label_alt_id 
_atom_site.label_comp_id 
_atom_site.label_asym_id 
_atom_site.label_entity_id 
_atom_site.label_seq_id 
_atom_site.pdbx_PDB_ins_code 
_atom_site.Cartn_x 
_atom_site.Cartn_y 
_atom_site.Cartn_z 
_atom_site.occupancy 
_atom_site.B_iso_or_equiv 
_atom_site.pdbx_formal_charge 
_atom_site.auth_seq_id 
_atom_site.auth_comp_id 
_atom_site.auth_asym_id 
_atom_site.auth_atom_id 
_atom_site.pdbx_PDB_model_num 
ATOM   1    N  N   . GLY A 1 1   ? 8.587   13.466  -25.342 1.00 61.91 ? -2  GLY A N   1 
ATOM   2    C  CA  . GLY A 1 1   ? 9.511   13.410  -24.167 1.00 61.52 ? -2  GLY A CA  1 
ATOM   3    C  C   . GLY A 1 1   ? 8.787   13.332  -22.828 1.00 61.24 ? -2  GLY A C   1 
ATOM   4    O  O   . GLY A 1 1   ? 7.648   13.809  -22.699 1.00 61.60 ? -2  GLY A O   1 
ATOM   5    N  N   . HIS A 1 2   ? 9.451   12.734  -21.836 1.00 60.24 ? -1  HIS A N   1 
ATOM   6    C  CA  . HIS A 1 2   ? 8.898   12.574  -20.485 1.00 59.17 ? -1  HIS A CA  1 
ATOM   7    C  C   . HIS A 1 2   ? 9.944   12.861  -19.400 1.00 57.84 ? -1  HIS A C   1 
ATOM   8    O  O   . HIS A 1 2   ? 11.137  12.702  -19.644 1.00 57.40 ? -1  HIS A O   1 
ATOM   9    C  CB  . HIS A 1 2   ? 8.310   11.167  -20.307 1.00 59.52 ? -1  HIS A CB  1 
ATOM   10   C  CG  . HIS A 1 2   ? 9.239   10.061  -20.711 1.00 60.96 ? -1  HIS A CG  1 
ATOM   11   N  ND1 . HIS A 1 2   ? 10.130  9.477   -19.833 1.00 61.59 ? -1  HIS A ND1 1 
ATOM   12   C  CD2 . HIS A 1 2   ? 9.406   9.423   -21.896 1.00 61.96 ? -1  HIS A CD2 1 
ATOM   13   C  CE1 . HIS A 1 2   ? 10.806  8.528   -20.458 1.00 61.89 ? -1  HIS A CE1 1 
ATOM   14   N  NE2 . HIS A 1 2   ? 10.387  8.476   -21.711 1.00 62.41 ? -1  HIS A NE2 1 
HETATM 15   N  N   . MSE A 1 3   ? 9.491   13.290  -18.217 1.00 56.39 ? 0   MSE A N   1 
HETATM 16   C  CA  . MSE A 1 3   ? 10.389  13.542  -17.087 1.00 55.19 ? 0   MSE A CA  1 
HETATM 17   C  C   . MSE A 1 3   ? 10.909  12.226  -16.517 1.00 53.54 ? 0   MSE A C   1 
HETATM 18   O  O   . MSE A 1 3   ? 10.178  11.226  -16.444 1.00 53.58 ? 0   MSE A O   1 
HETATM 19   C  CB  . MSE A 1 3   ? 9.704   14.333  -15.972 1.00 55.72 ? 0   MSE A CB  1 
HETATM 20   C  CG  . MSE A 1 3   ? 9.261   15.744  -16.320 1.00 59.33 ? 0   MSE A CG  1 
HETATM 21   SE SE  . MSE A 1 3   ? 10.720  17.031  -16.538 0.70 69.06 ? 0   MSE A SE  1 
HETATM 22   C  CE  . MSE A 1 3   ? 10.874  16.878  -18.377 1.00 65.76 ? 0   MSE A CE  1 
ATOM   23   N  N   . VAL A 1 4   ? 12.174  12.235  -16.116 1.00 51.24 ? 1   VAL A N   1 
ATOM   24   C  CA  . VAL A 1 4   ? 12.794  11.069  -15.515 1.00 48.89 ? 1   VAL A CA  1 
ATOM   25   C  C   . VAL A 1 4   ? 12.835  11.279  -14.010 1.00 47.63 ? 1   VAL A C   1 
ATOM   26   O  O   . VAL A 1 4   ? 13.461  12.228  -13.520 1.00 46.72 ? 1   VAL A O   1 
ATOM   27   C  CB  . VAL A 1 4   ? 14.203  10.811  -16.079 1.00 48.67 ? 1   VAL A CB  1 
ATOM   28   C  CG1 . VAL A 1 4   ? 14.805  9.569   -15.456 1.00 48.01 ? 1   VAL A CG1 1 
ATOM   29   C  CG2 . VAL A 1 4   ? 14.149  10.657  -17.593 1.00 48.31 ? 1   VAL A CG2 1 
HETATM 30   N  N   . MSE A 1 5   ? 12.143  10.397  -13.283 1.00 46.08 ? 2   MSE A N   1 
HETATM 31   C  CA  . MSE A 1 5   ? 12.097  10.489  -11.832 1.00 44.61 ? 2   MSE A CA  1 
HETATM 32   C  C   . MSE A 1 5   ? 13.351  9.870   -11.215 1.00 43.70 ? 2   MSE A C   1 
HETATM 33   O  O   . MSE A 1 5   ? 13.941  8.943   -11.753 1.00 42.82 ? 2   MSE A O   1 
HETATM 34   C  CB  . MSE A 1 5   ? 10.852  9.789   -11.259 1.00 45.69 ? 2   MSE A CB  1 
HETATM 35   C  CG  . MSE A 1 5   ? 9.470   10.280  -11.722 1.00 45.65 ? 2   MSE A CG  1 
HETATM 36   SE SE  . MSE A 1 5   ? 9.101   12.145  -11.345 0.60 50.60 ? 2   MSE A SE  1 
HETATM 37   C  CE  . MSE A 1 5   ? 9.805   12.401  -9.585  1.00 50.26 ? 2   MSE A CE  1 
ATOM   38   N  N   . SER A 1 6   ? 13.762  10.423  -10.087 1.00 42.89 ? 3   SER A N   1 
ATOM   39   C  CA  . SER A 1 6   ? 14.667  9.761   -9.183  1.00 42.46 ? 3   SER A CA  1 
ATOM   40   C  C   . SER A 1 6   ? 13.947  8.593   -8.476  1.00 42.64 ? 3   SER A C   1 
ATOM   41   O  O   . SER A 1 6   ? 12.717  8.589   -8.322  1.00 43.24 ? 3   SER A O   1 
ATOM   42   C  CB  . SER A 1 6   ? 15.172  10.762  -8.148  1.00 42.53 ? 3   SER A CB  1 
ATOM   43   O  OG  . SER A 1 6   ? 15.856  11.834  -8.777  1.00 41.23 ? 3   SER A OG  1 
ATOM   44   N  N   . THR A 1 7   ? 14.713  7.597   -8.064  1.00 41.96 ? 4   THR A N   1 
ATOM   45   C  CA  . THR A 1 7   ? 14.186  6.488   -7.291  1.00 41.59 ? 4   THR A CA  1 
ATOM   46   C  C   . THR A 1 7   ? 14.323  6.845   -5.820  1.00 40.38 ? 4   THR A C   1 
ATOM   47   O  O   . THR A 1 7   ? 15.372  7.310   -5.392  1.00 40.91 ? 4   THR A O   1 
ATOM   48   C  CB  . THR A 1 7   ? 14.984  5.212   -7.590  1.00 42.02 ? 4   THR A CB  1 
ATOM   49   O  OG1 . THR A 1 7   ? 15.153  5.079   -9.010  1.00 44.28 ? 4   THR A OG1 1 
ATOM   50   C  CG2 . THR A 1 7   ? 14.260  3.997   -7.102  1.00 42.75 ? 4   THR A CG2 1 
ATOM   51   N  N   . PRO A 1 8   ? 13.263  6.659   -5.031  1.00 39.22 ? 5   PRO A N   1 
ATOM   52   C  CA  . PRO A 1 8   ? 13.501  6.880   -3.612  1.00 38.40 ? 5   PRO A CA  1 
ATOM   53   C  C   . PRO A 1 8   ? 14.349  5.763   -2.977  1.00 37.57 ? 5   PRO A C   1 
ATOM   54   O  O   . PRO A 1 8   ? 14.436  4.654   -3.515  1.00 36.98 ? 5   PRO A O   1 
ATOM   55   C  CB  . PRO A 1 8   ? 12.087  6.898   -3.014  1.00 38.30 ? 5   PRO A CB  1 
ATOM   56   C  CG  . PRO A 1 8   ? 11.262  6.127   -3.956  1.00 38.59 ? 5   PRO A CG  1 
ATOM   57   C  CD  . PRO A 1 8   ? 11.866  6.294   -5.316  1.00 38.94 ? 5   PRO A CD  1 
ATOM   58   N  N   . ALA A 1 9   ? 14.987  6.092   -1.856  1.00 36.94 ? 6   ALA A N   1 
ATOM   59   C  CA  . ALA A 1 9   ? 15.627  5.112   -1.001  1.00 36.35 ? 6   ALA A CA  1 
ATOM   60   C  C   . ALA A 1 9   ? 14.551  4.313   -0.284  1.00 36.22 ? 6   ALA A C   1 
ATOM   61   O  O   . ALA A 1 9   ? 13.490  4.844   0.062   1.00 36.67 ? 6   ALA A O   1 
ATOM   62   C  CB  . ALA A 1 9   ? 16.512  5.799   -0.006  1.00 35.87 ? 6   ALA A CB  1 
ATOM   63   N  N   . LEU A 1 10  ? 14.822  3.032   -0.076  1.00 35.95 ? 7   LEU A N   1 
ATOM   64   C  CA  . LEU A 1 10  ? 13.917  2.135   0.630   1.00 34.86 ? 7   LEU A CA  1 
ATOM   65   C  C   . LEU A 1 10  ? 14.676  1.503   1.789   1.00 34.54 ? 7   LEU A C   1 
ATOM   66   O  O   . LEU A 1 10  ? 15.845  1.137   1.651   1.00 34.30 ? 7   LEU A O   1 
ATOM   67   C  CB  . LEU A 1 10  ? 13.395  1.040   -0.305  1.00 34.67 ? 7   LEU A CB  1 
ATOM   68   C  CG  . LEU A 1 10  ? 12.745  1.392   -1.650  1.00 34.44 ? 7   LEU A CG  1 
ATOM   69   C  CD1 . LEU A 1 10  ? 12.242  0.123   -2.343  1.00 32.38 ? 7   LEU A CD1 1 
ATOM   70   C  CD2 . LEU A 1 10  ? 11.600  2.370   -1.493  1.00 33.10 ? 7   LEU A CD2 1 
ATOM   71   N  N   . ARG A 1 11  ? 14.023  1.404   2.938   1.00 33.80 ? 8   ARG A N   1 
ATOM   72   C  CA  . ARG A 1 11  ? 14.604  0.732   4.089   1.00 33.56 ? 8   ARG A CA  1 
ATOM   73   C  C   . ARG A 1 11  ? 13.521  -0.023  4.842   1.00 32.93 ? 8   ARG A C   1 
ATOM   74   O  O   . ARG A 1 11  ? 12.357  0.387   4.816   1.00 32.43 ? 8   ARG A O   1 
ATOM   75   C  CB  . ARG A 1 11  ? 15.282  1.747   5.012   1.00 33.69 ? 8   ARG A CB  1 
ATOM   76   C  CG  . ARG A 1 11  ? 14.368  2.878   5.454   1.00 34.74 ? 8   ARG A CG  1 
ATOM   77   C  CD  . ARG A 1 11  ? 15.037  3.742   6.472   1.00 36.47 ? 8   ARG A CD  1 
ATOM   78   N  NE  . ARG A 1 11  ? 14.093  4.685   7.067   1.00 38.35 ? 8   ARG A NE  1 
ATOM   79   C  CZ  . ARG A 1 11  ? 13.260  4.413   8.070   1.00 36.25 ? 8   ARG A CZ  1 
ATOM   80   N  NH1 . ARG A 1 11  ? 13.203  3.195   8.613   1.00 33.76 ? 8   ARG A NH1 1 
ATOM   81   N  NH2 . ARG A 1 11  ? 12.457  5.374   8.507   1.00 36.45 ? 8   ARG A NH2 1 
ATOM   82   N  N   . PRO A 1 12  ? 13.892  -1.139  5.508   1.00 32.61 ? 9   PRO A N   1 
ATOM   83   C  CA  . PRO A 1 12  ? 12.908  -1.875  6.303   1.00 32.17 ? 9   PRO A CA  1 
ATOM   84   C  C   . PRO A 1 12  ? 12.273  -1.044  7.425   1.00 31.86 ? 9   PRO A C   1 
ATOM   85   O  O   . PRO A 1 12  ? 12.865  -0.073  7.922   1.00 31.05 ? 9   PRO A O   1 
ATOM   86   C  CB  . PRO A 1 12  ? 13.729  -3.038  6.869   1.00 32.23 ? 9   PRO A CB  1 
ATOM   87   C  CG  . PRO A 1 12  ? 14.800  -3.234  5.862   1.00 31.21 ? 9   PRO A CG  1 
ATOM   88   C  CD  . PRO A 1 12  ? 15.197  -1.828  5.538   1.00 32.34 ? 9   PRO A CD  1 
ATOM   89   N  N   . TYR A 1 13  ? 11.045  -1.420  7.761   1.00 31.57 ? 10  TYR A N   1 
ATOM   90   C  CA  . TYR A 1 13  ? 10.272  -0.775  8.791   1.00 31.45 ? 10  TYR A CA  1 
ATOM   91   C  C   . TYR A 1 13  ? 10.849  -1.065  10.186  1.00 31.75 ? 10  TYR A C   1 
ATOM   92   O  O   . TYR A 1 13  ? 11.124  -2.216  10.540  1.00 31.37 ? 10  TYR A O   1 
ATOM   93   C  CB  . TYR A 1 13  ? 8.824   -1.260  8.692   1.00 31.39 ? 10  TYR A CB  1 
ATOM   94   C  CG  . TYR A 1 13  ? 7.950   -0.937  9.891   1.00 31.06 ? 10  TYR A CG  1 
ATOM   95   C  CD1 . TYR A 1 13  ? 7.585   -1.941  10.802  1.00 31.05 ? 10  TYR A CD1 1 
ATOM   96   C  CD2 . TYR A 1 13  ? 7.503   0.372   10.124  1.00 29.47 ? 10  TYR A CD2 1 
ATOM   97   C  CE1 . TYR A 1 13  ? 6.798   -1.653  11.901  1.00 30.89 ? 10  TYR A CE1 1 
ATOM   98   C  CE2 . TYR A 1 13  ? 6.713   0.667   11.223  1.00 30.04 ? 10  TYR A CE2 1 
ATOM   99   C  CZ  . TYR A 1 13  ? 6.357   -0.358  12.096  1.00 30.17 ? 10  TYR A CZ  1 
ATOM   100  O  OH  . TYR A 1 13  ? 5.575   -0.089  13.173  1.00 30.39 ? 10  TYR A OH  1 
ATOM   101  N  N   . LEU A 1 14  ? 11.019  -0.010  10.973  1.00 32.07 ? 11  LEU A N   1 
ATOM   102  C  CA  . LEU A 1 14  ? 11.552  -0.120  12.311  1.00 32.56 ? 11  LEU A CA  1 
ATOM   103  C  C   . LEU A 1 14  ? 10.476  0.272   13.323  1.00 33.57 ? 11  LEU A C   1 
ATOM   104  O  O   . LEU A 1 14  ? 9.585   1.075   13.007  1.00 33.62 ? 11  LEU A O   1 
ATOM   105  C  CB  . LEU A 1 14  ? 12.781  0.776   12.456  1.00 32.55 ? 11  LEU A CB  1 
ATOM   106  C  CG  . LEU A 1 14  ? 13.978  0.578   11.512  1.00 31.72 ? 11  LEU A CG  1 
ATOM   107  C  CD1 . LEU A 1 14  ? 14.978  1.708   11.721  1.00 29.28 ? 11  LEU A CD1 1 
ATOM   108  C  CD2 . LEU A 1 14  ? 14.635  -0.789  11.703  1.00 30.01 ? 11  LEU A CD2 1 
ATOM   109  N  N   . PRO A 1 15  ? 10.543  -0.288  14.546  1.00 34.50 ? 12  PRO A N   1 
ATOM   110  C  CA  . PRO A 1 15  ? 9.525   0.036   15.565  1.00 35.41 ? 12  PRO A CA  1 
ATOM   111  C  C   . PRO A 1 15  ? 9.322   1.532   15.778  1.00 36.38 ? 12  PRO A C   1 
ATOM   112  O  O   . PRO A 1 15  ? 8.212   1.948   16.095  1.00 36.76 ? 12  PRO A O   1 
ATOM   113  C  CB  . PRO A 1 15  ? 10.055  -0.634  16.848  1.00 35.68 ? 12  PRO A CB  1 
ATOM   114  C  CG  . PRO A 1 15  ? 11.450  -1.110  16.524  1.00 35.29 ? 12  PRO A CG  1 
ATOM   115  C  CD  . PRO A 1 15  ? 11.532  -1.260  15.036  1.00 34.45 ? 12  PRO A CD  1 
ATOM   116  N  N   . GLU A 1 16  ? 10.381  2.318   15.586  1.00 37.28 ? 13  GLU A N   1 
ATOM   117  C  CA  . GLU A 1 16  ? 10.355  3.763   15.752  1.00 38.56 ? 13  GLU A CA  1 
ATOM   118  C  C   . GLU A 1 16  ? 9.573   4.433   14.637  1.00 39.01 ? 13  GLU A C   1 
ATOM   119  O  O   . GLU A 1 16  ? 9.308   5.629   14.704  1.00 39.47 ? 13  GLU A O   1 
ATOM   120  C  CB  . GLU A 1 16  ? 11.773  4.368   15.735  1.00 38.78 ? 13  GLU A CB  1 
ATOM   121  C  CG  . GLU A 1 16  ? 12.815  3.636   16.514  1.00 40.33 ? 13  GLU A CG  1 
ATOM   122  C  CD  . GLU A 1 16  ? 13.473  2.547   15.708  1.00 39.71 ? 13  GLU A CD  1 
ATOM   123  O  OE1 . GLU A 1 16  ? 13.067  1.396   15.870  1.00 42.14 ? 13  GLU A OE1 1 
ATOM   124  O  OE2 . GLU A 1 16  ? 14.389  2.825   14.922  1.00 41.23 ? 13  GLU A OE2 1 
ATOM   125  N  N   . ASP A 1 17  ? 9.253   3.688   13.585  1.00 39.44 ? 14  ASP A N   1 
ATOM   126  C  CA  . ASP A 1 17  ? 8.540   4.271   12.452  1.00 39.31 ? 14  ASP A CA  1 
ATOM   127  C  C   . ASP A 1 17  ? 7.036   4.134   12.613  1.00 39.12 ? 14  ASP A C   1 
ATOM   128  O  O   . ASP A 1 17  ? 6.286   4.500   11.710  1.00 39.36 ? 14  ASP A O   1 
ATOM   129  C  CB  . ASP A 1 17  ? 8.948   3.589   11.149  1.00 39.39 ? 14  ASP A CB  1 
ATOM   130  C  CG  . ASP A 1 17  ? 10.415  3.706   10.855  1.00 39.99 ? 14  ASP A CG  1 
ATOM   131  O  OD1 . ASP A 1 17  ? 11.003  4.799   11.083  1.00 41.33 ? 14  ASP A OD1 1 
ATOM   132  O  OD2 . ASP A 1 17  ? 10.973  2.692   10.373  1.00 39.34 ? 14  ASP A OD2 1 
ATOM   133  N  N   . ALA A 1 18  ? 6.604   3.594   13.749  1.00 38.83 ? 15  ALA A N   1 
ATOM   134  C  CA  . ALA A 1 18  ? 5.195   3.257   13.976  1.00 38.86 ? 15  ALA A CA  1 
ATOM   135  C  C   . ALA A 1 18  ? 4.241   4.416   13.683  1.00 39.08 ? 15  ALA A C   1 
ATOM   136  O  O   . ALA A 1 18  ? 3.245   4.244   12.972  1.00 39.46 ? 15  ALA A O   1 
ATOM   137  C  CB  . ALA A 1 18  ? 4.988   2.731   15.396  1.00 38.32 ? 15  ALA A CB  1 
ATOM   138  N  N   . ALA A 1 19  ? 4.558   5.587   14.225  1.00 39.13 ? 16  ALA A N   1 
ATOM   139  C  CA  . ALA A 1 19  ? 3.694   6.765   14.126  1.00 39.67 ? 16  ALA A CA  1 
ATOM   140  C  C   . ALA A 1 19  ? 3.703   7.429   12.742  1.00 39.71 ? 16  ALA A C   1 
ATOM   141  O  O   . ALA A 1 19  ? 2.642   7.804   12.253  1.00 40.06 ? 16  ALA A O   1 
ATOM   142  C  CB  . ALA A 1 19  ? 4.032   7.791   15.221  1.00 39.28 ? 16  ALA A CB  1 
ATOM   143  N  N   . VAL A 1 20  ? 4.877   7.592   12.122  1.00 39.21 ? 17  VAL A N   1 
ATOM   144  C  CA  . VAL A 1 20  ? 4.930   8.188   10.779  1.00 39.21 ? 17  VAL A CA  1 
ATOM   145  C  C   . VAL A 1 20  ? 4.241   7.299   9.727   1.00 38.70 ? 17  VAL A C   1 
ATOM   146  O  O   . VAL A 1 20  ? 3.686   7.795   8.753   1.00 38.90 ? 17  VAL A O   1 
ATOM   147  C  CB  . VAL A 1 20  ? 6.384   8.607   10.322  1.00 39.42 ? 17  VAL A CB  1 
ATOM   148  C  CG1 . VAL A 1 20  ? 7.104   9.428   11.415  1.00 39.95 ? 17  VAL A CG1 1 
ATOM   149  C  CG2 . VAL A 1 20  ? 7.225   7.399   9.918   1.00 40.31 ? 17  VAL A CG2 1 
ATOM   150  N  N   . THR A 1 21  ? 4.279   5.985   9.941   1.00 37.98 ? 18  THR A N   1 
ATOM   151  C  CA  . THR A 1 21  ? 3.667   5.026   9.035   1.00 37.35 ? 18  THR A CA  1 
ATOM   152  C  C   . THR A 1 21  ? 2.146   5.133   9.125   1.00 36.15 ? 18  THR A C   1 
ATOM   153  O  O   . THR A 1 21  ? 1.460   5.099   8.108   1.00 36.31 ? 18  THR A O   1 
ATOM   154  C  CB  . THR A 1 21  ? 4.128   3.570   9.353   1.00 37.42 ? 18  THR A CB  1 
ATOM   155  O  OG1 . THR A 1 21  ? 5.557   3.519   9.353   1.00 40.37 ? 18  THR A OG1 1 
ATOM   156  C  CG2 . THR A 1 21  ? 3.662   2.631   8.301   1.00 37.68 ? 18  THR A CG2 1 
ATOM   157  N  N   . ALA A 1 22  ? 1.644   5.242   10.352  1.00 34.75 ? 19  ALA A N   1 
ATOM   158  C  CA  . ALA A 1 22  ? 0.226   5.399   10.618  1.00 33.94 ? 19  ALA A CA  1 
ATOM   159  C  C   . ALA A 1 22  ? -0.253  6.718   10.056  1.00 33.03 ? 19  ALA A C   1 
ATOM   160  O  O   . ALA A 1 22  ? -1.358  6.789   9.560   1.00 33.26 ? 19  ALA A O   1 
ATOM   161  C  CB  . ALA A 1 22  ? -0.072  5.303   12.128  1.00 33.79 ? 19  ALA A CB  1 
ATOM   162  N  N   . ALA A 1 23  ? 0.606   7.736   10.105  1.00 32.27 ? 20  ALA A N   1 
ATOM   163  C  CA  . ALA A 1 23  ? 0.339   9.047   9.540   1.00 31.82 ? 20  ALA A CA  1 
ATOM   164  C  C   . ALA A 1 23  ? 0.300   9.092   8.005   1.00 31.86 ? 20  ALA A C   1 
ATOM   165  O  O   . ALA A 1 23  ? -0.518  9.811   7.420   1.00 32.29 ? 20  ALA A O   1 
ATOM   166  C  CB  . ALA A 1 23  ? 1.330   10.056  10.081  1.00 31.78 ? 20  ALA A CB  1 
ATOM   167  N  N   . ILE A 1 24  ? 1.170   8.334   7.345   1.00 31.65 ? 21  ILE A N   1 
ATOM   168  C  CA  . ILE A 1 24  ? 1.160   8.265   5.870   1.00 31.23 ? 21  ILE A CA  1 
ATOM   169  C  C   . ILE A 1 24  ? -0.100  7.543   5.397   1.00 31.90 ? 21  ILE A C   1 
ATOM   170  O  O   . ILE A 1 24  ? -0.687  7.894   4.373   1.00 32.16 ? 21  ILE A O   1 
ATOM   171  C  CB  . ILE A 1 24  ? 2.427   7.527   5.314   1.00 31.33 ? 21  ILE A CB  1 
ATOM   172  C  CG1 . ILE A 1 24  ? 3.667   8.421   5.421   1.00 30.50 ? 21  ILE A CG1 1 
ATOM   173  C  CG2 . ILE A 1 24  ? 2.224   7.089   3.873   1.00 29.85 ? 21  ILE A CG2 1 
ATOM   174  C  CD1 . ILE A 1 24  ? 4.989   7.649   5.408   1.00 30.23 ? 21  ILE A CD1 1 
ATOM   175  N  N   . PHE A 1 25  ? -0.485  6.523   6.162   1.00 32.11 ? 22  PHE A N   1 
ATOM   176  C  CA  . PHE A 1 25  ? -1.605  5.643   5.875   1.00 32.23 ? 22  PHE A CA  1 
ATOM   177  C  C   . PHE A 1 25  ? -2.933  6.421   5.938   1.00 32.69 ? 22  PHE A C   1 
ATOM   178  O  O   . PHE A 1 25  ? -3.713  6.393   4.976   1.00 32.85 ? 22  PHE A O   1 
ATOM   179  C  CB  . PHE A 1 25  ? -1.541  4.475   6.869   1.00 31.41 ? 22  PHE A CB  1 
ATOM   180  C  CG  . PHE A 1 25  ? -2.779  3.607   6.932   1.00 31.21 ? 22  PHE A CG  1 
ATOM   181  C  CD1 . PHE A 1 25  ? -3.761  3.836   7.907   1.00 29.75 ? 22  PHE A CD1 1 
ATOM   182  C  CD2 . PHE A 1 25  ? -2.908  2.498   6.098   1.00 28.09 ? 22  PHE A CD2 1 
ATOM   183  C  CE1 . PHE A 1 25  ? -4.876  3.007   7.995   1.00 30.99 ? 22  PHE A CE1 1 
ATOM   184  C  CE2 . PHE A 1 25  ? -4.008  1.671   6.164   1.00 27.46 ? 22  PHE A CE2 1 
ATOM   185  C  CZ  . PHE A 1 25  ? -5.001  1.908   7.118   1.00 30.49 ? 22  PHE A CZ  1 
ATOM   186  N  N   . VAL A 1 26  ? -3.174  7.138   7.038   1.00 33.10 ? 23  VAL A N   1 
ATOM   187  C  CA  . VAL A 1 26  ? -4.417  7.895   7.151   1.00 33.66 ? 23  VAL A CA  1 
ATOM   188  C  C   . VAL A 1 26  ? -4.465  9.076   6.176   1.00 34.06 ? 23  VAL A C   1 
ATOM   189  O  O   . VAL A 1 26  ? -5.531  9.353   5.634   1.00 35.28 ? 23  VAL A O   1 
ATOM   190  C  CB  . VAL A 1 26  ? -4.819  8.328   8.619   1.00 33.89 ? 23  VAL A CB  1 
ATOM   191  C  CG1 . VAL A 1 26  ? -4.380  7.323   9.647   1.00 32.84 ? 23  VAL A CG1 1 
ATOM   192  C  CG2 . VAL A 1 26  ? -4.335  9.701   8.955   1.00 34.19 ? 23  VAL A CG2 1 
ATOM   193  N  N   . ALA A 1 27  ? -3.336  9.758   5.940   1.00 33.71 ? 24  ALA A N   1 
ATOM   194  C  CA  . ALA A 1 27  ? -3.327  10.904  5.031   1.00 33.32 ? 24  ALA A CA  1 
ATOM   195  C  C   . ALA A 1 27  ? -3.535  10.474  3.585   1.00 33.87 ? 24  ALA A C   1 
ATOM   196  O  O   . ALA A 1 27  ? -4.205  11.154  2.817   1.00 33.49 ? 24  ALA A O   1 
ATOM   197  C  CB  . ALA A 1 27  ? -2.058  11.681  5.181   1.00 33.46 ? 24  ALA A CB  1 
ATOM   198  N  N   . SER A 1 28  ? -2.958  9.333   3.224   1.00 34.41 ? 25  SER A N   1 
ATOM   199  C  CA  . SER A 1 28  ? -3.119  8.723   1.900   1.00 34.92 ? 25  SER A CA  1 
ATOM   200  C  C   . SER A 1 28  ? -4.585  8.369   1.619   1.00 35.31 ? 25  SER A C   1 
ATOM   201  O  O   . SER A 1 28  ? -5.107  8.621   0.538   1.00 35.16 ? 25  SER A O   1 
ATOM   202  C  CB  . SER A 1 28  ? -2.261  7.461   1.827   1.00 34.86 ? 25  SER A CB  1 
ATOM   203  O  OG  . SER A 1 28  ? -2.259  6.907   0.526   1.00 36.31 ? 25  SER A OG  1 
ATOM   204  N  N   . ILE A 1 29  ? -5.238  7.769   2.611   1.00 36.29 ? 26  ILE A N   1 
ATOM   205  C  CA  . ILE A 1 29  ? -6.643  7.396   2.525   1.00 36.15 ? 26  ILE A CA  1 
ATOM   206  C  C   . ILE A 1 29  ? -7.580  8.625   2.443   1.00 36.85 ? 26  ILE A C   1 
ATOM   207  O  O   . ILE A 1 29  ? -8.418  8.712   1.542   1.00 37.23 ? 26  ILE A O   1 
ATOM   208  C  CB  . ILE A 1 29  ? -7.014  6.465   3.691   1.00 36.03 ? 26  ILE A CB  1 
ATOM   209  C  CG1 . ILE A 1 29  ? -6.288  5.119   3.518   1.00 35.30 ? 26  ILE A CG1 1 
ATOM   210  C  CG2 . ILE A 1 29  ? -8.560  6.308   3.838   1.00 34.74 ? 26  ILE A CG2 1 
ATOM   211  C  CD1 . ILE A 1 29  ? -6.251  4.291   4.785   1.00 33.66 ? 26  ILE A CD1 1 
ATOM   212  N  N   A GLU A 1 30  ? -7.442  9.551   3.387   0.50 37.04 ? 27  GLU A N   1 
ATOM   213  N  N   B GLU A 1 30  ? -7.397  9.575   3.359   0.50 37.20 ? 27  GLU A N   1 
ATOM   214  C  CA  A GLU A 1 30  ? -8.266  10.758  3.414   0.50 37.22 ? 27  GLU A CA  1 
ATOM   215  C  CA  B GLU A 1 30  ? -8.288  10.735  3.480   0.50 37.44 ? 27  GLU A CA  1 
ATOM   216  C  C   A GLU A 1 30  ? -8.226  11.459  2.065   0.50 37.31 ? 27  GLU A C   1 
ATOM   217  C  C   B GLU A 1 30  ? -8.107  11.798  2.373   0.50 37.50 ? 27  GLU A C   1 
ATOM   218  O  O   A GLU A 1 30  ? -9.262  11.697  1.426   0.50 37.19 ? 27  GLU A O   1 
ATOM   219  O  O   B GLU A 1 30  ? -8.970  12.656  2.209   0.50 37.66 ? 27  GLU A O   1 
ATOM   220  C  CB  A GLU A 1 30  ? -7.770  11.711  4.504   0.50 37.05 ? 27  GLU A CB  1 
ATOM   221  C  CB  B GLU A 1 30  ? -8.199  11.358  4.889   0.50 37.65 ? 27  GLU A CB  1 
ATOM   222  C  CG  A GLU A 1 30  ? -8.005  11.217  5.933   0.50 37.33 ? 27  GLU A CG  1 
ATOM   223  C  CG  B GLU A 1 30  ? -8.561  10.412  6.084   0.50 37.89 ? 27  GLU A CG  1 
ATOM   224  C  CD  A GLU A 1 30  ? -7.402  12.138  6.979   0.50 37.60 ? 27  GLU A CD  1 
ATOM   225  C  CD  B GLU A 1 30  ? -10.076 10.255  6.376   0.50 40.09 ? 27  GLU A CD  1 
ATOM   226  O  OE1 A GLU A 1 30  ? -6.487  12.931  6.637   0.50 37.63 ? 27  GLU A OE1 1 
ATOM   227  O  OE1 B GLU A 1 30  ? -10.930 10.847  5.665   0.50 40.46 ? 27  GLU A OE1 1 
ATOM   228  O  OE2 A GLU A 1 30  ? -7.842  12.058  8.148   0.50 37.33 ? 27  GLU A OE2 1 
ATOM   229  O  OE2 B GLU A 1 30  ? -10.415 9.520   7.339   0.50 39.94 ? 27  GLU A OE2 1 
ATOM   230  N  N   . GLN A 1 31  ? -7.007  11.735  1.617   1.00 37.46 ? 28  GLN A N   1 
ATOM   231  C  CA  . GLN A 1 31  ? -6.779  12.627  0.475   1.00 37.74 ? 28  GLN A CA  1 
ATOM   232  C  C   . GLN A 1 31  ? -6.799  11.973  -0.904  1.00 37.56 ? 28  GLN A C   1 
ATOM   233  O  O   . GLN A 1 31  ? -6.977  12.679  -1.899  1.00 38.58 ? 28  GLN A O   1 
ATOM   234  C  CB  . GLN A 1 31  ? -5.482  13.440  0.663   1.00 37.76 ? 28  GLN A CB  1 
ATOM   235  C  CG  . GLN A 1 31  ? -5.439  14.266  1.977   1.00 38.49 ? 28  GLN A CG  1 
ATOM   236  C  CD  . GLN A 1 31  ? -4.180  15.148  2.122   1.00 40.46 ? 28  GLN A CD  1 
ATOM   237  O  OE1 . GLN A 1 31  ? -3.796  15.888  1.194   1.00 43.10 ? 28  GLN A OE1 1 
ATOM   238  N  NE2 . GLN A 1 31  ? -3.537  15.079  3.304   1.00 41.80 ? 28  GLN A NE2 1 
ATOM   239  N  N   . LEU A 1 32  ? -6.614  10.653  -1.011  1.00 36.89 ? 29  LEU A N   1 
ATOM   240  C  CA  . LEU A 1 32  ? -6.470  10.063  -2.356  1.00 36.45 ? 29  LEU A CA  1 
ATOM   241  C  C   . LEU A 1 32  ? -7.590  9.159   -2.837  1.00 36.36 ? 29  LEU A C   1 
ATOM   242  O  O   . LEU A 1 32  ? -7.536  8.651   -3.954  1.00 35.94 ? 29  LEU A O   1 
ATOM   243  C  CB  . LEU A 1 32  ? -5.107  9.365   -2.522  1.00 36.12 ? 29  LEU A CB  1 
ATOM   244  C  CG  . LEU A 1 32  ? -3.857  10.211  -2.251  1.00 36.49 ? 29  LEU A CG  1 
ATOM   245  C  CD1 . LEU A 1 32  ? -2.645  9.336   -2.009  1.00 35.30 ? 29  LEU A CD1 1 
ATOM   246  C  CD2 . LEU A 1 32  ? -3.603  11.232  -3.382  1.00 34.54 ? 29  LEU A CD2 1 
ATOM   247  N  N   . THR A 1 33  ? -8.613  8.970   -2.012  1.00 37.25 ? 30  THR A N   1 
ATOM   248  C  CA  . THR A 1 33  ? -9.618  7.938   -2.289  1.00 38.47 ? 30  THR A CA  1 
ATOM   249  C  C   . THR A 1 33  ? -11.054 8.458   -2.508  1.00 39.26 ? 30  THR A C   1 
ATOM   250  O  O   . THR A 1 33  ? -11.971 7.653   -2.639  1.00 39.96 ? 30  THR A O   1 
ATOM   251  C  CB  . THR A 1 33  ? -9.641  6.858   -1.174  1.00 38.26 ? 30  THR A CB  1 
ATOM   252  O  OG1 . THR A 1 33  ? -10.118 7.443   0.035   1.00 37.78 ? 30  THR A OG1 1 
ATOM   253  C  CG2 . THR A 1 33  ? -8.240  6.282   -0.919  1.00 38.51 ? 30  THR A CG2 1 
ATOM   254  N  N   . ALA A 1 34  ? -11.236 9.782   -2.544  1.00 39.60 ? 31  ALA A N   1 
ATOM   255  C  CA  . ALA A 1 34  ? -12.566 10.408  -2.561  1.00 39.73 ? 31  ALA A CA  1 
ATOM   256  C  C   . ALA A 1 34  ? -13.401 10.050  -3.778  1.00 39.98 ? 31  ALA A C   1 
ATOM   257  O  O   . ALA A 1 34  ? -14.628 9.978   -3.693  1.00 40.46 ? 31  ALA A O   1 
ATOM   258  C  CB  . ALA A 1 34  ? -12.463 11.930  -2.417  1.00 39.67 ? 31  ALA A CB  1 
ATOM   259  N  N   . ASP A 1 35  ? -12.760 9.810   -4.909  1.00 39.95 ? 32  ASP A N   1 
ATOM   260  C  CA  . ASP A 1 35  ? -13.525 9.534   -6.109  1.00 40.40 ? 32  ASP A CA  1 
ATOM   261  C  C   . ASP A 1 35  ? -14.092 8.118   -6.118  1.00 40.25 ? 32  ASP A C   1 
ATOM   262  O  O   . ASP A 1 35  ? -14.970 7.801   -6.924  1.00 40.04 ? 32  ASP A O   1 
ATOM   263  C  CB  . ASP A 1 35  ? -12.701 9.811   -7.365  1.00 40.93 ? 32  ASP A CB  1 
ATOM   264  C  CG  . ASP A 1 35  ? -12.259 11.282  -7.474  1.00 43.06 ? 32  ASP A CG  1 
ATOM   265  O  OD1 . ASP A 1 35  ? -12.940 12.197  -6.939  1.00 44.25 ? 32  ASP A OD1 1 
ATOM   266  O  OD2 . ASP A 1 35  ? -11.219 11.513  -8.119  1.00 44.53 ? 32  ASP A OD2 1 
ATOM   267  N  N   . ASP A 1 36  ? -13.605 7.264   -5.223  1.00 39.61 ? 33  ASP A N   1 
ATOM   268  C  CA  . ASP A 1 36  ? -14.082 5.892   -5.217  1.00 39.13 ? 33  ASP A CA  1 
ATOM   269  C  C   . ASP A 1 36  ? -14.678 5.445   -3.885  1.00 38.07 ? 33  ASP A C   1 
ATOM   270  O  O   . ASP A 1 36  ? -15.303 4.389   -3.814  1.00 37.56 ? 33  ASP A O   1 
ATOM   271  C  CB  . ASP A 1 36  ? -12.998 4.934   -5.698  1.00 39.18 ? 33  ASP A CB  1 
ATOM   272  C  CG  . ASP A 1 36  ? -12.413 5.351   -7.023  1.00 41.36 ? 33  ASP A CG  1 
ATOM   273  O  OD1 . ASP A 1 36  ? -12.944 4.942   -8.073  1.00 41.56 ? 33  ASP A OD1 1 
ATOM   274  O  OD2 . ASP A 1 36  ? -11.427 6.123   -7.011  1.00 45.74 ? 33  ASP A OD2 1 
ATOM   275  N  N   . TYR A 1 37  ? -14.489 6.249   -2.846  1.00 37.12 ? 34  TYR A N   1 
ATOM   276  C  CA  . TYR A 1 37  ? -14.963 5.882   -1.519  1.00 37.34 ? 34  TYR A CA  1 
ATOM   277  C  C   . TYR A 1 37  ? -15.597 7.072   -0.843  1.00 38.02 ? 34  TYR A C   1 
ATOM   278  O  O   . TYR A 1 37  ? -15.029 8.164   -0.860  1.00 38.22 ? 34  TYR A O   1 
ATOM   279  C  CB  . TYR A 1 37  ? -13.829 5.271   -0.646  1.00 36.10 ? 34  TYR A CB  1 
ATOM   280  C  CG  . TYR A 1 37  ? -13.285 4.000   -1.237  1.00 34.43 ? 34  TYR A CG  1 
ATOM   281  C  CD1 . TYR A 1 37  ? -12.179 4.016   -2.101  1.00 32.80 ? 34  TYR A CD1 1 
ATOM   282  C  CD2 . TYR A 1 37  ? -13.918 2.780   -1.004  1.00 33.39 ? 34  TYR A CD2 1 
ATOM   283  C  CE1 . TYR A 1 37  ? -11.704 2.832   -2.687  1.00 31.86 ? 34  TYR A CE1 1 
ATOM   284  C  CE2 . TYR A 1 37  ? -13.457 1.602   -1.590  1.00 31.75 ? 34  TYR A CE2 1 
ATOM   285  C  CZ  . TYR A 1 37  ? -12.350 1.630   -2.415  1.00 33.09 ? 34  TYR A CZ  1 
ATOM   286  O  OH  . TYR A 1 37  ? -11.913 0.453   -2.973  1.00 33.69 ? 34  TYR A OH  1 
ATOM   287  N  N   . SER A 1 38  ? -16.772 6.865   -0.246  1.00 38.70 ? 35  SER A N   1 
ATOM   288  C  CA  . SER A 1 38  ? -17.447 7.943   0.475   1.00 39.36 ? 35  SER A CA  1 
ATOM   289  C  C   . SER A 1 38  ? -16.816 8.187   1.846   1.00 39.71 ? 35  SER A C   1 
ATOM   290  O  O   . SER A 1 38  ? -16.125 7.333   2.374   1.00 39.94 ? 35  SER A O   1 
ATOM   291  C  CB  . SER A 1 38  ? -18.974 7.734   0.537   1.00 39.27 ? 35  SER A CB  1 
ATOM   292  O  OG  . SER A 1 38  ? -19.364 6.555   1.233   1.00 40.57 ? 35  SER A OG  1 
ATOM   293  N  N   A GLU A 1 39  ? -17.063 9.388   2.360   0.50 40.10 ? 36  GLU A N   1 
ATOM   294  N  N   B GLU A 1 39  ? -17.048 9.369   2.419   0.50 40.39 ? 36  GLU A N   1 
ATOM   295  C  CA  A GLU A 1 39  ? -16.648 9.876   3.673   0.50 40.24 ? 36  GLU A CA  1 
ATOM   296  C  CA  B GLU A 1 39  ? -16.423 9.772   3.690   0.50 40.88 ? 36  GLU A CA  1 
ATOM   297  C  C   A GLU A 1 39  ? -16.538 8.821   4.800   0.50 40.47 ? 36  GLU A C   1 
ATOM   298  C  C   B GLU A 1 39  ? -16.450 8.702   4.793   0.50 40.78 ? 36  GLU A C   1 
ATOM   299  O  O   A GLU A 1 39  ? -15.531 8.759   5.520   0.50 40.74 ? 36  GLU A O   1 
ATOM   300  O  O   B GLU A 1 39  ? -15.453 8.519   5.507   0.50 40.91 ? 36  GLU A O   1 
ATOM   301  C  CB  A GLU A 1 39  ? -17.592 11.021  4.079   0.50 40.20 ? 36  GLU A CB  1 
ATOM   302  C  CB  B GLU A 1 39  ? -17.033 11.082  4.211   0.50 41.10 ? 36  GLU A CB  1 
ATOM   303  C  CG  A GLU A 1 39  ? -19.107 10.755  3.817   0.50 39.55 ? 36  GLU A CG  1 
ATOM   304  C  CG  B GLU A 1 39  ? -16.304 12.356  3.768   0.50 42.60 ? 36  GLU A CG  1 
ATOM   305  C  CD  A GLU A 1 39  ? -19.665 11.282  2.464   0.50 38.94 ? 36  GLU A CD  1 
ATOM   306  C  CD  B GLU A 1 39  ? -15.480 13.012  4.888   0.50 44.94 ? 36  GLU A CD  1 
ATOM   307  O  OE1 A GLU A 1 39  ? -18.981 11.227  1.405   0.50 36.22 ? 36  GLU A OE1 1 
ATOM   308  O  OE1 B GLU A 1 39  ? -15.966 13.109  6.039   0.50 45.19 ? 36  GLU A OE1 1 
ATOM   309  O  OE2 A GLU A 1 39  ? -20.836 11.727  2.475   0.50 37.44 ? 36  GLU A OE2 1 
ATOM   310  O  OE2 B GLU A 1 39  ? -14.348 13.455  4.612   0.50 45.56 ? 36  GLU A OE2 1 
ATOM   311  N  N   . GLU A 1 40  ? -17.572 8.000   4.937   1.00 40.29 ? 37  GLU A N   1 
ATOM   312  C  CA  . GLU A 1 40  ? -17.676 7.001   5.987   1.00 40.18 ? 37  GLU A CA  1 
ATOM   313  C  C   . GLU A 1 40  ? -16.816 5.763   5.722   1.00 39.54 ? 37  GLU A C   1 
ATOM   314  O  O   . GLU A 1 40  ? -16.283 5.157   6.653   1.00 38.72 ? 37  GLU A O   1 
ATOM   315  C  CB  . GLU A 1 40  ? -19.129 6.578   6.158   1.00 40.81 ? 37  GLU A CB  1 
ATOM   316  C  CG  . GLU A 1 40  ? -19.979 7.505   6.995   1.00 43.44 ? 37  GLU A CG  1 
ATOM   317  C  CD  . GLU A 1 40  ? -21.281 6.828   7.447   1.00 47.46 ? 37  GLU A CD  1 
ATOM   318  O  OE1 . GLU A 1 40  ? -21.216 5.676   7.937   1.00 47.54 ? 37  GLU A OE1 1 
ATOM   319  O  OE2 . GLU A 1 40  ? -22.363 7.445   7.310   1.00 48.38 ? 37  GLU A OE2 1 
ATOM   320  N  N   . GLN A 1 41  ? -16.730 5.375   4.451   1.00 38.94 ? 38  GLN A N   1 
ATOM   321  C  CA  . GLN A 1 41  ? -15.844 4.308   4.013   1.00 38.67 ? 38  GLN A CA  1 
ATOM   322  C  C   . GLN A 1 41  ? -14.382 4.658   4.316   1.00 39.46 ? 38  GLN A C   1 
ATOM   323  O  O   . GLN A 1 41  ? -13.648 3.851   4.899   1.00 39.47 ? 38  GLN A O   1 
ATOM   324  C  CB  . GLN A 1 41  ? -16.025 4.051   2.527   1.00 38.31 ? 38  GLN A CB  1 
ATOM   325  C  CG  . GLN A 1 41  ? -17.355 3.402   2.180   1.00 35.99 ? 38  GLN A CG  1 
ATOM   326  C  CD  . GLN A 1 41  ? -17.509 3.188   0.706   1.00 33.82 ? 38  GLN A CD  1 
ATOM   327  O  OE1 . GLN A 1 41  ? -17.422 4.128   -0.086  1.00 32.21 ? 38  GLN A OE1 1 
ATOM   328  N  NE2 . GLN A 1 41  ? -17.733 1.942   0.317   1.00 32.38 ? 38  GLN A NE2 1 
ATOM   329  N  N   . GLN A 1 42  ? -13.980 5.876   3.949   1.00 39.77 ? 39  GLN A N   1 
ATOM   330  C  CA  . GLN A 1 42  ? -12.626 6.382   4.217   1.00 39.18 ? 39  GLN A CA  1 
ATOM   331  C  C   . GLN A 1 42  ? -12.294 6.408   5.704   1.00 38.82 ? 39  GLN A C   1 
ATOM   332  O  O   . GLN A 1 42  ? -11.158 6.137   6.087   1.00 39.41 ? 39  GLN A O   1 
ATOM   333  C  CB  . GLN A 1 42  ? -12.449 7.787   3.635   1.00 39.17 ? 39  GLN A CB  1 
ATOM   334  C  CG  . GLN A 1 42  ? -12.591 7.885   2.125   1.00 39.05 ? 39  GLN A CG  1 
ATOM   335  C  CD  . GLN A 1 42  ? -12.579 9.326   1.645   1.00 39.52 ? 39  GLN A CD  1 
ATOM   336  O  OE1 . GLN A 1 42  ? -13.220 10.193  2.237   1.00 40.66 ? 39  GLN A OE1 1 
ATOM   337  N  NE2 . GLN A 1 42  ? -11.852 9.587   0.571   1.00 39.87 ? 39  GLN A NE2 1 
ATOM   338  N  N   A GLU A 1 43  ? -13.288 6.725   6.530   0.50 38.47 ? 40  GLU A N   1 
ATOM   339  N  N   B GLU A 1 43  ? -13.278 6.745   6.533   0.50 38.55 ? 40  GLU A N   1 
ATOM   340  C  CA  A GLU A 1 43  ? -13.109 6.803   7.977   0.50 38.37 ? 40  GLU A CA  1 
ATOM   341  C  CA  B GLU A 1 43  ? -13.096 6.787   7.983   0.50 38.44 ? 40  GLU A CA  1 
ATOM   342  C  C   A GLU A 1 43  ? -12.891 5.430   8.605   0.50 37.79 ? 40  GLU A C   1 
ATOM   343  C  C   B GLU A 1 43  ? -12.845 5.410   8.565   0.50 37.87 ? 40  GLU A C   1 
ATOM   344  O  O   A GLU A 1 43  ? -12.070 5.288   9.506   0.50 37.95 ? 40  GLU A O   1 
ATOM   345  O  O   B GLU A 1 43  ? -11.962 5.245   9.401   0.50 38.02 ? 40  GLU A O   1 
ATOM   346  C  CB  A GLU A 1 43  ? -14.295 7.525   8.643   0.50 38.39 ? 40  GLU A CB  1 
ATOM   347  C  CB  B GLU A 1 43  ? -14.307 7.428   8.676   0.50 38.77 ? 40  GLU A CB  1 
ATOM   348  C  CG  A GLU A 1 43  ? -14.295 9.047   8.435   0.50 39.10 ? 40  GLU A CG  1 
ATOM   349  C  CG  B GLU A 1 43  ? -14.036 8.789   9.305   0.50 40.50 ? 40  GLU A CG  1 
ATOM   350  C  CD  A GLU A 1 43  ? -15.662 9.719   8.648   0.50 39.32 ? 40  GLU A CD  1 
ATOM   351  C  CD  B GLU A 1 43  ? -13.918 8.728   10.820  0.50 43.32 ? 40  GLU A CD  1 
ATOM   352  O  OE1 A GLU A 1 43  ? -16.640 9.050   9.070   0.50 39.28 ? 40  GLU A OE1 1 
ATOM   353  O  OE1 B GLU A 1 43  ? -12.935 9.278   11.361  0.50 43.85 ? 40  GLU A OE1 1 
ATOM   354  O  OE2 A GLU A 1 43  ? -15.746 10.939  8.383   0.50 40.19 ? 40  GLU A OE2 1 
ATOM   355  O  OE2 B GLU A 1 43  ? -14.813 8.140   11.477  0.50 45.34 ? 40  GLU A OE2 1 
ATOM   356  N  N   . ALA A 1 44  ? -13.632 4.429   8.132   1.00 37.28 ? 41  ALA A N   1 
ATOM   357  C  CA  . ALA A 1 44  ? -13.482 3.054   8.604   1.00 36.60 ? 41  ALA A CA  1 
ATOM   358  C  C   . ALA A 1 44  ? -12.148 2.447   8.167   1.00 36.01 ? 41  ALA A C   1 
ATOM   359  O  O   . ALA A 1 44  ? -11.459 1.827   8.960   1.00 35.33 ? 41  ALA A O   1 
ATOM   360  C  CB  . ALA A 1 44  ? -14.626 2.202   8.117   1.00 36.42 ? 41  ALA A CB  1 
ATOM   361  N  N   . TRP A 1 45  ? -11.813 2.631   6.894   1.00 35.84 ? 42  TRP A N   1 
ATOM   362  C  CA  . TRP A 1 45  ? -10.524 2.226   6.336   1.00 35.79 ? 42  TRP A CA  1 
ATOM   363  C  C   . TRP A 1 45  ? -9.362  2.813   7.169   1.00 36.09 ? 42  TRP A C   1 
ATOM   364  O  O   . TRP A 1 45  ? -8.546  2.052   7.673   1.00 36.13 ? 42  TRP A O   1 
ATOM   365  C  CB  . TRP A 1 45  ? -10.448 2.679   4.881   1.00 35.12 ? 42  TRP A CB  1 
ATOM   366  C  CG  . TRP A 1 45  ? -9.287  2.202   4.084   1.00 34.47 ? 42  TRP A CG  1 
ATOM   367  C  CD1 . TRP A 1 45  ? -8.185  1.488   4.525   1.00 34.33 ? 42  TRP A CD1 1 
ATOM   368  C  CD2 . TRP A 1 45  ? -9.075  2.449   2.698   1.00 32.78 ? 42  TRP A CD2 1 
ATOM   369  N  NE1 . TRP A 1 45  ? -7.317  1.266   3.479   1.00 32.13 ? 42  TRP A NE1 1 
ATOM   370  C  CE2 . TRP A 1 45  ? -7.837  1.848   2.346   1.00 32.96 ? 42  TRP A CE2 1 
ATOM   371  C  CE3 . TRP A 1 45  ? -9.816  3.107   1.708   1.00 31.55 ? 42  TRP A CE3 1 
ATOM   372  C  CZ2 . TRP A 1 45  ? -7.324  1.898   1.035   1.00 33.54 ? 42  TRP A CZ2 1 
ATOM   373  C  CZ3 . TRP A 1 45  ? -9.304  3.156   0.410   1.00 32.81 ? 42  TRP A CZ3 1 
ATOM   374  C  CH2 . TRP A 1 45  ? -8.066  2.559   0.090   1.00 33.89 ? 42  TRP A CH2 1 
ATOM   375  N  N   . ALA A 1 46  ? -9.310  4.145   7.319   1.00 36.16 ? 43  ALA A N   1 
ATOM   376  C  CA  . ALA A 1 46  ? -8.274  4.817   8.108   1.00 36.60 ? 43  ALA A CA  1 
ATOM   377  C  C   . ALA A 1 46  ? -8.253  4.435   9.582   1.00 37.30 ? 43  ALA A C   1 
ATOM   378  O  O   . ALA A 1 46  ? -7.210  4.503   10.229  1.00 37.50 ? 43  ALA A O   1 
ATOM   379  C  CB  . ALA A 1 46  ? -8.415  6.313   8.000   1.00 36.63 ? 43  ALA A CB  1 
ATOM   380  N  N   . SER A 1 47  ? -9.405  4.051   10.122  1.00 37.77 ? 44  SER A N   1 
ATOM   381  C  CA  . SER A 1 47  ? -9.524  3.825   11.549  1.00 38.30 ? 44  SER A CA  1 
ATOM   382  C  C   . SER A 1 47  ? -8.671  2.634   11.956  1.00 38.33 ? 44  SER A C   1 
ATOM   383  O  O   . SER A 1 47  ? -8.534  2.362   13.139  1.00 38.75 ? 44  SER A O   1 
ATOM   384  C  CB  . SER A 1 47  ? -11.001 3.630   11.980  1.00 38.63 ? 44  SER A CB  1 
ATOM   385  O  OG  . SER A 1 47  ? -11.429 2.274   11.796  1.00 39.29 ? 44  SER A OG  1 
ATOM   386  N  N   . ALA A 1 48  ? -8.103  1.922   10.982  1.00 38.31 ? 45  ALA A N   1 
ATOM   387  C  CA  . ALA A 1 48  ? -7.241  0.784   11.297  1.00 38.65 ? 45  ALA A CA  1 
ATOM   388  C  C   . ALA A 1 48  ? -5.961  1.211   12.033  1.00 39.11 ? 45  ALA A C   1 
ATOM   389  O  O   . ALA A 1 48  ? -5.400  0.443   12.823  1.00 39.65 ? 45  ALA A O   1 
ATOM   390  C  CB  . ALA A 1 48  ? -6.921  -0.013  10.047  1.00 38.68 ? 45  ALA A CB  1 
ATOM   391  N  N   . ALA A 1 49  ? -5.525  2.446   11.808  1.00 39.28 ? 46  ALA A N   1 
ATOM   392  C  CA  . ALA A 1 49  ? -4.354  2.985   12.493  1.00 39.91 ? 46  ALA A CA  1 
ATOM   393  C  C   . ALA A 1 49  ? -4.643  3.424   13.952  1.00 40.66 ? 46  ALA A C   1 
ATOM   394  O  O   . ALA A 1 49  ? -3.721  3.830   14.683  1.00 40.33 ? 46  ALA A O   1 
ATOM   395  C  CB  . ALA A 1 49  ? -3.752  4.128   11.679  1.00 39.59 ? 46  ALA A CB  1 
ATOM   396  N  N   . ASP A 1 50  ? -5.922  3.336   14.343  1.00 41.42 ? 47  ASP A N   1 
ATOM   397  C  CA  . ASP A 1 50  ? -6.411  3.649   15.692  1.00 42.54 ? 47  ASP A CA  1 
ATOM   398  C  C   . ASP A 1 50  ? -5.871  2.692   16.740  1.00 42.82 ? 47  ASP A C   1 
ATOM   399  O  O   . ASP A 1 50  ? -5.395  3.130   17.795  1.00 42.91 ? 47  ASP A O   1 
ATOM   400  C  CB  . ASP A 1 50  ? -7.950  3.600   15.756  1.00 42.77 ? 47  ASP A CB  1 
ATOM   401  C  CG  . ASP A 1 50  ? -8.612  4.854   15.211  1.00 43.49 ? 47  ASP A CG  1 
ATOM   402  O  OD1 . ASP A 1 50  ? -7.885  5.773   14.785  1.00 44.80 ? 47  ASP A OD1 1 
ATOM   403  O  OD2 . ASP A 1 50  ? -9.867  4.902   15.202  1.00 44.29 ? 47  ASP A OD2 1 
ATOM   404  N  N   A ASP A 1 51  ? -5.980  1.392   16.478  0.60 42.82 ? 48  ASP A N   1 
ATOM   405  N  N   B ASP A 1 51  ? -5.972  1.394   16.443  0.40 43.11 ? 48  ASP A N   1 
ATOM   406  C  CA  A ASP A 1 51  ? -5.382  0.391   17.350  0.60 43.04 ? 48  ASP A CA  1 
ATOM   407  C  CA  B ASP A 1 51  ? -5.379  0.338   17.254  0.40 43.52 ? 48  ASP A CA  1 
ATOM   408  C  C   A ASP A 1 51  ? -3.888  0.325   17.030  0.60 43.41 ? 48  ASP A C   1 
ATOM   409  C  C   B ASP A 1 51  ? -3.871  0.337   16.988  0.40 43.70 ? 48  ASP A C   1 
ATOM   410  O  O   A ASP A 1 51  ? -3.443  -0.461  16.184  0.60 43.48 ? 48  ASP A O   1 
ATOM   411  O  O   B ASP A 1 51  ? -3.387  -0.409  16.130  0.40 43.70 ? 48  ASP A O   1 
ATOM   412  C  CB  A ASP A 1 51  ? -6.065  -0.971  17.172  0.60 42.84 ? 48  ASP A CB  1 
ATOM   413  C  CB  B ASP A 1 51  ? -5.970  -1.043  16.896  0.40 43.60 ? 48  ASP A CB  1 
ATOM   414  C  CG  A ASP A 1 51  ? -5.627  -1.994  18.212  0.60 42.74 ? 48  ASP A CG  1 
ATOM   415  C  CG  B ASP A 1 51  ? -7.442  -0.987  16.478  0.40 44.43 ? 48  ASP A CG  1 
ATOM   416  O  OD1 A ASP A 1 51  ? -4.764  -1.681  19.073  0.60 41.53 ? 48  ASP A OD1 1 
ATOM   417  O  OD1 B ASP A 1 51  ? -7.748  -0.460  15.381  0.40 44.82 ? 48  ASP A OD1 1 
ATOM   418  O  OD2 A ASP A 1 51  ? -6.142  -3.131  18.148  0.60 42.42 ? 48  ASP A OD2 1 
ATOM   419  O  OD2 B ASP A 1 51  ? -8.292  -1.506  17.237  0.40 45.01 ? 48  ASP A OD2 1 
ATOM   420  N  N   . GLU A 1 52  ? -3.134  1.178   17.712  1.00 43.65 ? 49  GLU A N   1 
ATOM   421  C  CA  . GLU A 1 52  ? -1.697  1.377   17.457  1.00 44.98 ? 49  GLU A CA  1 
ATOM   422  C  C   . GLU A 1 52  ? -0.839  0.117   17.522  1.00 44.42 ? 49  GLU A C   1 
ATOM   423  O  O   . GLU A 1 52  ? -0.021  -0.133  16.634  1.00 44.70 ? 49  GLU A O   1 
ATOM   424  C  CB  . GLU A 1 52  ? -1.139  2.479   18.373  1.00 44.78 ? 49  GLU A CB  1 
ATOM   425  C  CG  . GLU A 1 52  ? -1.848  3.822   18.145  1.00 46.96 ? 49  GLU A CG  1 
ATOM   426  C  CD  . GLU A 1 52  ? -1.239  5.004   18.899  1.00 48.04 ? 49  GLU A CD  1 
ATOM   427  O  OE1 . GLU A 1 52  ? -0.126  4.870   19.477  1.00 51.96 ? 49  GLU A OE1 1 
ATOM   428  O  OE2 . GLU A 1 52  ? -1.892  6.075   18.909  1.00 50.46 ? 49  GLU A OE2 1 
ATOM   429  N  N   . ALA A 1 53  ? -1.052  -0.680  18.559  1.00 44.21 ? 50  ALA A N   1 
ATOM   430  C  CA  . ALA A 1 53  ? -0.318  -1.929  18.750  1.00 43.65 ? 50  ALA A CA  1 
ATOM   431  C  C   . ALA A 1 53  ? -0.559  -2.939  17.619  1.00 42.67 ? 50  ALA A C   1 
ATOM   432  O  O   . ALA A 1 53  ? 0.375   -3.607  17.150  1.00 42.72 ? 50  ALA A O   1 
ATOM   433  C  CB  . ALA A 1 53  ? -0.651  -2.543  20.131  1.00 43.61 ? 50  ALA A CB  1 
ATOM   434  N  N   . LYS A 1 54  ? -1.810  -3.030  17.191  1.00 41.65 ? 51  LYS A N   1 
ATOM   435  C  CA  . LYS A 1 54  ? -2.256  -3.987  16.173  1.00 40.96 ? 51  LYS A CA  1 
ATOM   436  C  C   . LYS A 1 54  ? -1.906  -3.505  14.750  1.00 39.66 ? 51  LYS A C   1 
ATOM   437  O  O   . LYS A 1 54  ? -1.576  -4.307  13.870  1.00 39.38 ? 51  LYS A O   1 
ATOM   438  C  CB  . LYS A 1 54  ? -3.765  -4.223  16.348  1.00 40.76 ? 51  LYS A CB  1 
ATOM   439  C  CG  . LYS A 1 54  ? -4.413  -5.184  15.367  1.00 42.17 ? 51  LYS A CG  1 
ATOM   440  C  CD  . LYS A 1 54  ? -5.912  -5.323  15.646  1.00 43.27 ? 51  LYS A CD  1 
ATOM   441  C  CE  . LYS A 1 54  ? -6.679  -5.752  14.376  1.00 47.25 ? 51  LYS A CE  1 
ATOM   442  N  NZ  . LYS A 1 54  ? -6.080  -7.015  13.793  1.00 50.00 ? 51  LYS A NZ  1 
ATOM   443  N  N   . PHE A 1 55  ? -1.985  -2.198  14.527  1.00 38.40 ? 52  PHE A N   1 
ATOM   444  C  CA  . PHE A 1 55  ? -1.449  -1.605  13.295  1.00 37.63 ? 52  PHE A CA  1 
ATOM   445  C  C   . PHE A 1 55  ? 0.068   -1.864  13.164  1.00 36.73 ? 52  PHE A C   1 
ATOM   446  O  O   . PHE A 1 55  ? 0.535   -2.307  12.126  1.00 36.47 ? 52  PHE A O   1 
ATOM   447  C  CB  . PHE A 1 55  ? -1.755  -0.104  13.214  1.00 37.19 ? 52  PHE A CB  1 
ATOM   448  C  CG  . PHE A 1 55  ? -1.419  0.512   11.884  1.00 37.30 ? 52  PHE A CG  1 
ATOM   449  C  CD1 . PHE A 1 55  ? -2.264  0.334   10.784  1.00 37.10 ? 52  PHE A CD1 1 
ATOM   450  C  CD2 . PHE A 1 55  ? -0.257  1.266   11.723  1.00 36.95 ? 52  PHE A CD2 1 
ATOM   451  C  CE1 . PHE A 1 55  ? -1.950  0.889   9.536   1.00 35.87 ? 52  PHE A CE1 1 
ATOM   452  C  CE2 . PHE A 1 55  ? 0.063   1.834   10.476  1.00 38.06 ? 52  PHE A CE2 1 
ATOM   453  C  CZ  . PHE A 1 55  ? -0.785  1.642   9.386   1.00 36.47 ? 52  PHE A CZ  1 
ATOM   454  N  N   . ALA A 1 56  ? 0.814   -1.594  14.234  1.00 35.92 ? 53  ALA A N   1 
ATOM   455  C  CA  . ALA A 1 56  ? 2.245   -1.850  14.283  1.00 35.12 ? 53  ALA A CA  1 
ATOM   456  C  C   . ALA A 1 56  ? 2.590   -3.346  14.170  1.00 34.48 ? 53  ALA A C   1 
ATOM   457  O  O   . ALA A 1 56  ? 3.516   -3.705  13.476  1.00 34.28 ? 53  ALA A O   1 
ATOM   458  C  CB  . ALA A 1 56  ? 2.846   -1.229  15.549  1.00 35.66 ? 53  ALA A CB  1 
ATOM   459  N  N   . ALA A 1 57  ? 1.825   -4.220  14.816  1.00 34.06 ? 54  ALA A N   1 
ATOM   460  C  CA  . ALA A 1 57  ? 2.050   -5.673  14.708  1.00 33.85 ? 54  ALA A CA  1 
ATOM   461  C  C   . ALA A 1 57  ? 1.892   -6.218  13.287  1.00 33.90 ? 54  ALA A C   1 
ATOM   462  O  O   . ALA A 1 57  ? 2.630   -7.128  12.872  1.00 34.25 ? 54  ALA A O   1 
ATOM   463  C  CB  . ALA A 1 57  ? 1.164   -6.452  15.690  1.00 33.24 ? 54  ALA A CB  1 
ATOM   464  N  N   . ARG A 1 58  ? 0.929   -5.685  12.543  1.00 33.96 ? 55  ARG A N   1 
ATOM   465  C  CA  . ARG A 1 58  ? 0.696   -6.122  11.168  1.00 34.34 ? 55  ARG A CA  1 
ATOM   466  C  C   . ARG A 1 58  ? 1.921   -5.778  10.306  1.00 34.29 ? 55  ARG A C   1 
ATOM   467  O  O   . ARG A 1 58  ? 2.356   -6.568  9.498   1.00 34.78 ? 55  ARG A O   1 
ATOM   468  C  CB  . ARG A 1 58  ? -0.586  -5.474  10.618  1.00 34.68 ? 55  ARG A CB  1 
ATOM   469  C  CG  . ARG A 1 58  ? -0.965  -5.830  9.193   1.00 35.57 ? 55  ARG A CG  1 
ATOM   470  C  CD  . ARG A 1 58  ? -2.123  -4.946  8.773   1.00 40.90 ? 55  ARG A CD  1 
ATOM   471  N  NE  . ARG A 1 58  ? -2.582  -5.189  7.398   1.00 45.58 ? 55  ARG A NE  1 
ATOM   472  C  CZ  . ARG A 1 58  ? -3.632  -4.582  6.838   1.00 47.88 ? 55  ARG A CZ  1 
ATOM   473  N  NH1 . ARG A 1 58  ? -4.341  -3.689  7.524   1.00 48.53 ? 55  ARG A NH1 1 
ATOM   474  N  NH2 . ARG A 1 58  ? -3.976  -4.858  5.585   1.00 48.62 ? 55  ARG A NH2 1 
ATOM   475  N  N   . LEU A 1 59  ? 2.466   -4.590  10.518  1.00 34.57 ? 56  LEU A N   1 
ATOM   476  C  CA  . LEU A 1 59  ? 3.646   -4.097  9.848   1.00 34.41 ? 56  LEU A CA  1 
ATOM   477  C  C   . LEU A 1 59  ? 4.911   -4.866  10.217  1.00 34.57 ? 56  LEU A C   1 
ATOM   478  O  O   . LEU A 1 59  ? 5.648   -5.313  9.336   1.00 35.11 ? 56  LEU A O   1 
ATOM   479  C  CB  . LEU A 1 59  ? 3.819   -2.614  10.207  1.00 34.47 ? 56  LEU A CB  1 
ATOM   480  C  CG  . LEU A 1 59  ? 3.329   -1.598  9.159   1.00 35.23 ? 56  LEU A CG  1 
ATOM   481  C  CD1 . LEU A 1 59  ? 2.108   -2.092  8.528   1.00 35.53 ? 56  LEU A CD1 1 
ATOM   482  C  CD2 . LEU A 1 59  ? 3.063   -0.254  9.761   1.00 34.15 ? 56  LEU A CD2 1 
ATOM   483  N  N   . SER A 1 60  ? 5.162   -5.015  11.514  1.00 34.27 ? 57  SER A N   1 
ATOM   484  C  CA  . SER A 1 60  ? 6.403   -5.600  12.015  1.00 34.48 ? 57  SER A CA  1 
ATOM   485  C  C   . SER A 1 60  ? 6.486   -7.103  11.767  1.00 33.71 ? 57  SER A C   1 
ATOM   486  O  O   . SER A 1 60  ? 7.572   -7.668  11.717  1.00 33.48 ? 57  SER A O   1 
ATOM   487  C  CB  . SER A 1 60  ? 6.590   -5.282  13.511  1.00 34.40 ? 57  SER A CB  1 
ATOM   488  O  OG  . SER A 1 60  ? 5.714   -6.066  14.311  1.00 35.88 ? 57  SER A OG  1 
ATOM   489  N  N   . GLY A 1 61  ? 5.330   -7.734  11.590  1.00 33.87 ? 58  GLY A N   1 
ATOM   490  C  CA  . GLY A 1 61  ? 5.257   -9.174  11.371  1.00 33.54 ? 58  GLY A CA  1 
ATOM   491  C  C   . GLY A 1 61  ? 5.162   -9.527  9.898   1.00 33.72 ? 58  GLY A C   1 
ATOM   492  O  O   . GLY A 1 61  ? 5.056   -10.706 9.537   1.00 33.50 ? 58  GLY A O   1 
ATOM   493  N  N   . GLN A 1 62  ? 5.197   -8.495  9.050   1.00 33.65 ? 59  GLN A N   1 
ATOM   494  C  CA  . GLN A 1 62  ? 5.256   -8.654  7.597   1.00 33.35 ? 59  GLN A CA  1 
ATOM   495  C  C   . GLN A 1 62  ? 6.594   -8.122  7.067   1.00 32.83 ? 59  GLN A C   1 
ATOM   496  O  O   . GLN A 1 62  ? 7.462   -7.709  7.843   1.00 32.75 ? 59  GLN A O   1 
ATOM   497  C  CB  . GLN A 1 62  ? 4.067   -7.944  6.956   1.00 33.32 ? 59  GLN A CB  1 
ATOM   498  C  CG  . GLN A 1 62  ? 2.743   -8.712  7.137   1.00 34.54 ? 59  GLN A CG  1 
ATOM   499  C  CD  . GLN A 1 62  ? 1.490   -7.896  6.790   1.00 33.84 ? 59  GLN A CD  1 
ATOM   500  O  OE1 . GLN A 1 62  ? 1.557   -6.837  6.142   1.00 35.14 ? 59  GLN A OE1 1 
ATOM   501  N  NE2 . GLN A 1 62  ? 0.340   -8.384  7.242   1.00 33.46 ? 59  GLN A NE2 1 
ATOM   502  N  N   . LEU A 1 63  ? 6.788   -8.159  5.758   1.00 32.38 ? 60  LEU A N   1 
ATOM   503  C  CA  . LEU A 1 63  ? 7.973   -7.518  5.175   1.00 32.19 ? 60  LEU A CA  1 
ATOM   504  C  C   . LEU A 1 63  ? 7.597   -6.125  4.682   1.00 32.22 ? 60  LEU A C   1 
ATOM   505  O  O   . LEU A 1 63  ? 6.999   -5.971  3.622   1.00 32.26 ? 60  LEU A O   1 
ATOM   506  C  CB  . LEU A 1 63  ? 8.614   -8.373  4.068   1.00 31.53 ? 60  LEU A CB  1 
ATOM   507  C  CG  . LEU A 1 63  ? 8.957   -9.850  4.330   1.00 32.02 ? 60  LEU A CG  1 
ATOM   508  C  CD1 . LEU A 1 63  ? 9.751   -10.395 3.144   1.00 32.23 ? 60  LEU A CD1 1 
ATOM   509  C  CD2 . LEU A 1 63  ? 9.756   -10.068 5.626   1.00 31.61 ? 60  LEU A CD2 1 
ATOM   510  N  N   . THR A 1 64  ? 7.946   -5.123  5.484   1.00 32.46 ? 61  THR A N   1 
ATOM   511  C  CA  . THR A 1 64  ? 7.473   -3.754  5.315   1.00 32.25 ? 61  THR A CA  1 
ATOM   512  C  C   . THR A 1 64  ? 8.637   -2.817  5.024   1.00 32.34 ? 61  THR A C   1 
ATOM   513  O  O   . THR A 1 64  ? 9.589   -2.726  5.796   1.00 32.44 ? 61  THR A O   1 
ATOM   514  C  CB  . THR A 1 64  ? 6.681   -3.258  6.588   1.00 32.32 ? 61  THR A CB  1 
ATOM   515  O  OG1 . THR A 1 64  ? 5.675   -4.210  6.914   1.00 30.67 ? 61  THR A OG1 1 
ATOM   516  C  CG2 . THR A 1 64  ? 6.014   -1.902  6.352   1.00 31.33 ? 61  THR A CG2 1 
ATOM   517  N  N   . LEU A 1 65  ? 8.537   -2.124  3.898   1.00 32.18 ? 62  LEU A N   1 
ATOM   518  C  CA  . LEU A 1 65  ? 9.567   -1.208  3.444   1.00 32.27 ? 62  LEU A CA  1 
ATOM   519  C  C   . LEU A 1 65  ? 9.036   0.209   3.495   1.00 32.22 ? 62  LEU A C   1 
ATOM   520  O  O   . LEU A 1 65  ? 7.862   0.439   3.218   1.00 31.83 ? 62  LEU A O   1 
ATOM   521  C  CB  . LEU A 1 65  ? 9.994   -1.558  2.006   1.00 32.14 ? 62  LEU A CB  1 
ATOM   522  C  CG  . LEU A 1 65  ? 10.823  -2.836  1.756   1.00 31.70 ? 62  LEU A CG  1 
ATOM   523  C  CD1 . LEU A 1 65  ? 10.799  -3.247  0.274   1.00 27.72 ? 62  LEU A CD1 1 
ATOM   524  C  CD2 . LEU A 1 65  ? 12.259  -2.629  2.260   1.00 27.72 ? 62  LEU A CD2 1 
ATOM   525  N  N   . ILE A 1 66  ? 9.914   1.149   3.836   1.00 32.70 ? 63  ILE A N   1 
ATOM   526  C  CA  . ILE A 1 66  ? 9.585   2.558   3.879   1.00 32.91 ? 63  ILE A CA  1 
ATOM   527  C  C   . ILE A 1 66  ? 10.363  3.314   2.807   1.00 33.85 ? 63  ILE A C   1 
ATOM   528  O  O   . ILE A 1 66  ? 11.584  3.208   2.736   1.00 33.99 ? 63  ILE A O   1 
ATOM   529  C  CB  . ILE A 1 66  ? 9.888   3.148   5.260   1.00 32.86 ? 63  ILE A CB  1 
ATOM   530  C  CG1 . ILE A 1 66  ? 8.914   2.571   6.287   1.00 32.75 ? 63  ILE A CG1 1 
ATOM   531  C  CG2 . ILE A 1 66  ? 9.805   4.680   5.231   1.00 32.03 ? 63  ILE A CG2 1 
ATOM   532  C  CD1 . ILE A 1 66  ? 9.037   3.179   7.638   1.00 33.40 ? 63  ILE A CD1 1 
ATOM   533  N  N   . ALA A 1 67  ? 9.647   4.067   1.969   1.00 34.87 ? 64  ALA A N   1 
ATOM   534  C  CA  . ALA A 1 67  ? 10.278  4.920   0.964   1.00 35.44 ? 64  ALA A CA  1 
ATOM   535  C  C   . ALA A 1 67  ? 10.596  6.277   1.574   1.00 36.63 ? 64  ALA A C   1 
ATOM   536  O  O   . ALA A 1 67  ? 9.745   6.893   2.233   1.00 36.75 ? 64  ALA A O   1 
ATOM   537  C  CB  . ALA A 1 67  ? 9.404   5.069   -0.253  1.00 34.44 ? 64  ALA A CB  1 
ATOM   538  N  N   . THR A 1 68  ? 11.833  6.728   1.367   1.00 37.87 ? 65  THR A N   1 
ATOM   539  C  CA  . THR A 1 68  ? 12.276  8.037   1.848   1.00 38.98 ? 65  THR A CA  1 
ATOM   540  C  C   . THR A 1 68  ? 12.672  8.981   0.698   1.00 39.68 ? 65  THR A C   1 
ATOM   541  O  O   . THR A 1 68  ? 13.077  8.540   -0.379  1.00 39.66 ? 65  THR A O   1 
ATOM   542  C  CB  . THR A 1 68  ? 13.402  7.932   2.949   1.00 38.71 ? 65  THR A CB  1 
ATOM   543  O  OG1 . THR A 1 68  ? 14.319  6.884   2.623   1.00 41.54 ? 65  THR A OG1 1 
ATOM   544  C  CG2 . THR A 1 68  ? 12.823  7.598   4.284   1.00 38.11 ? 65  THR A CG2 1 
ATOM   545  N  N   . LEU A 1 69  ? 12.479  10.280  0.921   1.00 41.04 ? 66  LEU A N   1 
ATOM   546  C  CA  . LEU A 1 69  ? 13.056  11.329  0.075   1.00 42.09 ? 66  LEU A CA  1 
ATOM   547  C  C   . LEU A 1 69  ? 13.677  12.326  1.041   1.00 43.52 ? 66  LEU A C   1 
ATOM   548  O  O   . LEU A 1 69  ? 13.038  12.697  2.029   1.00 43.94 ? 66  LEU A O   1 
ATOM   549  C  CB  . LEU A 1 69  ? 12.007  12.006  -0.798  1.00 41.78 ? 66  LEU A CB  1 
ATOM   550  C  CG  . LEU A 1 69  ? 11.289  11.151  -1.848  1.00 41.17 ? 66  LEU A CG  1 
ATOM   551  C  CD1 . LEU A 1 69  ? 10.121  11.933  -2.419  1.00 39.88 ? 66  LEU A CD1 1 
ATOM   552  C  CD2 . LEU A 1 69  ? 12.229  10.677  -2.960  1.00 39.60 ? 66  LEU A CD2 1 
ATOM   553  N  N   . GLN A 1 70  ? 14.929  12.726  0.772   1.00 44.49 ? 67  GLN A N   1 
ATOM   554  C  CA  . GLN A 1 70  ? 15.796  13.460  1.731   1.00 45.21 ? 67  GLN A CA  1 
ATOM   555  C  C   . GLN A 1 70  ? 15.705  12.913  3.147   1.00 44.80 ? 67  GLN A C   1 
ATOM   556  O  O   . GLN A 1 70  ? 15.717  13.669  4.117   1.00 45.60 ? 67  GLN A O   1 
ATOM   557  C  CB  . GLN A 1 70  ? 15.571  14.993  1.735   1.00 45.60 ? 67  GLN A CB  1 
ATOM   558  C  CG  . GLN A 1 70  ? 14.835  15.605  0.527   1.00 49.19 ? 67  GLN A CG  1 
ATOM   559  C  CD  . GLN A 1 70  ? 15.258  15.024  -0.815  1.00 53.71 ? 67  GLN A CD  1 
ATOM   560  O  OE1 . GLN A 1 70  ? 14.420  14.791  -1.690  1.00 56.62 ? 67  GLN A OE1 1 
ATOM   561  N  NE2 . GLN A 1 70  ? 16.556  14.777  -0.981  1.00 54.02 ? 67  GLN A NE2 1 
ATOM   562  N  N   . GLY A 1 71  ? 15.618  11.593  3.263   1.00 44.70 ? 68  GLY A N   1 
ATOM   563  C  CA  . GLY A 1 71  ? 15.511  10.917  4.561   1.00 43.76 ? 68  GLY A CA  1 
ATOM   564  C  C   . GLY A 1 71  ? 14.184  11.116  5.281   1.00 43.34 ? 68  GLY A C   1 
ATOM   565  O  O   . GLY A 1 71  ? 14.051  10.743  6.457   1.00 43.60 ? 68  GLY A O   1 
ATOM   566  N  N   . VAL A 1 72  ? 13.204  11.715  4.607   1.00 42.45 ? 69  VAL A N   1 
ATOM   567  C  CA  . VAL A 1 72  ? 11.853  11.776  5.166   1.00 41.80 ? 69  VAL A CA  1 
ATOM   568  C  C   . VAL A 1 72  ? 10.957  10.679  4.567   1.00 40.36 ? 69  VAL A C   1 
ATOM   569  O  O   . VAL A 1 72  ? 10.887  10.536  3.343   1.00 39.96 ? 69  VAL A O   1 
ATOM   570  C  CB  . VAL A 1 72  ? 11.212  13.205  5.087   1.00 42.22 ? 69  VAL A CB  1 
ATOM   571  C  CG1 . VAL A 1 72  ? 11.131  13.715  3.660   1.00 43.60 ? 69  VAL A CG1 1 
ATOM   572  C  CG2 . VAL A 1 72  ? 9.807   13.228  5.744   1.00 42.74 ? 69  VAL A CG2 1 
ATOM   573  N  N   . PRO A 1 73  ? 10.297  9.881   5.433   1.00 39.24 ? 70  PRO A N   1 
ATOM   574  C  CA  . PRO A 1 73  ? 9.389   8.845   4.948   1.00 38.86 ? 70  PRO A CA  1 
ATOM   575  C  C   . PRO A 1 73  ? 8.189   9.440   4.199   1.00 38.12 ? 70  PRO A C   1 
ATOM   576  O  O   . PRO A 1 73  ? 7.505   10.330  4.719   1.00 38.28 ? 70  PRO A O   1 
ATOM   577  C  CB  . PRO A 1 73  ? 8.943   8.142   6.237   1.00 38.66 ? 70  PRO A CB  1 
ATOM   578  C  CG  . PRO A 1 73  ? 10.004  8.471   7.232   1.00 38.02 ? 70  PRO A CG  1 
ATOM   579  C  CD  . PRO A 1 73  ? 10.361  9.870   6.903   1.00 38.98 ? 70  PRO A CD  1 
ATOM   580  N  N   . VAL A 1 74  ? 7.962   8.941   2.987   1.00 36.61 ? 71  VAL A N   1 
ATOM   581  C  CA  . VAL A 1 74  ? 6.969   9.488   2.071   1.00 35.62 ? 71  VAL A CA  1 
ATOM   582  C  C   . VAL A 1 74  ? 6.018   8.401   1.545   1.00 34.94 ? 71  VAL A C   1 
ATOM   583  O  O   . VAL A 1 74  ? 5.126   8.701   0.755   1.00 34.94 ? 71  VAL A O   1 
ATOM   584  C  CB  . VAL A 1 74  ? 7.633   10.211  0.841   1.00 35.68 ? 71  VAL A CB  1 
ATOM   585  C  CG1 . VAL A 1 74  ? 8.481   11.397  1.294   1.00 36.63 ? 71  VAL A CG1 1 
ATOM   586  C  CG2 . VAL A 1 74  ? 8.463   9.257   -0.006  1.00 34.32 ? 71  VAL A CG2 1 
ATOM   587  N  N   . GLY A 1 75  ? 6.231   7.154   1.979   1.00 33.51 ? 72  GLY A N   1 
ATOM   588  C  CA  . GLY A 1 75  ? 5.477   6.005   1.490   1.00 32.05 ? 72  GLY A CA  1 
ATOM   589  C  C   . GLY A 1 75  ? 5.939   4.708   2.124   1.00 31.29 ? 72  GLY A C   1 
ATOM   590  O  O   . GLY A 1 75  ? 7.061   4.625   2.631   1.00 30.76 ? 72  GLY A O   1 
ATOM   591  N  N   . PHE A 1 76  ? 5.070   3.698   2.121   1.00 29.90 ? 73  PHE A N   1 
ATOM   592  C  CA  . PHE A 1 76  ? 5.448   2.369   2.592   1.00 29.60 ? 73  PHE A CA  1 
ATOM   593  C  C   . PHE A 1 76  ? 4.625   1.265   1.902   1.00 29.86 ? 73  PHE A C   1 
ATOM   594  O  O   . PHE A 1 76  ? 3.531   1.512   1.342   1.00 30.36 ? 73  PHE A O   1 
ATOM   595  C  CB  . PHE A 1 76  ? 5.362   2.259   4.135   1.00 29.50 ? 73  PHE A CB  1 
ATOM   596  C  CG  . PHE A 1 76  ? 3.956   2.110   4.648   1.00 29.81 ? 73  PHE A CG  1 
ATOM   597  C  CD1 . PHE A 1 76  ? 3.121   3.230   4.771   1.00 28.78 ? 73  PHE A CD1 1 
ATOM   598  C  CD2 . PHE A 1 76  ? 3.444   0.845   4.960   1.00 28.99 ? 73  PHE A CD2 1 
ATOM   599  C  CE1 . PHE A 1 76  ? 1.812   3.085   5.227   1.00 28.95 ? 73  PHE A CE1 1 
ATOM   600  C  CE2 . PHE A 1 76  ? 2.141   0.693   5.421   1.00 28.43 ? 73  PHE A CE2 1 
ATOM   601  C  CZ  . PHE A 1 76  ? 1.324   1.818   5.558   1.00 28.19 ? 73  PHE A CZ  1 
ATOM   602  N  N   . ALA A 1 77  ? 5.161   0.054   1.911   1.00 29.31 ? 74  ALA A N   1 
ATOM   603  C  CA  . ALA A 1 77  ? 4.427   -1.085  1.381   1.00 29.46 ? 74  ALA A CA  1 
ATOM   604  C  C   . ALA A 1 77  ? 4.782   -2.331  2.180   1.00 29.63 ? 74  ALA A C   1 
ATOM   605  O  O   . ALA A 1 77  ? 5.824   -2.384  2.831   1.00 29.00 ? 74  ALA A O   1 
ATOM   606  C  CB  . ALA A 1 77  ? 4.706   -1.275  -0.110  1.00 28.71 ? 74  ALA A CB  1 
ATOM   607  N  N   . SER A 1 78  ? 3.902   -3.326  2.124   1.00 30.65 ? 75  SER A N   1 
ATOM   608  C  CA  . SER A 1 78  ? 4.008   -4.479  2.988   1.00 31.59 ? 75  SER A CA  1 
ATOM   609  C  C   . SER A 1 78  ? 3.650   -5.756  2.271   1.00 33.01 ? 75  SER A C   1 
ATOM   610  O  O   . SER A 1 78  ? 2.572   -5.892  1.687   1.00 32.39 ? 75  SER A O   1 
ATOM   611  C  CB  . SER A 1 78  ? 3.122   -4.302  4.207   1.00 31.41 ? 75  SER A CB  1 
ATOM   612  O  OG  . SER A 1 78  ? 3.642   -4.999  5.324   1.00 32.20 ? 75  SER A OG  1 
ATOM   613  N  N   . LEU A 1 79  ? 4.587   -6.694  2.302   1.00 35.01 ? 76  LEU A N   1 
ATOM   614  C  CA  . LEU A 1 79  ? 4.335   -8.019  1.782   1.00 37.01 ? 76  LEU A CA  1 
ATOM   615  C  C   . LEU A 1 79  ? 3.917   -8.942  2.931   1.00 38.31 ? 76  LEU A C   1 
ATOM   616  O  O   . LEU A 1 79  ? 4.600   -9.014  3.956   1.00 38.16 ? 76  LEU A O   1 
ATOM   617  C  CB  . LEU A 1 79  ? 5.582   -8.550  1.065   1.00 37.03 ? 76  LEU A CB  1 
ATOM   618  C  CG  . LEU A 1 79  ? 5.461   -9.946  0.452   1.00 36.55 ? 76  LEU A CG  1 
ATOM   619  C  CD1 . LEU A 1 79  ? 4.802   -9.861  -0.917  1.00 35.10 ? 76  LEU A CD1 1 
ATOM   620  C  CD2 . LEU A 1 79  ? 6.858   -10.538 0.353   1.00 36.73 ? 76  LEU A CD2 1 
ATOM   621  N  N   . LYS A 1 80  ? 2.773   -9.605  2.770   1.00 40.11 ? 77  LYS A N   1 
ATOM   622  C  CA  . LYS A 1 80  ? 2.341   -10.645 3.694   1.00 41.96 ? 77  LYS A CA  1 
ATOM   623  C  C   . LYS A 1 80  ? 2.652   -11.989 3.065   1.00 42.93 ? 77  LYS A C   1 
ATOM   624  O  O   . LYS A 1 80  ? 2.414   -12.195 1.870   1.00 42.85 ? 77  LYS A O   1 
ATOM   625  C  CB  . LYS A 1 80  ? 0.840   -10.551 3.990   1.00 42.41 ? 77  LYS A CB  1 
ATOM   626  C  CG  . LYS A 1 80  ? 0.324   -11.659 4.911   1.00 44.66 ? 77  LYS A CG  1 
ATOM   627  C  CD  . LYS A 1 80  ? -1.064  -11.358 5.453   1.00 48.38 ? 77  LYS A CD  1 
ATOM   628  C  CE  . LYS A 1 80  ? -1.628  -12.585 6.166   1.00 52.16 ? 77  LYS A CE  1 
ATOM   629  N  NZ  . LYS A 1 80  ? -2.258  -12.243 7.492   1.00 53.60 ? 77  LYS A NZ  1 
ATOM   630  N  N   . GLY A 1 81  ? 3.206   -12.890 3.875   1.00 44.35 ? 78  GLY A N   1 
ATOM   631  C  CA  . GLY A 1 81  ? 3.469   -14.264 3.456   1.00 45.15 ? 78  GLY A CA  1 
ATOM   632  C  C   . GLY A 1 81  ? 4.363   -14.267 2.232   1.00 45.75 ? 78  GLY A C   1 
ATOM   633  O  O   . GLY A 1 81  ? 5.107   -13.302 2.013   1.00 45.57 ? 78  GLY A O   1 
ATOM   634  N  N   . PRO A 1 82  ? 4.275   -15.334 1.409   1.00 45.97 ? 79  PRO A N   1 
ATOM   635  C  CA  . PRO A 1 82  ? 5.087   -15.401 0.193   1.00 46.09 ? 79  PRO A CA  1 
ATOM   636  C  C   . PRO A 1 82  ? 4.656   -14.420 -0.925  1.00 45.68 ? 79  PRO A C   1 
ATOM   637  O  O   . PRO A 1 82  ? 5.519   -13.837 -1.599  1.00 45.71 ? 79  PRO A O   1 
ATOM   638  C  CB  . PRO A 1 82  ? 4.929   -16.866 -0.254  1.00 46.25 ? 79  PRO A CB  1 
ATOM   639  C  CG  . PRO A 1 82  ? 3.588   -17.275 0.271   1.00 46.21 ? 79  PRO A CG  1 
ATOM   640  C  CD  . PRO A 1 82  ? 3.415   -16.522 1.574   1.00 46.15 ? 79  PRO A CD  1 
ATOM   641  N  N   . ASP A 1 83  ? 3.348   -14.222 -1.098  1.00 45.05 ? 80  ASP A N   1 
ATOM   642  C  CA  . ASP A 1 83  ? 2.845   -13.605 -2.329  1.00 44.47 ? 80  ASP A CA  1 
ATOM   643  C  C   . ASP A 1 83  ? 1.730   -12.557 -2.222  1.00 43.46 ? 80  ASP A C   1 
ATOM   644  O  O   . ASP A 1 83  ? 1.108   -12.232 -3.226  1.00 43.17 ? 80  ASP A O   1 
ATOM   645  C  CB  . ASP A 1 83  ? 2.413   -14.704 -3.300  1.00 44.87 ? 80  ASP A CB  1 
ATOM   646  C  CG  . ASP A 1 83  ? 1.405   -15.666 -2.691  1.00 46.42 ? 80  ASP A CG  1 
ATOM   647  O  OD1 . ASP A 1 83  ? 0.823   -15.365 -1.613  1.00 45.56 ? 80  ASP A OD1 1 
ATOM   648  O  OD2 . ASP A 1 83  ? 1.201   -16.740 -3.307  1.00 49.82 ? 80  ASP A OD2 1 
ATOM   649  N  N   . HIS A 1 84  ? 1.476   -12.032 -1.029  1.00 42.69 ? 81  HIS A N   1 
ATOM   650  C  CA  . HIS A 1 84  ? 0.457   -10.992 -0.876  1.00 42.06 ? 81  HIS A CA  1 
ATOM   651  C  C   . HIS A 1 84  ? 1.007   -9.586  -0.706  1.00 40.89 ? 81  HIS A C   1 
ATOM   652  O  O   . HIS A 1 84  ? 1.724   -9.304  0.255   1.00 40.22 ? 81  HIS A O   1 
ATOM   653  C  CB  . HIS A 1 84  ? -0.475  -11.292 0.289   1.00 42.10 ? 81  HIS A CB  1 
ATOM   654  C  CG  . HIS A 1 84  ? -1.355  -12.470 0.062   1.00 44.39 ? 81  HIS A CG  1 
ATOM   655  N  ND1 . HIS A 1 84  ? -0.935  -13.761 0.286   1.00 47.50 ? 81  HIS A ND1 1 
ATOM   656  C  CD2 . HIS A 1 84  ? -2.633  -12.557 -0.377  1.00 47.10 ? 81  HIS A CD2 1 
ATOM   657  C  CE1 . HIS A 1 84  ? -1.918  -14.596 -0.002  1.00 48.63 ? 81  HIS A CE1 1 
ATOM   658  N  NE2 . HIS A 1 84  ? -2.959  -13.891 -0.408  1.00 48.35 ? 81  HIS A NE2 1 
ATOM   659  N  N   . ILE A 1 85  ? 0.631   -8.698  -1.619  1.00 40.07 ? 82  ILE A N   1 
ATOM   660  C  CA  . ILE A 1 85  ? 0.839   -7.275  -1.405  1.00 39.52 ? 82  ILE A CA  1 
ATOM   661  C  C   . ILE A 1 85  ? -0.254  -6.810  -0.468  1.00 39.20 ? 82  ILE A C   1 
ATOM   662  O  O   . ILE A 1 85  ? -1.387  -6.590  -0.885  1.00 39.52 ? 82  ILE A O   1 
ATOM   663  C  CB  . ILE A 1 85  ? 0.821   -6.464  -2.715  1.00 39.91 ? 82  ILE A CB  1 
ATOM   664  C  CG1 . ILE A 1 85  ? 1.981   -6.905  -3.621  1.00 39.80 ? 82  ILE A CG1 1 
ATOM   665  C  CG2 . ILE A 1 85  ? 0.851   -4.951  -2.420  1.00 38.36 ? 82  ILE A CG2 1 
ATOM   666  C  CD1 . ILE A 1 85  ? 2.237   -5.977  -4.766  1.00 42.48 ? 82  ILE A CD1 1 
ATOM   667  N  N   . ASP A 1 86  ? 0.101   -6.674  0.804   1.00 38.47 ? 83  ASP A N   1 
ATOM   668  C  CA  . ASP A 1 86  ? -0.857  -6.365  1.852   1.00 37.92 ? 83  ASP A CA  1 
ATOM   669  C  C   . ASP A 1 86  ? -1.174  -4.870  1.948   1.00 37.79 ? 83  ASP A C   1 
ATOM   670  O  O   . ASP A 1 86  ? -2.304  -4.496  2.240   1.00 37.70 ? 83  ASP A O   1 
ATOM   671  C  CB  . ASP A 1 86  ? -0.345  -6.885  3.195   1.00 37.52 ? 83  ASP A CB  1 
ATOM   672  C  CG  . ASP A 1 86  ? -1.416  -6.876  4.274   1.00 37.33 ? 83  ASP A CG  1 
ATOM   673  O  OD1 . ASP A 1 86  ? -2.513  -7.421  4.034   1.00 37.22 ? 83  ASP A OD1 1 
ATOM   674  O  OD2 . ASP A 1 86  ? -1.163  -6.329  5.365   1.00 36.88 ? 83  ASP A OD2 1 
HETATM 675  N  N   . MSE A 1 87  ? -0.174  -4.029  1.701   1.00 37.69 ? 84  MSE A N   1 
HETATM 676  C  CA  . MSE A 1 87  ? -0.280  -2.589  1.891   1.00 38.89 ? 84  MSE A CA  1 
HETATM 677  C  C   . MSE A 1 87  ? 0.614   -1.825  0.934   1.00 36.84 ? 84  MSE A C   1 
HETATM 678  O  O   . MSE A 1 87  ? 1.739   -2.254  0.645   1.00 36.61 ? 84  MSE A O   1 
HETATM 679  C  CB  . MSE A 1 87  ? 0.073   -2.217  3.331   1.00 38.43 ? 84  MSE A CB  1 
HETATM 680  C  CG  . MSE A 1 87  ? -0.839  -2.865  4.353   1.00 40.94 ? 84  MSE A CG  1 
HETATM 681  SE SE  . MSE A 1 87  ? -0.543  -2.242  6.131   0.70 47.02 ? 84  MSE A SE  1 
HETATM 682  C  CE  . MSE A 1 87  ? 1.086   -3.017  6.412   1.00 45.79 ? 84  MSE A CE  1 
ATOM   683  N  N   . LEU A 1 88  ? 0.087   -0.702  0.446   1.00 35.39 ? 85  LEU A N   1 
ATOM   684  C  CA  . LEU A 1 88  ? 0.789   0.243   -0.416  1.00 34.52 ? 85  LEU A CA  1 
ATOM   685  C  C   . LEU A 1 88  ? 0.179   1.608   -0.161  1.00 34.04 ? 85  LEU A C   1 
ATOM   686  O  O   . LEU A 1 88  ? -0.976  1.832   -0.511  1.00 34.12 ? 85  LEU A O   1 
ATOM   687  C  CB  . LEU A 1 88  ? 0.595   -0.104  -1.891  1.00 34.10 ? 85  LEU A CB  1 
ATOM   688  C  CG  . LEU A 1 88  ? 1.668   0.313   -2.913  1.00 34.92 ? 85  LEU A CG  1 
ATOM   689  C  CD1 . LEU A 1 88  ? 1.058   0.622   -4.278  1.00 33.68 ? 85  LEU A CD1 1 
ATOM   690  C  CD2 . LEU A 1 88  ? 2.639   1.421   -2.496  1.00 31.04 ? 85  LEU A CD2 1 
ATOM   691  N  N   . TYR A 1 89  ? 0.931   2.507   0.461   1.00 33.51 ? 86  TYR A N   1 
ATOM   692  C  CA  . TYR A 1 89  ? 0.426   3.838   0.824   1.00 33.05 ? 86  TYR A CA  1 
ATOM   693  C  C   . TYR A 1 89  ? 1.524   4.879   0.646   1.00 33.02 ? 86  TYR A C   1 
ATOM   694  O  O   . TYR A 1 89  ? 2.548   4.848   1.327   1.00 33.38 ? 86  TYR A O   1 
ATOM   695  C  CB  . TYR A 1 89  ? -0.144  3.858   2.263   1.00 32.59 ? 86  TYR A CB  1 
ATOM   696  C  CG  . TYR A 1 89  ? -1.301  2.917   2.425   1.00 32.25 ? 86  TYR A CG  1 
ATOM   697  C  CD1 . TYR A 1 89  ? -2.608  3.337   2.151   1.00 31.65 ? 86  TYR A CD1 1 
ATOM   698  C  CD2 . TYR A 1 89  ? -1.097  1.585   2.807   1.00 31.36 ? 86  TYR A CD2 1 
ATOM   699  C  CE1 . TYR A 1 89  ? -3.693  2.454   2.260   1.00 32.86 ? 86  TYR A CE1 1 
ATOM   700  C  CE2 . TYR A 1 89  ? -2.168  0.685   2.921   1.00 30.45 ? 86  TYR A CE2 1 
ATOM   701  C  CZ  . TYR A 1 89  ? -3.468  1.130   2.651   1.00 33.74 ? 86  TYR A CZ  1 
ATOM   702  O  OH  . TYR A 1 89  ? -4.542  0.258   2.749   1.00 33.96 ? 86  TYR A OH  1 
ATOM   703  N  N   . VAL A 1 90  ? 1.314   5.778   -0.301  1.00 33.24 ? 87  VAL A N   1 
ATOM   704  C  CA  . VAL A 1 90  ? 2.202   6.914   -0.527  1.00 33.72 ? 87  VAL A CA  1 
ATOM   705  C  C   . VAL A 1 90  ? 1.535   8.154   0.042   1.00 34.11 ? 87  VAL A C   1 
ATOM   706  O  O   . VAL A 1 90  ? 0.333   8.328   -0.122  1.00 34.51 ? 87  VAL A O   1 
ATOM   707  C  CB  . VAL A 1 90  ? 2.484   7.099   -2.045  1.00 33.58 ? 87  VAL A CB  1 
ATOM   708  C  CG1 . VAL A 1 90  ? 3.419   8.332   -2.309  1.00 33.09 ? 87  VAL A CG1 1 
ATOM   709  C  CG2 . VAL A 1 90  ? 3.080   5.803   -2.623  1.00 33.04 ? 87  VAL A CG2 1 
ATOM   710  N  N   . HIS A 1 91  ? 2.303   9.007   0.713   1.00 34.91 ? 88  HIS A N   1 
ATOM   711  C  CA  . HIS A 1 91  ? 1.770   10.252  1.261   1.00 35.92 ? 88  HIS A CA  1 
ATOM   712  C  C   . HIS A 1 91  ? 1.187   11.072  0.113   1.00 36.15 ? 88  HIS A C   1 
ATOM   713  O  O   . HIS A 1 91  ? 1.769   11.069  -0.978  1.00 36.51 ? 88  HIS A O   1 
ATOM   714  C  CB  . HIS A 1 91  ? 2.867   11.040  1.994   1.00 36.93 ? 88  HIS A CB  1 
ATOM   715  C  CG  . HIS A 1 91  ? 2.338   12.119  2.884   1.00 37.77 ? 88  HIS A CG  1 
ATOM   716  N  ND1 . HIS A 1 91  ? 2.126   13.412  2.441   1.00 39.96 ? 88  HIS A ND1 1 
ATOM   717  C  CD2 . HIS A 1 91  ? 1.932   12.090  4.175   1.00 38.50 ? 88  HIS A CD2 1 
ATOM   718  C  CE1 . HIS A 1 91  ? 1.626   14.134  3.431   1.00 39.99 ? 88  HIS A CE1 1 
ATOM   719  N  NE2 . HIS A 1 91  ? 1.505   13.359  4.497   1.00 39.55 ? 88  HIS A NE2 1 
ATOM   720  N  N   . PRO A 1 92  ? 0.022   11.736  0.328   1.00 36.18 ? 89  PRO A N   1 
ATOM   721  C  CA  . PRO A 1 92  ? -0.626  12.531  -0.734  1.00 36.53 ? 89  PRO A CA  1 
ATOM   722  C  C   . PRO A 1 92  ? 0.244   13.654  -1.327  1.00 36.98 ? 89  PRO A C   1 
ATOM   723  O  O   . PRO A 1 92  ? 0.109   13.978  -2.492  1.00 36.99 ? 89  PRO A O   1 
ATOM   724  C  CB  . PRO A 1 92  ? -1.860  13.115  -0.045  1.00 36.50 ? 89  PRO A CB  1 
ATOM   725  C  CG  . PRO A 1 92  ? -1.664  12.920  1.388   1.00 36.24 ? 89  PRO A CG  1 
ATOM   726  C  CD  . PRO A 1 92  ? -0.774  11.751  1.569   1.00 36.17 ? 89  PRO A CD  1 
ATOM   727  N  N   . ASP A 1 93  ? 1.145   14.216  -0.530  1.00 37.72 ? 90  ASP A N   1 
ATOM   728  C  CA  . ASP A 1 93  ? 2.081   15.219  -1.014  1.00 38.22 ? 90  ASP A CA  1 
ATOM   729  C  C   . ASP A 1 93  ? 3.190   14.679  -1.924  1.00 38.05 ? 90  ASP A C   1 
ATOM   730  O  O   . ASP A 1 93  ? 3.904   15.467  -2.537  1.00 37.70 ? 90  ASP A O   1 
ATOM   731  C  CB  . ASP A 1 93  ? 2.658   16.008  0.166   1.00 38.53 ? 90  ASP A CB  1 
ATOM   732  C  CG  . ASP A 1 93  ? 1.605   16.894  0.832   1.00 40.30 ? 90  ASP A CG  1 
ATOM   733  O  OD1 . ASP A 1 93  ? 0.736   17.415  0.100   1.00 41.81 ? 90  ASP A OD1 1 
ATOM   734  O  OD2 . ASP A 1 93  ? 1.626   17.060  2.071   1.00 42.40 ? 90  ASP A OD2 1 
ATOM   735  N  N   . TYR A 1 94  ? 3.309   13.354  -2.048  1.00 37.63 ? 91  TYR A N   1 
ATOM   736  C  CA  . TYR A 1 94  ? 4.415   12.770  -2.816  1.00 37.48 ? 91  TYR A CA  1 
ATOM   737  C  C   . TYR A 1 94  ? 4.021   11.781  -3.892  1.00 37.49 ? 91  TYR A C   1 
ATOM   738  O  O   . TYR A 1 94  ? 4.870   11.012  -4.376  1.00 37.80 ? 91  TYR A O   1 
ATOM   739  C  CB  . TYR A 1 94  ? 5.437   12.152  -1.879  1.00 37.68 ? 91  TYR A CB  1 
ATOM   740  C  CG  . TYR A 1 94  ? 6.044   13.176  -0.957  1.00 38.19 ? 91  TYR A CG  1 
ATOM   741  C  CD1 . TYR A 1 94  ? 7.176   13.897  -1.340  1.00 38.10 ? 91  TYR A CD1 1 
ATOM   742  C  CD2 . TYR A 1 94  ? 5.477   13.441  0.285   1.00 39.29 ? 91  TYR A CD2 1 
ATOM   743  C  CE1 . TYR A 1 94  ? 7.736   14.846  -0.510  1.00 38.32 ? 91  TYR A CE1 1 
ATOM   744  C  CE2 . TYR A 1 94  ? 6.024   14.402  1.129   1.00 40.18 ? 91  TYR A CE2 1 
ATOM   745  C  CZ  . TYR A 1 94  ? 7.153   15.097  0.721   1.00 39.30 ? 91  TYR A CZ  1 
ATOM   746  O  OH  . TYR A 1 94  ? 7.706   16.029  1.564   1.00 40.45 ? 91  TYR A OH  1 
ATOM   747  N  N   . VAL A 1 95  ? 2.748   11.802  -4.278  1.00 36.98 ? 92  VAL A N   1 
ATOM   748  C  CA  . VAL A 1 95  ? 2.225   10.894  -5.308  1.00 36.84 ? 92  VAL A CA  1 
ATOM   749  C  C   . VAL A 1 95  ? 2.681   11.367  -6.688  1.00 36.89 ? 92  VAL A C   1 
ATOM   750  O  O   . VAL A 1 95  ? 3.090   12.514  -6.834  1.00 36.86 ? 92  VAL A O   1 
ATOM   751  C  CB  . VAL A 1 95  ? 0.659   10.740  -5.223  1.00 36.82 ? 92  VAL A CB  1 
ATOM   752  C  CG1 . VAL A 1 95  ? 0.274   10.032  -3.954  1.00 35.05 ? 92  VAL A CG1 1 
ATOM   753  C  CG2 . VAL A 1 95  ? -0.045  12.102  -5.296  1.00 36.55 ? 92  VAL A CG2 1 
ATOM   754  N  N   . GLY A 1 96  ? 2.643   10.483  -7.683  1.00 36.87 ? 93  GLY A N   1 
ATOM   755  C  CA  . GLY A 1 96  ? 3.122   10.810  -9.032  1.00 37.67 ? 93  GLY A CA  1 
ATOM   756  C  C   . GLY A 1 96  ? 4.638   10.999  -9.175  1.00 38.56 ? 93  GLY A C   1 
ATOM   757  O  O   . GLY A 1 96  ? 5.107   11.701  -10.077 1.00 39.35 ? 93  GLY A O   1 
ATOM   758  N  N   . ARG A 1 97  ? 5.414   10.363  -8.302  1.00 38.21 ? 94  ARG A N   1 
ATOM   759  C  CA  . ARG A 1 97  ? 6.850   10.586  -8.238  1.00 37.90 ? 94  ARG A CA  1 
ATOM   760  C  C   . ARG A 1 97  ? 7.586   9.251   -8.335  1.00 37.68 ? 94  ARG A C   1 
ATOM   761  O  O   . ARG A 1 97  ? 8.762   9.159   -7.993  1.00 38.12 ? 94  ARG A O   1 
ATOM   762  C  CB  . ARG A 1 97  ? 7.192   11.313  -6.930  1.00 37.76 ? 94  ARG A CB  1 
ATOM   763  C  CG  . ARG A 1 97  ? 6.983   12.808  -7.014  1.00 39.69 ? 94  ARG A CG  1 
ATOM   764  C  CD  . ARG A 1 97  ? 6.680   13.460  -5.680  1.00 40.56 ? 94  ARG A CD  1 
ATOM   765  N  NE  . ARG A 1 97  ? 7.788   14.250  -5.177  1.00 44.35 ? 94  ARG A NE  1 
ATOM   766  C  CZ  . ARG A 1 97  ? 7.681   15.393  -4.486  1.00 45.32 ? 94  ARG A CZ  1 
ATOM   767  N  NH1 . ARG A 1 97  ? 6.493   15.936  -4.208  1.00 42.62 ? 94  ARG A NH1 1 
ATOM   768  N  NH2 . ARG A 1 97  ? 8.791   16.005  -4.071  1.00 45.53 ? 94  ARG A NH2 1 
ATOM   769  N  N   A ASP A 1 98  ? 6.875   8.226   -8.805  0.60 37.37 ? 95  ASP A N   1 
ATOM   770  N  N   B ASP A 1 98  ? 6.854   8.243   -8.811  0.40 37.50 ? 95  ASP A N   1 
ATOM   771  C  CA  A ASP A 1 98  ? 7.347   6.833   -8.839  0.60 36.62 ? 95  ASP A CA  1 
ATOM   772  C  CA  B ASP A 1 98  ? 7.238   6.821   -8.836  0.40 36.95 ? 95  ASP A CA  1 
ATOM   773  C  C   A ASP A 1 98  ? 7.747   6.206   -7.484  0.60 36.26 ? 95  ASP A C   1 
ATOM   774  C  C   B ASP A 1 98  ? 7.668   6.167   -7.502  0.40 36.45 ? 95  ASP A C   1 
ATOM   775  O  O   A ASP A 1 98  ? 8.517   5.248   -7.439  0.60 36.44 ? 95  ASP A O   1 
ATOM   776  O  O   B ASP A 1 98  ? 8.368   5.154   -7.489  0.40 36.56 ? 95  ASP A O   1 
ATOM   777  C  CB  A ASP A 1 98  ? 8.424   6.637   -9.918  0.60 36.64 ? 95  ASP A CB  1 
ATOM   778  C  CB  B ASP A 1 98  ? 8.146   6.486   -10.044 0.40 37.24 ? 95  ASP A CB  1 
ATOM   779  C  CG  A ASP A 1 98  ? 7.846   6.639   -11.335 0.60 36.85 ? 95  ASP A CG  1 
ATOM   780  C  CG  B ASP A 1 98  ? 9.620   6.423   -9.698  0.40 37.81 ? 95  ASP A CG  1 
ATOM   781  O  OD1 A ASP A 1 98  ? 8.585   7.015   -12.275 0.60 36.58 ? 95  ASP A OD1 1 
ATOM   782  O  OD1 B ASP A 1 98  ? 10.092  7.238   -8.882  0.40 39.30 ? 95  ASP A OD1 1 
ATOM   783  O  OD2 A ASP A 1 98  ? 6.652   6.285   -11.512 0.60 36.27 ? 95  ASP A OD2 1 
ATOM   784  O  OD2 B ASP A 1 98  ? 10.315  5.550   -10.263 0.40 38.25 ? 95  ASP A OD2 1 
ATOM   785  N  N   . VAL A 1 99  ? 7.217   6.742   -6.386  1.00 35.82 ? 96  VAL A N   1 
ATOM   786  C  CA  . VAL A 1 99  ? 7.393   6.131   -5.056  1.00 35.12 ? 96  VAL A CA  1 
ATOM   787  C  C   . VAL A 1 99  ? 6.659   4.767   -4.999  1.00 35.23 ? 96  VAL A C   1 
ATOM   788  O  O   . VAL A 1 99  ? 7.257   3.748   -4.651  1.00 35.44 ? 96  VAL A O   1 
ATOM   789  C  CB  . VAL A 1 99  ? 6.896   7.048   -3.892  1.00 34.95 ? 96  VAL A CB  1 
ATOM   790  C  CG1 . VAL A 1 99  ? 6.951   6.315   -2.549  1.00 33.81 ? 96  VAL A CG1 1 
ATOM   791  C  CG2 . VAL A 1 99  ? 7.707   8.336   -3.805  1.00 35.18 ? 96  VAL A CG2 1 
ATOM   792  N  N   . GLY A 1 100 ? 5.380   4.745   -5.374  1.00 34.83 ? 97  GLY A N   1 
ATOM   793  C  CA  . GLY A 1 100 ? 4.607   3.500   -5.437  1.00 34.28 ? 97  GLY A CA  1 
ATOM   794  C  C   . GLY A 1 100 ? 5.284   2.405   -6.246  1.00 34.47 ? 97  GLY A C   1 
ATOM   795  O  O   . GLY A 1 100 ? 5.396   1.256   -5.789  1.00 34.27 ? 97  GLY A O   1 
ATOM   796  N  N   . THR A 1 101 ? 5.727   2.764   -7.454  1.00 33.52 ? 98  THR A N   1 
ATOM   797  C  CA  . THR A 1 101 ? 6.428   1.837   -8.361  1.00 33.32 ? 98  THR A CA  1 
ATOM   798  C  C   . THR A 1 101 ? 7.718   1.254   -7.769  1.00 33.04 ? 98  THR A C   1 
ATOM   799  O  O   . THR A 1 101 ? 7.951   0.057   -7.829  1.00 33.69 ? 98  THR A O   1 
ATOM   800  C  CB  . THR A 1 101 ? 6.728   2.526   -9.730  1.00 33.25 ? 98  THR A CB  1 
ATOM   801  O  OG1 . THR A 1 101 ? 5.489   2.871   -10.357 1.00 32.22 ? 98  THR A OG1 1 
ATOM   802  C  CG2 . THR A 1 101 ? 7.539   1.637   -10.662 1.00 31.72 ? 98  THR A CG2 1 
ATOM   803  N  N   . THR A 1 102 ? 8.547   2.111   -7.198  1.00 32.98 ? 99  THR A N   1 
ATOM   804  C  CA  . THR A 1 102 ? 9.762   1.697   -6.508  1.00 32.77 ? 99  THR A CA  1 
ATOM   805  C  C   . THR A 1 102 ? 9.439   0.703   -5.387  1.00 32.85 ? 99  THR A C   1 
ATOM   806  O  O   . THR A 1 102 ? 10.065  -0.339  -5.289  1.00 32.84 ? 99  THR A O   1 
ATOM   807  C  CB  . THR A 1 102 ? 10.517  2.949   -5.954  1.00 32.95 ? 99  THR A CB  1 
ATOM   808  O  OG1 . THR A 1 102 ? 10.847  3.815   -7.050  1.00 32.76 ? 99  THR A OG1 1 
ATOM   809  C  CG2 . THR A 1 102 ? 11.797  2.563   -5.236  1.00 31.62 ? 99  THR A CG2 1 
ATOM   810  N  N   . LEU A 1 103 ? 8.436   1.020   -4.574  1.00 33.01 ? 100 LEU A N   1 
ATOM   811  C  CA  . LEU A 1 103 ? 8.034   0.161   -3.475  1.00 33.49 ? 100 LEU A CA  1 
ATOM   812  C  C   . LEU A 1 103 ? 7.580   -1.204  -3.958  1.00 34.42 ? 100 LEU A C   1 
ATOM   813  O  O   . LEU A 1 103 ? 8.017   -2.227  -3.422  1.00 34.92 ? 100 LEU A O   1 
ATOM   814  C  CB  . LEU A 1 103 ? 6.922   0.814   -2.657  1.00 32.56 ? 100 LEU A CB  1 
ATOM   815  C  CG  . LEU A 1 103 ? 7.309   1.860   -1.621  1.00 31.83 ? 100 LEU A CG  1 
ATOM   816  C  CD1 . LEU A 1 103 ? 6.031   2.549   -1.153  1.00 27.99 ? 100 LEU A CD1 1 
ATOM   817  C  CD2 . LEU A 1 103 ? 8.135   1.233   -0.434  1.00 29.24 ? 100 LEU A CD2 1 
ATOM   818  N  N   . ILE A 1 104 ? 6.716   -1.218  -4.975  1.00 35.40 ? 101 ILE A N   1 
ATOM   819  C  CA  . ILE A 1 104 ? 6.155   -2.467  -5.493  1.00 36.15 ? 101 ILE A CA  1 
ATOM   820  C  C   . ILE A 1 104 ? 7.190   -3.333  -6.213  1.00 36.34 ? 101 ILE A C   1 
ATOM   821  O  O   . ILE A 1 104 ? 7.188   -4.538  -6.033  1.00 36.98 ? 101 ILE A O   1 
ATOM   822  C  CB  . ILE A 1 104 ? 4.864   -2.245  -6.328  1.00 36.25 ? 101 ILE A CB  1 
ATOM   823  C  CG1 . ILE A 1 104 ? 3.772   -1.640  -5.457  1.00 36.81 ? 101 ILE A CG1 1 
ATOM   824  C  CG2 . ILE A 1 104 ? 4.338   -3.555  -6.901  1.00 37.37 ? 101 ILE A CG2 1 
ATOM   825  C  CD1 . ILE A 1 104 ? 3.646   -2.280  -4.069  1.00 38.79 ? 101 ILE A CD1 1 
ATOM   826  N  N   . ASP A 1 105 ? 8.076   -2.726  -6.998  1.00 36.74 ? 102 ASP A N   1 
ATOM   827  C  CA  . ASP A 1 105 ? 9.223   -3.442  -7.558  1.00 36.90 ? 102 ASP A CA  1 
ATOM   828  C  C   . ASP A 1 105 ? 10.033  -4.172  -6.466  1.00 37.17 ? 102 ASP A C   1 
ATOM   829  O  O   . ASP A 1 105 ? 10.437  -5.324  -6.644  1.00 36.95 ? 102 ASP A O   1 
ATOM   830  C  CB  . ASP A 1 105 ? 10.145  -2.467  -8.295  1.00 37.30 ? 102 ASP A CB  1 
ATOM   831  C  CG  . ASP A 1 105 ? 9.543   -1.922  -9.604  1.00 37.96 ? 102 ASP A CG  1 
ATOM   832  O  OD1 . ASP A 1 105 ? 8.534   -2.479  -10.123 1.00 39.41 ? 102 ASP A OD1 1 
ATOM   833  O  OD2 . ASP A 1 105 ? 10.093  -0.916  -10.111 1.00 36.49 ? 102 ASP A OD2 1 
ATOM   834  N  N   . ALA A 1 106 ? 10.272  -3.497  -5.342  1.00 37.37 ? 103 ALA A N   1 
ATOM   835  C  CA  . ALA A 1 106 ? 11.003  -4.111  -4.221  1.00 37.41 ? 103 ALA A CA  1 
ATOM   836  C  C   . ALA A 1 106 ? 10.275  -5.317  -3.647  1.00 37.46 ? 103 ALA A C   1 
ATOM   837  O  O   . ALA A 1 106 ? 10.907  -6.334  -3.358  1.00 37.49 ? 103 ALA A O   1 
ATOM   838  C  CB  . ALA A 1 106 ? 11.313  -3.098  -3.142  1.00 36.78 ? 103 ALA A CB  1 
ATOM   839  N  N   . LEU A 1 107 ? 8.949   -5.213  -3.525  1.00 37.61 ? 104 LEU A N   1 
ATOM   840  C  CA  . LEU A 1 107 ? 8.126   -6.316  -3.038  1.00 37.58 ? 104 LEU A CA  1 
ATOM   841  C  C   . LEU A 1 107 ? 8.098   -7.517  -3.991  1.00 38.33 ? 104 LEU A C   1 
ATOM   842  O  O   . LEU A 1 107 ? 8.137   -8.665  -3.546  1.00 38.37 ? 104 LEU A O   1 
ATOM   843  C  CB  . LEU A 1 107 ? 6.708   -5.853  -2.697  1.00 37.07 ? 104 LEU A CB  1 
ATOM   844  C  CG  . LEU A 1 107 ? 6.490   -4.850  -1.545  1.00 37.07 ? 104 LEU A CG  1 
ATOM   845  C  CD1 . LEU A 1 107 ? 5.019   -4.822  -1.168  1.00 34.98 ? 104 LEU A CD1 1 
ATOM   846  C  CD2 . LEU A 1 107 ? 7.347   -5.141  -0.311  1.00 34.66 ? 104 LEU A CD2 1 
ATOM   847  N  N   . GLU A 1 108 ? 8.043   -7.262  -5.294  1.00 38.93 ? 105 GLU A N   1 
ATOM   848  C  CA  . GLU A 1 108 ? 8.123   -8.350  -6.283  1.00 39.78 ? 105 GLU A CA  1 
ATOM   849  C  C   . GLU A 1 108 ? 9.485   -9.065  -6.306  1.00 40.19 ? 105 GLU A C   1 
ATOM   850  O  O   . GLU A 1 108 ? 9.532   -10.279 -6.450  1.00 40.44 ? 105 GLU A O   1 
ATOM   851  C  CB  . GLU A 1 108 ? 7.746   -7.846  -7.672  1.00 39.32 ? 105 GLU A CB  1 
ATOM   852  C  CG  . GLU A 1 108 ? 6.407   -7.152  -7.661  1.00 40.59 ? 105 GLU A CG  1 
ATOM   853  C  CD  . GLU A 1 108 ? 5.975   -6.584  -8.996  1.00 42.32 ? 105 GLU A CD  1 
ATOM   854  O  OE1 . GLU A 1 108 ? 6.781   -6.566  -9.963  1.00 41.91 ? 105 GLU A OE1 1 
ATOM   855  O  OE2 . GLU A 1 108 ? 4.802   -6.151  -9.063  1.00 43.29 ? 105 GLU A OE2 1 
ATOM   856  N  N   . LYS A 1 109 ? 10.580  -8.320  -6.163  1.00 40.87 ? 106 LYS A N   1 
ATOM   857  C  CA  . LYS A 1 109 ? 11.928  -8.906  -6.080  1.00 41.96 ? 106 LYS A CA  1 
ATOM   858  C  C   . LYS A 1 109 ? 12.011  -9.794  -4.836  1.00 42.63 ? 106 LYS A C   1 
ATOM   859  O  O   . LYS A 1 109 ? 12.453  -10.940 -4.912  1.00 43.12 ? 106 LYS A O   1 
ATOM   860  C  CB  . LYS A 1 109 ? 12.988  -7.792  -6.032  1.00 41.98 ? 106 LYS A CB  1 
ATOM   861  C  CG  . LYS A 1 109 ? 14.455  -8.230  -5.909  1.00 42.11 ? 106 LYS A CG  1 
ATOM   862  C  CD  . LYS A 1 109 ? 15.356  -6.977  -5.966  1.00 42.65 ? 106 LYS A CD  1 
ATOM   863  C  CE  . LYS A 1 109 ? 16.862  -7.289  -5.922  1.00 43.62 ? 106 LYS A CE  1 
ATOM   864  N  NZ  . LYS A 1 109 ? 17.467  -7.606  -7.265  1.00 44.72 ? 106 LYS A NZ  1 
ATOM   865  N  N   . LEU A 1 110 ? 11.552  -9.244  -3.709  1.00 42.93 ? 107 LEU A N   1 
ATOM   866  C  CA  . LEU A 1 110 ? 11.497  -9.920  -2.424  1.00 43.29 ? 107 LEU A CA  1 
ATOM   867  C  C   . LEU A 1 110 ? 10.649  -11.187 -2.487  1.00 43.47 ? 107 LEU A C   1 
ATOM   868  O  O   . LEU A 1 110 ? 11.011  -12.200 -1.895  1.00 43.63 ? 107 LEU A O   1 
ATOM   869  C  CB  . LEU A 1 110 ? 10.894  -8.969  -1.386  1.00 43.28 ? 107 LEU A CB  1 
ATOM   870  C  CG  . LEU A 1 110 ? 11.457  -8.754  0.010   1.00 43.11 ? 107 LEU A CG  1 
ATOM   871  C  CD1 . LEU A 1 110 ? 12.986  -8.808  0.066   1.00 43.07 ? 107 LEU A CD1 1 
ATOM   872  C  CD2 . LEU A 1 110 ? 10.955  -7.406  0.496   1.00 42.50 ? 107 LEU A CD2 1 
ATOM   873  N  N   . ALA A 1 111 ? 9.526   -11.120 -3.196  1.00 43.37 ? 108 ALA A N   1 
ATOM   874  C  CA  . ALA A 1 111 ? 8.612   -12.249 -3.300  1.00 43.78 ? 108 ALA A CA  1 
ATOM   875  C  C   . ALA A 1 111 ? 9.127   -13.328 -4.273  1.00 44.35 ? 108 ALA A C   1 
ATOM   876  O  O   . ALA A 1 111 ? 9.004   -14.522 -4.005  1.00 44.46 ? 108 ALA A O   1 
ATOM   877  C  CB  . ALA A 1 111 ? 7.227   -11.777 -3.686  1.00 42.91 ? 108 ALA A CB  1 
ATOM   878  N  N   . GLY A 1 112 ? 9.693   -12.911 -5.399  1.00 45.25 ? 109 GLY A N   1 
ATOM   879  C  CA  . GLY A 1 112 ? 10.373  -13.837 -6.307  1.00 46.54 ? 109 GLY A CA  1 
ATOM   880  C  C   . GLY A 1 112 ? 11.477  -14.593 -5.581  1.00 47.70 ? 109 GLY A C   1 
ATOM   881  O  O   . GLY A 1 112 ? 11.549  -15.816 -5.658  1.00 47.76 ? 109 GLY A O   1 
ATOM   882  N  N   . ALA A 1 113 ? 12.313  -13.871 -4.835  1.00 48.80 ? 110 ALA A N   1 
ATOM   883  C  CA  . ALA A 1 113 ? 13.382  -14.488 -4.033  1.00 49.95 ? 110 ALA A CA  1 
ATOM   884  C  C   . ALA A 1 113 ? 12.899  -15.418 -2.909  1.00 50.61 ? 110 ALA A C   1 
ATOM   885  O  O   . ALA A 1 113 ? 13.715  -16.015 -2.214  1.00 51.08 ? 110 ALA A O   1 
ATOM   886  C  CB  . ALA A 1 113 ? 14.315  -13.411 -3.465  1.00 49.52 ? 110 ALA A CB  1 
ATOM   887  N  N   A ARG A 1 114 ? 11.582  -15.531 -2.735  0.60 51.18 ? 111 ARG A N   1 
ATOM   888  N  N   B ARG A 1 114 ? 11.586  -15.511 -2.735  0.40 50.90 ? 111 ARG A N   1 
ATOM   889  C  CA  A ARG A 1 114 ? 10.972  -16.415 -1.724  0.60 51.86 ? 111 ARG A CA  1 
ATOM   890  C  CA  B ARG A 1 114 ? 10.993  -16.420 -1.763  0.40 51.25 ? 111 ARG A CA  1 
ATOM   891  C  C   A ARG A 1 114 ? 10.131  -17.545 -2.349  0.60 52.20 ? 111 ARG A C   1 
ATOM   892  C  C   B ARG A 1 114 ? 9.978   -17.341 -2.451  0.40 51.83 ? 111 ARG A C   1 
ATOM   893  O  O   A ARG A 1 114 ? 9.270   -18.133 -1.685  0.60 52.33 ? 111 ARG A O   1 
ATOM   894  O  O   B ARG A 1 114 ? 8.872   -17.576 -1.949  0.40 51.88 ? 111 ARG A O   1 
ATOM   895  C  CB  A ARG A 1 114 ? 10.071  -15.615 -0.778  0.60 51.89 ? 111 ARG A CB  1 
ATOM   896  C  CB  B ARG A 1 114 ? 10.372  -15.640 -0.602  0.40 51.03 ? 111 ARG A CB  1 
ATOM   897  C  CG  A ARG A 1 114 ? 10.775  -14.669 0.168   0.60 53.20 ? 111 ARG A CG  1 
ATOM   898  C  CG  B ARG A 1 114 ? 11.396  -14.868 0.220   0.40 50.46 ? 111 ARG A CG  1 
ATOM   899  C  CD  A ARG A 1 114 ? 9.749   -13.787 0.875   0.60 54.74 ? 111 ARG A CD  1 
ATOM   900  C  CD  B ARG A 1 114 ? 10.756  -14.210 1.420   0.40 48.93 ? 111 ARG A CD  1 
ATOM   901  N  NE  A ARG A 1 114 ? 9.450   -14.213 2.246   0.60 56.87 ? 111 ARG A NE  1 
ATOM   902  N  NE  B ARG A 1 114 ? 11.739  -13.578 2.298   0.40 47.16 ? 111 ARG A NE  1 
ATOM   903  C  CZ  A ARG A 1 114 ? 8.637   -15.215 2.585   0.60 57.80 ? 111 ARG A CZ  1 
ATOM   904  C  CZ  B ARG A 1 114 ? 11.529  -13.326 3.586   0.40 45.94 ? 111 ARG A CZ  1 
ATOM   905  N  NH1 A ARG A 1 114 ? 8.032   -15.945 1.656   0.60 58.34 ? 111 ARG A NH1 1 
ATOM   906  N  NH1 B ARG A 1 114 ? 10.371  -13.654 4.146   0.40 45.25 ? 111 ARG A NH1 1 
ATOM   907  N  NH2 A ARG A 1 114 ? 8.434   -15.493 3.865   0.60 57.36 ? 111 ARG A NH2 1 
ATOM   908  N  NH2 B ARG A 1 114 ? 12.470  -12.746 4.313   0.40 45.24 ? 111 ARG A NH2 1 
ATOM   909  N  N   . GLY A 1 115 ? 10.369  -17.835 -3.625  1.00 52.41 ? 112 GLY A N   1 
ATOM   910  C  CA  . GLY A 1 115 ? 9.623   -18.869 -4.328  1.00 52.97 ? 112 GLY A CA  1 
ATOM   911  C  C   . GLY A 1 115 ? 8.456   -18.397 -5.166  1.00 53.38 ? 112 GLY A C   1 
ATOM   912  O  O   . GLY A 1 115 ? 8.220   -18.936 -6.255  1.00 53.98 ? 112 GLY A O   1 
ATOM   913  N  N   . ALA A 1 116 ? 7.741   -17.388 -4.676  1.00 53.35 ? 113 ALA A N   1 
ATOM   914  C  CA  . ALA A 1 116 ? 6.468   -16.963 -5.268  1.00 53.42 ? 113 ALA A CA  1 
ATOM   915  C  C   . ALA A 1 116 ? 6.501   -16.840 -6.789  1.00 53.29 ? 113 ALA A C   1 
ATOM   916  O  O   . ALA A 1 116 ? 7.470   -16.365 -7.374  1.00 53.26 ? 113 ALA A O   1 
ATOM   917  C  CB  . ALA A 1 116 ? 5.968   -15.660 -4.619  1.00 53.59 ? 113 ALA A CB  1 
ATOM   918  N  N   . LEU A 1 117 ? 5.430   -17.289 -7.422  1.00 53.65 ? 114 LEU A N   1 
ATOM   919  C  CA  . LEU A 1 117 ? 5.337   -17.237 -8.871  1.00 54.21 ? 114 LEU A CA  1 
ATOM   920  C  C   . LEU A 1 117 ? 4.208   -16.298 -9.263  1.00 53.87 ? 114 LEU A C   1 
ATOM   921  O  O   . LEU A 1 117 ? 4.239   -15.677 -10.328 1.00 53.94 ? 114 LEU A O   1 
ATOM   922  C  CB  . LEU A 1 117 ? 5.099   -18.643 -9.435  1.00 54.57 ? 114 LEU A CB  1 
ATOM   923  C  CG  . LEU A 1 117 ? 5.927   -19.793 -8.836  1.00 55.82 ? 114 LEU A CG  1 
ATOM   924  C  CD1 . LEU A 1 117 ? 5.237   -21.152 -9.034  1.00 57.03 ? 114 LEU A CD1 1 
ATOM   925  C  CD2 . LEU A 1 117 ? 7.345   -19.806 -9.402  1.00 55.80 ? 114 LEU A CD2 1 
ATOM   926  N  N   . ILE A 1 118 ? 3.216   -16.204 -8.381  1.00 53.61 ? 115 ILE A N   1 
ATOM   927  C  CA  . ILE A 1 118 ? 2.028   -15.376 -8.604  1.00 53.29 ? 115 ILE A CA  1 
ATOM   928  C  C   . ILE A 1 118 ? 1.843   -14.441 -7.406  1.00 52.34 ? 115 ILE A C   1 
ATOM   929  O  O   . ILE A 1 118 ? 1.394   -14.876 -6.335  1.00 52.76 ? 115 ILE A O   1 
ATOM   930  C  CB  . ILE A 1 118 ? 0.740   -16.251 -8.855  1.00 53.53 ? 115 ILE A CB  1 
ATOM   931  C  CG1 . ILE A 1 118 ? 0.937   -17.192 -10.058 1.00 53.83 ? 115 ILE A CG1 1 
ATOM   932  C  CG2 . ILE A 1 118 ? -0.508  -15.363 -9.052  1.00 53.63 ? 115 ILE A CG2 1 
ATOM   933  C  CD1 . ILE A 1 118 ? 0.155   -18.509 -9.986  1.00 53.93 ? 115 ILE A CD1 1 
ATOM   934  N  N   . LEU A 1 119 ? 2.227   -13.175 -7.587  1.00 50.99 ? 116 LEU A N   1 
ATOM   935  C  CA  . LEU A 1 119 ? 1.938   -12.116 -6.620  1.00 49.64 ? 116 LEU A CA  1 
ATOM   936  C  C   . LEU A 1 119 ? 0.460   -11.733 -6.667  1.00 48.37 ? 116 LEU A C   1 
ATOM   937  O  O   . LEU A 1 119 ? -0.162  -11.705 -7.737  1.00 48.40 ? 116 LEU A O   1 
ATOM   938  C  CB  . LEU A 1 119 ? 2.798   -10.867 -6.874  1.00 50.02 ? 116 LEU A CB  1 
ATOM   939  C  CG  . LEU A 1 119 ? 3.965   -10.539 -5.924  1.00 51.60 ? 116 LEU A CG  1 
ATOM   940  C  CD1 . LEU A 1 119 ? 4.167   -9.041  -5.835  1.00 52.62 ? 116 LEU A CD1 1 
ATOM   941  C  CD2 . LEU A 1 119 ? 3.748   -11.041 -4.509  1.00 52.57 ? 116 LEU A CD2 1 
ATOM   942  N  N   . THR A 1 120 ? -0.107  -11.426 -5.509  1.00 46.40 ? 117 THR A N   1 
ATOM   943  C  CA  . THR A 1 120 ? -1.519  -11.072 -5.456  1.00 44.35 ? 117 THR A CA  1 
ATOM   944  C  C   . THR A 1 120 ? -1.760  -9.853  -4.562  1.00 42.99 ? 117 THR A C   1 
ATOM   945  O  O   . THR A 1 120 ? -1.038  -9.635  -3.595  1.00 42.71 ? 117 THR A O   1 
ATOM   946  C  CB  . THR A 1 120 ? -2.409  -12.300 -5.106  1.00 43.99 ? 117 THR A CB  1 
ATOM   947  O  OG1 . THR A 1 120 ? -3.777  -11.898 -5.001  1.00 44.59 ? 117 THR A OG1 1 
ATOM   948  C  CG2 . THR A 1 120 ? -1.975  -12.949 -3.802  1.00 44.62 ? 117 THR A CG2 1 
ATOM   949  N  N   . VAL A 1 121 ? -2.756  -9.048  -4.932  1.00 41.28 ? 118 VAL A N   1 
ATOM   950  C  CA  . VAL A 1 121 ? -3.145  -7.844  -4.205  1.00 39.60 ? 118 VAL A CA  1 
ATOM   951  C  C   . VAL A 1 121 ? -4.665  -7.719  -4.270  1.00 38.94 ? 118 VAL A C   1 
ATOM   952  O  O   . VAL A 1 121 ? -5.260  -8.047  -5.279  1.00 38.25 ? 118 VAL A O   1 
ATOM   953  C  CB  . VAL A 1 121 ? -2.431  -6.550  -4.752  1.00 39.42 ? 118 VAL A CB  1 
ATOM   954  C  CG1 . VAL A 1 121 ? -2.805  -6.236  -6.214  1.00 38.97 ? 118 VAL A CG1 1 
ATOM   955  C  CG2 . VAL A 1 121 ? -2.706  -5.346  -3.870  1.00 38.59 ? 118 VAL A CG2 1 
ATOM   956  N  N   . ASP A 1 122 ? -5.282  -7.294  -3.167  1.00 38.44 ? 119 ASP A N   1 
ATOM   957  C  CA  . ASP A 1 122 ? -6.677  -6.867  -3.161  1.00 37.58 ? 119 ASP A CA  1 
ATOM   958  C  C   . ASP A 1 122 ? -6.681  -5.345  -3.296  1.00 37.26 ? 119 ASP A C   1 
ATOM   959  O  O   . ASP A 1 122 ? -6.633  -4.620  -2.294  1.00 36.61 ? 119 ASP A O   1 
ATOM   960  C  CB  . ASP A 1 122 ? -7.369  -7.290  -1.857  1.00 37.82 ? 119 ASP A CB  1 
ATOM   961  C  CG  . ASP A 1 122 ? -7.630  -8.790  -1.783  1.00 38.26 ? 119 ASP A CG  1 
ATOM   962  O  OD1 . ASP A 1 122 ? -7.781  -9.438  -2.840  1.00 37.45 ? 119 ASP A OD1 1 
ATOM   963  O  OD2 . ASP A 1 122 ? -7.695  -9.325  -0.654  1.00 39.57 ? 119 ASP A OD2 1 
ATOM   964  N  N   . ALA A 1 123 ? -6.732  -4.873  -4.543  1.00 37.02 ? 120 ALA A N   1 
ATOM   965  C  CA  . ALA A 1 123 ? -6.490  -3.466  -4.848  1.00 36.99 ? 120 ALA A CA  1 
ATOM   966  C  C   . ALA A 1 123 ? -7.725  -2.633  -4.601  1.00 36.91 ? 120 ALA A C   1 
ATOM   967  O  O   . ALA A 1 123 ? -8.809  -3.011  -5.023  1.00 36.94 ? 120 ALA A O   1 
ATOM   968  C  CB  . ALA A 1 123 ? -6.036  -3.310  -6.303  1.00 36.94 ? 120 ALA A CB  1 
ATOM   969  N  N   . SER A 1 124 ? -7.555  -1.504  -3.918  1.00 36.98 ? 121 SER A N   1 
ATOM   970  C  CA  . SER A 1 124 ? -8.603  -0.494  -3.798  1.00 37.31 ? 121 SER A CA  1 
ATOM   971  C  C   . SER A 1 124 ? -8.929  0.092   -5.176  1.00 37.59 ? 121 SER A C   1 
ATOM   972  O  O   . SER A 1 124 ? -8.097  0.057   -6.077  1.00 37.62 ? 121 SER A O   1 
ATOM   973  C  CB  . SER A 1 124 ? -8.168  0.607   -2.841  1.00 37.57 ? 121 SER A CB  1 
ATOM   974  O  OG  . SER A 1 124 ? -7.049  1.318   -3.352  1.00 37.62 ? 121 SER A OG  1 
ATOM   975  N  N   . ASP A 1 125 ? -10.146 0.610   -5.342  1.00 37.84 ? 122 ASP A N   1 
ATOM   976  C  CA  . ASP A 1 125 ? -10.646 1.032   -6.652  1.00 37.47 ? 122 ASP A CA  1 
ATOM   977  C  C   . ASP A 1 125 ? -9.805  2.137   -7.269  1.00 37.66 ? 122 ASP A C   1 
ATOM   978  O  O   . ASP A 1 125 ? -9.682  2.219   -8.485  1.00 37.90 ? 122 ASP A O   1 
ATOM   979  C  CB  . ASP A 1 125 ? -12.112 1.478   -6.557  1.00 37.47 ? 122 ASP A CB  1 
ATOM   980  C  CG  . ASP A 1 125 ? -13.086 0.314   -6.285  1.00 38.34 ? 122 ASP A CG  1 
ATOM   981  O  OD1 . ASP A 1 125 ? -12.643 -0.857  -6.136  1.00 37.86 ? 122 ASP A OD1 1 
ATOM   982  O  OD2 . ASP A 1 125 ? -14.308 0.578   -6.223  1.00 38.71 ? 122 ASP A OD2 1 
ATOM   983  N  N   . ASN A 1 126 ? -9.221  2.975   -6.421  1.00 37.71 ? 123 ASN A N   1 
ATOM   984  C  CA  . ASN A 1 126 ? -8.372  4.085   -6.854  1.00 37.93 ? 123 ASN A CA  1 
ATOM   985  C  C   . ASN A 1 126 ? -6.958  3.653   -7.279  1.00 38.44 ? 123 ASN A C   1 
ATOM   986  O  O   . ASN A 1 126 ? -6.312  4.346   -8.079  1.00 38.28 ? 123 ASN A O   1 
ATOM   987  C  CB  . ASN A 1 126 ? -8.289  5.133   -5.749  1.00 37.42 ? 123 ASN A CB  1 
ATOM   988  C  CG  . ASN A 1 126 ? -7.928  4.529   -4.410  1.00 37.94 ? 123 ASN A CG  1 
ATOM   989  O  OD1 . ASN A 1 126 ? -8.621  3.635   -3.909  1.00 36.97 ? 123 ASN A OD1 1 
ATOM   990  N  ND2 . ASN A 1 126 ? -6.838  5.007   -3.821  1.00 37.32 ? 123 ASN A ND2 1 
ATOM   991  N  N   . ALA A 1 127 ? -6.494  2.514   -6.750  1.00 37.96 ? 124 ALA A N   1 
ATOM   992  C  CA  . ALA A 1 127 ? -5.193  1.957   -7.083  1.00 38.17 ? 124 ALA A CA  1 
ATOM   993  C  C   . ALA A 1 127 ? -5.324  0.863   -8.138  1.00 38.87 ? 124 ALA A C   1 
ATOM   994  O  O   . ALA A 1 127 ? -4.334  0.327   -8.617  1.00 39.58 ? 124 ALA A O   1 
ATOM   995  C  CB  . ALA A 1 127 ? -4.524  1.415   -5.847  1.00 37.66 ? 124 ALA A CB  1 
ATOM   996  N  N   . ALA A 1 128 ? -6.550  0.531   -8.510  1.00 39.65 ? 125 ALA A N   1 
ATOM   997  C  CA  . ALA A 1 128 ? -6.781  -0.498  -9.521  1.00 40.45 ? 125 ALA A CA  1 
ATOM   998  C  C   . ALA A 1 128 ? -5.984  -0.283  -10.834 1.00 40.75 ? 125 ALA A C   1 
ATOM   999  O  O   . ALA A 1 128 ? -5.360  -1.210  -11.349 1.00 40.79 ? 125 ALA A O   1 
ATOM   1000 C  CB  . ALA A 1 128 ? -8.278  -0.615  -9.804  1.00 40.28 ? 125 ALA A CB  1 
ATOM   1001 N  N   . GLU A 1 129 ? -6.027  0.937   -11.365 1.00 41.26 ? 126 GLU A N   1 
ATOM   1002 C  CA  . GLU A 1 129 ? -5.365  1.276   -12.634 1.00 42.01 ? 126 GLU A CA  1 
ATOM   1003 C  C   . GLU A 1 129 ? -3.842  1.213   -12.504 1.00 40.86 ? 126 GLU A C   1 
ATOM   1004 O  O   . GLU A 1 129 ? -3.176  0.607   -13.345 1.00 41.30 ? 126 GLU A O   1 
ATOM   1005 C  CB  . GLU A 1 129 ? -5.832  2.644   -13.130 1.00 42.69 ? 126 GLU A CB  1 
ATOM   1006 C  CG  . GLU A 1 129 ? -5.183  3.140   -14.410 1.00 48.30 ? 126 GLU A CG  1 
ATOM   1007 C  CD  . GLU A 1 129 ? -5.697  2.453   -15.689 1.00 54.61 ? 126 GLU A CD  1 
ATOM   1008 O  OE1 . GLU A 1 129 ? -5.660  1.193   -15.785 1.00 56.24 ? 126 GLU A OE1 1 
ATOM   1009 O  OE2 . GLU A 1 129 ? -6.109  3.198   -16.624 1.00 57.18 ? 126 GLU A OE2 1 
ATOM   1010 N  N   . PHE A 1 130 ? -3.317  1.807   -11.430 1.00 39.77 ? 127 PHE A N   1 
ATOM   1011 C  CA  . PHE A 1 130 ? -1.926  1.677   -11.027 1.00 38.54 ? 127 PHE A CA  1 
ATOM   1012 C  C   . PHE A 1 130 ? -1.421  0.260   -11.142 1.00 38.28 ? 127 PHE A C   1 
ATOM   1013 O  O   . PHE A 1 130 ? -0.397  0.037   -11.785 1.00 38.23 ? 127 PHE A O   1 
ATOM   1014 C  CB  . PHE A 1 130 ? -1.695  2.154   -9.586  1.00 38.78 ? 127 PHE A CB  1 
ATOM   1015 C  CG  . PHE A 1 130 ? -0.302  1.827   -9.055  1.00 38.27 ? 127 PHE A CG  1 
ATOM   1016 C  CD1 . PHE A 1 130 ? 0.763   2.723   -9.239  1.00 39.20 ? 127 PHE A CD1 1 
ATOM   1017 C  CD2 . PHE A 1 130 ? -0.053  0.632   -8.408  1.00 37.92 ? 127 PHE A CD2 1 
ATOM   1018 C  CE1 . PHE A 1 130 ? 2.040   2.429   -8.782  1.00 37.11 ? 127 PHE A CE1 1 
ATOM   1019 C  CE2 . PHE A 1 130 ? 1.227   0.321   -7.946  1.00 38.99 ? 127 PHE A CE2 1 
ATOM   1020 C  CZ  . PHE A 1 130 ? 2.275   1.231   -8.136  1.00 38.99 ? 127 PHE A CZ  1 
ATOM   1021 N  N   . PHE A 1 131 ? -2.118  -0.696  -10.511 1.00 37.67 ? 128 PHE A N   1 
ATOM   1022 C  CA  . PHE A 1 131 ? -1.677  -2.099  -10.529 1.00 36.98 ? 128 PHE A CA  1 
ATOM   1023 C  C   . PHE A 1 131 ? -1.776  -2.730  -11.902 1.00 37.80 ? 128 PHE A C   1 
ATOM   1024 O  O   . PHE A 1 131 ? -0.903  -3.521  -12.277 1.00 38.02 ? 128 PHE A O   1 
ATOM   1025 C  CB  . PHE A 1 131 ? -2.404  -2.963  -9.483  1.00 35.89 ? 128 PHE A CB  1 
ATOM   1026 C  CG  . PHE A 1 131 ? -1.886  -2.785  -8.070  1.00 33.76 ? 128 PHE A CG  1 
ATOM   1027 C  CD1 . PHE A 1 131 ? -0.693  -3.380  -7.669  1.00 30.92 ? 128 PHE A CD1 1 
ATOM   1028 C  CD2 . PHE A 1 131 ? -2.591  -2.009  -7.144  1.00 30.82 ? 128 PHE A CD2 1 
ATOM   1029 C  CE1 . PHE A 1 131 ? -0.211  -3.207  -6.354  1.00 30.78 ? 128 PHE A CE1 1 
ATOM   1030 C  CE2 . PHE A 1 131 ? -2.123  -1.832  -5.835  1.00 29.81 ? 128 PHE A CE2 1 
ATOM   1031 C  CZ  . PHE A 1 131 ? -0.931  -2.430  -5.437  1.00 30.01 ? 128 PHE A CZ  1 
ATOM   1032 N  N   . ALA A 1 132 ? -2.831  -2.390  -12.647 1.00 38.66 ? 129 ALA A N   1 
ATOM   1033 C  CA  . ALA A 1 132 ? -3.043  -2.940  -13.987 1.00 39.72 ? 129 ALA A CA  1 
ATOM   1034 C  C   . ALA A 1 132 ? -1.905  -2.571  -14.949 1.00 40.58 ? 129 ALA A C   1 
ATOM   1035 O  O   . ALA A 1 132 ? -1.496  -3.398  -15.750 1.00 39.85 ? 129 ALA A O   1 
ATOM   1036 C  CB  . ALA A 1 132 ? -4.392  -2.496  -14.545 1.00 39.81 ? 129 ALA A CB  1 
ATOM   1037 N  N   . LYS A 1 133 ? -1.389  -1.338  -14.839 1.00 42.08 ? 130 LYS A N   1 
ATOM   1038 C  CA  . LYS A 1 133 ? -0.259  -0.874  -15.657 1.00 43.72 ? 130 LYS A CA  1 
ATOM   1039 C  C   . LYS A 1 133 ? 1.069   -1.600  -15.346 1.00 44.46 ? 130 LYS A C   1 
ATOM   1040 O  O   . LYS A 1 133 ? 2.068   -1.403  -16.052 1.00 44.94 ? 130 LYS A O   1 
ATOM   1041 C  CB  . LYS A 1 133 ? -0.025  0.641   -15.493 1.00 43.75 ? 130 LYS A CB  1 
ATOM   1042 C  CG  . LYS A 1 133 ? -1.215  1.569   -15.725 1.00 46.05 ? 130 LYS A CG  1 
ATOM   1043 C  CD  . LYS A 1 133 ? -1.475  1.818   -17.199 1.00 49.92 ? 130 LYS A CD  1 
ATOM   1044 C  CE  . LYS A 1 133 ? -1.760  3.289   -17.485 1.00 52.66 ? 130 LYS A CE  1 
ATOM   1045 N  NZ  . LYS A 1 133 ? -2.981  3.840   -16.816 1.00 54.18 ? 130 LYS A NZ  1 
ATOM   1046 N  N   . ARG A 1 134 ? 1.094   -2.391  -14.271 1.00 44.96 ? 131 ARG A N   1 
ATOM   1047 C  CA  . ARG A 1 134 ? 2.305   -3.096  -13.849 1.00 45.06 ? 131 ARG A CA  1 
ATOM   1048 C  C   . ARG A 1 134 ? 2.039   -4.584  -13.959 1.00 45.30 ? 131 ARG A C   1 
ATOM   1049 O  O   . ARG A 1 134 ? 2.633   -5.390  -13.249 1.00 45.44 ? 131 ARG A O   1 
ATOM   1050 C  CB  . ARG A 1 134 ? 2.704   -2.742  -12.410 1.00 45.23 ? 131 ARG A CB  1 
ATOM   1051 C  CG  . ARG A 1 134 ? 2.515   -1.283  -11.979 1.00 46.42 ? 131 ARG A CG  1 
ATOM   1052 C  CD  . ARG A 1 134 ? 3.470   -0.363  -12.718 1.00 48.46 ? 131 ARG A CD  1 
ATOM   1053 N  NE  . ARG A 1 134 ? 3.599   0.989   -12.164 1.00 49.85 ? 131 ARG A NE  1 
ATOM   1054 C  CZ  . ARG A 1 134 ? 2.669   1.944   -12.248 1.00 51.31 ? 131 ARG A CZ  1 
ATOM   1055 N  NH1 . ARG A 1 134 ? 1.488   1.703   -12.797 1.00 49.41 ? 131 ARG A NH1 1 
ATOM   1056 N  NH2 . ARG A 1 134 ? 2.904   3.149   -11.746 1.00 53.09 ? 131 ARG A NH2 1 
ATOM   1057 N  N   . GLY A 1 135 ? 1.121   -4.944  -14.844 1.00 45.42 ? 132 GLY A N   1 
ATOM   1058 C  CA  . GLY A 1 135 ? 0.900   -6.339  -15.187 1.00 45.58 ? 132 GLY A CA  1 
ATOM   1059 C  C   . GLY A 1 135 ? -0.007  -7.137  -14.272 1.00 45.26 ? 132 GLY A C   1 
ATOM   1060 O  O   . GLY A 1 135 ? -0.131  -8.347  -14.444 1.00 45.70 ? 132 GLY A O   1 
ATOM   1061 N  N   . TYR A 1 136 ? -0.637  -6.482  -13.301 1.00 45.09 ? 133 TYR A N   1 
ATOM   1062 C  CA  . TYR A 1 136 ? -1.642  -7.150  -12.463 1.00 44.66 ? 133 TYR A CA  1 
ATOM   1063 C  C   . TYR A 1 136 ? -2.974  -7.247  -13.197 1.00 45.10 ? 133 TYR A C   1 
ATOM   1064 O  O   . TYR A 1 136 ? -3.449  -6.261  -13.789 1.00 44.89 ? 133 TYR A O   1 
ATOM   1065 C  CB  . TYR A 1 136 ? -1.820  -6.428  -11.125 1.00 44.06 ? 133 TYR A CB  1 
ATOM   1066 C  CG  . TYR A 1 136 ? -0.620  -6.571  -10.223 1.00 43.21 ? 133 TYR A CG  1 
ATOM   1067 C  CD1 . TYR A 1 136 ? 0.555   -5.848  -10.474 1.00 42.08 ? 133 TYR A CD1 1 
ATOM   1068 C  CD2 . TYR A 1 136 ? -0.653  -7.427  -9.122  1.00 40.89 ? 133 TYR A CD2 1 
ATOM   1069 C  CE1 . TYR A 1 136 ? 1.662   -5.988  -9.655  1.00 41.99 ? 133 TYR A CE1 1 
ATOM   1070 C  CE2 . TYR A 1 136 ? 0.443   -7.567  -8.296  1.00 40.61 ? 133 TYR A CE2 1 
ATOM   1071 C  CZ  . TYR A 1 136 ? 1.593   -6.847  -8.568  1.00 42.44 ? 133 TYR A CZ  1 
ATOM   1072 O  OH  . TYR A 1 136 ? 2.687   -6.987  -7.766  1.00 43.45 ? 133 TYR A OH  1 
ATOM   1073 N  N   . VAL A 1 137 ? -3.574  -8.435  -13.150 1.00 45.39 ? 134 VAL A N   1 
ATOM   1074 C  CA  . VAL A 1 137 ? -4.799  -8.696  -13.885 1.00 45.95 ? 134 VAL A CA  1 
ATOM   1075 C  C   . VAL A 1 137 ? -5.943  -8.975  -12.929 1.00 46.25 ? 134 VAL A C   1 
ATOM   1076 O  O   . VAL A 1 137 ? -5.837  -9.853  -12.074 1.00 46.33 ? 134 VAL A O   1 
ATOM   1077 C  CB  . VAL A 1 137 ? -4.615  -9.873  -14.877 1.00 46.28 ? 134 VAL A CB  1 
ATOM   1078 C  CG1 . VAL A 1 137 ? -5.953  -10.297 -15.490 1.00 46.33 ? 134 VAL A CG1 1 
ATOM   1079 C  CG2 . VAL A 1 137 ? -3.592  -9.504  -15.964 1.00 46.05 ? 134 VAL A CG2 1 
ATOM   1080 N  N   . ALA A 1 138 ? -7.036  -8.229  -13.098 1.00 46.80 ? 135 ALA A N   1 
ATOM   1081 C  CA  . ALA A 1 138 ? -8.224  -8.347  -12.251 1.00 47.20 ? 135 ALA A CA  1 
ATOM   1082 C  C   . ALA A 1 138 ? -8.836  -9.736  -12.326 1.00 47.94 ? 135 ALA A C   1 
ATOM   1083 O  O   . ALA A 1 138 ? -9.163  -10.223 -13.404 1.00 48.41 ? 135 ALA A O   1 
ATOM   1084 C  CB  . ALA A 1 138 ? -9.246  -7.307  -12.634 1.00 47.07 ? 135 ALA A CB  1 
ATOM   1085 N  N   . LYS A 1 139 ? -8.983  -10.373 -11.174 1.00 48.41 ? 136 LYS A N   1 
ATOM   1086 C  CA  . LYS A 1 139 ? -9.530  -11.712 -11.121 1.00 48.87 ? 136 LYS A CA  1 
ATOM   1087 C  C   . LYS A 1 139 ? -10.893 -11.774 -10.449 1.00 48.60 ? 136 LYS A C   1 
ATOM   1088 O  O   . LYS A 1 139 ? -11.754 -12.542 -10.877 1.00 48.57 ? 136 LYS A O   1 
ATOM   1089 C  CB  . LYS A 1 139 ? -8.547  -12.682 -10.445 1.00 49.50 ? 136 LYS A CB  1 
ATOM   1090 C  CG  . LYS A 1 139 ? -7.259  -12.940 -11.261 1.00 51.11 ? 136 LYS A CG  1 
ATOM   1091 C  CD  . LYS A 1 139 ? -7.536  -13.053 -12.781 1.00 53.03 ? 136 LYS A CD  1 
ATOM   1092 C  CE  . LYS A 1 139 ? -6.355  -13.604 -13.545 1.00 53.03 ? 136 LYS A CE  1 
ATOM   1093 N  NZ  . LYS A 1 139 ? -6.251  -15.085 -13.356 1.00 56.17 ? 136 LYS A NZ  1 
ATOM   1094 N  N   . GLN A 1 140 ? -11.092 -10.961 -9.412  1.00 48.17 ? 137 GLN A N   1 
ATOM   1095 C  CA  . GLN A 1 140 ? -12.277 -11.086 -8.561  1.00 47.76 ? 137 GLN A CA  1 
ATOM   1096 C  C   . GLN A 1 140 ? -12.594 -9.771  -7.855  1.00 47.00 ? 137 GLN A C   1 
ATOM   1097 O  O   . GLN A 1 140 ? -11.752 -9.217  -7.150  1.00 47.56 ? 137 GLN A O   1 
ATOM   1098 C  CB  . GLN A 1 140 ? -12.067 -12.230 -7.545  1.00 47.99 ? 137 GLN A CB  1 
ATOM   1099 C  CG  . GLN A 1 140 ? -13.276 -12.617 -6.711  1.00 49.52 ? 137 GLN A CG  1 
ATOM   1100 C  CD  . GLN A 1 140 ? -14.528 -12.839 -7.549  1.00 52.84 ? 137 GLN A CD  1 
ATOM   1101 O  OE1 . GLN A 1 140 ? -15.428 -12.000 -7.568  1.00 53.53 ? 137 GLN A OE1 1 
ATOM   1102 N  NE2 . GLN A 1 140 ? -14.584 -13.967 -8.262  1.00 54.75 ? 137 GLN A NE2 1 
ATOM   1103 N  N   . ARG A 1 141 ? -13.803 -9.268  -8.073  1.00 45.61 ? 138 ARG A N   1 
ATOM   1104 C  CA  . ARG A 1 141 ? -14.308 -8.112  -7.361  1.00 44.40 ? 138 ARG A CA  1 
ATOM   1105 C  C   . ARG A 1 141 ? -14.811 -8.597  -5.996  1.00 43.94 ? 138 ARG A C   1 
ATOM   1106 O  O   . ARG A 1 141 ? -15.511 -9.602  -5.917  1.00 44.55 ? 138 ARG A O   1 
ATOM   1107 C  CB  . ARG A 1 141 ? -15.403 -7.431  -8.202  1.00 44.50 ? 138 ARG A CB  1 
ATOM   1108 C  CG  . ARG A 1 141 ? -16.092 -6.209  -7.596  1.00 43.51 ? 138 ARG A CG  1 
ATOM   1109 C  CD  . ARG A 1 141 ? -15.976 -4.989  -8.538  1.00 43.44 ? 138 ARG A CD  1 
ATOM   1110 N  NE  . ARG A 1 141 ? -14.839 -4.197  -8.096  1.00 41.89 ? 138 ARG A NE  1 
ATOM   1111 C  CZ  . ARG A 1 141 ? -14.865 -2.946  -7.646  1.00 40.47 ? 138 ARG A CZ  1 
ATOM   1112 N  NH1 . ARG A 1 141 ? -15.963 -2.216  -7.632  1.00 36.64 ? 138 ARG A NH1 1 
ATOM   1113 N  NH2 . ARG A 1 141 ? -13.727 -2.403  -7.242  1.00 42.40 ? 138 ARG A NH2 1 
ATOM   1114 N  N   . ASN A 1 142 ? -14.403 -7.920  -4.923  1.00 42.53 ? 139 ASN A N   1 
ATOM   1115 C  CA  . ASN A 1 142 ? -14.788 -8.294  -3.565  1.00 41.04 ? 139 ASN A CA  1 
ATOM   1116 C  C   . ASN A 1 142 ? -15.352 -7.116  -2.806  1.00 40.14 ? 139 ASN A C   1 
ATOM   1117 O  O   . ASN A 1 142 ? -15.223 -5.966  -3.213  1.00 40.05 ? 139 ASN A O   1 
ATOM   1118 C  CB  . ASN A 1 142 ? -13.600 -8.806  -2.730  1.00 41.15 ? 139 ASN A CB  1 
ATOM   1119 C  CG  . ASN A 1 142 ? -12.535 -9.520  -3.545  1.00 41.38 ? 139 ASN A CG  1 
ATOM   1120 O  OD1 . ASN A 1 142 ? -12.755 -10.615 -4.085  1.00 42.13 ? 139 ASN A OD1 1 
ATOM   1121 N  ND2 . ASN A 1 142 ? -11.354 -8.921  -3.598  1.00 39.30 ? 139 ASN A ND2 1 
ATOM   1122 N  N   . THR A 1 143 ? -15.967 -7.424  -1.679  1.00 39.26 ? 140 THR A N   1 
ATOM   1123 C  CA  . THR A 1 143 ? -16.327 -6.438  -0.683  1.00 38.12 ? 140 THR A CA  1 
ATOM   1124 C  C   . THR A 1 143 ? -15.627 -6.880  0.586   1.00 37.97 ? 140 THR A C   1 
ATOM   1125 O  O   . THR A 1 143 ? -15.614 -8.060  0.915   1.00 37.90 ? 140 THR A O   1 
ATOM   1126 C  CB  . THR A 1 143 ? -17.863 -6.385  -0.479  1.00 37.88 ? 140 THR A CB  1 
ATOM   1127 O  OG1 . THR A 1 143 ? -18.485 -5.917  -1.688  1.00 37.99 ? 140 THR A OG1 1 
ATOM   1128 C  CG2 . THR A 1 143 ? -18.245 -5.497  0.671   1.00 34.62 ? 140 THR A CG2 1 
ATOM   1129 N  N   . VAL A 1 144 ? -15.018 -5.934  1.277   1.00 38.19 ? 141 VAL A N   1 
ATOM   1130 C  CA  . VAL A 1 144 ? -14.403 -6.210  2.568   1.00 38.57 ? 141 VAL A CA  1 
ATOM   1131 C  C   . VAL A 1 144 ? -15.180 -5.443  3.645   1.00 38.96 ? 141 VAL A C   1 
ATOM   1132 O  O   . VAL A 1 144 ? -15.606 -4.304  3.432   1.00 38.96 ? 141 VAL A O   1 
ATOM   1133 C  CB  . VAL A 1 144 ? -12.852 -5.865  2.565   1.00 38.32 ? 141 VAL A CB  1 
ATOM   1134 C  CG1 . VAL A 1 144 ? -12.614 -4.379  2.329   1.00 37.37 ? 141 VAL A CG1 1 
ATOM   1135 C  CG2 . VAL A 1 144 ? -12.175 -6.322  3.847   1.00 37.62 ? 141 VAL A CG2 1 
ATOM   1136 N  N   . SER A 1 145 ? -15.379 -6.088  4.789   1.00 39.45 ? 142 SER A N   1 
ATOM   1137 C  CA  . SER A 1 145 ? -16.013 -5.448  5.928   1.00 39.90 ? 142 SER A CA  1 
ATOM   1138 C  C   . SER A 1 145 ? -14.915 -4.923  6.854   1.00 40.19 ? 142 SER A C   1 
ATOM   1139 O  O   . SER A 1 145 ? -14.108 -5.695  7.352   1.00 40.14 ? 142 SER A O   1 
ATOM   1140 C  CB  . SER A 1 145 ? -16.939 -6.433  6.653   1.00 39.73 ? 142 SER A CB  1 
ATOM   1141 O  OG  . SER A 1 145 ? -17.575 -5.811  7.761   1.00 40.10 ? 142 SER A OG  1 
ATOM   1142 N  N   . ILE A 1 146 ? -14.872 -3.604  7.038   1.00 40.46 ? 143 ILE A N   1 
ATOM   1143 C  CA  . ILE A 1 146 ? -13.871 -2.949  7.870   1.00 41.00 ? 143 ILE A CA  1 
ATOM   1144 C  C   . ILE A 1 146 ? -14.609 -2.025  8.805   1.00 41.10 ? 143 ILE A C   1 
ATOM   1145 O  O   . ILE A 1 146 ? -15.313 -1.125  8.346   1.00 41.07 ? 143 ILE A O   1 
ATOM   1146 C  CB  . ILE A 1 146 ? -12.873 -2.052  7.066   1.00 40.94 ? 143 ILE A CB  1 
ATOM   1147 C  CG1 . ILE A 1 146 ? -12.106 -2.846  6.016   1.00 41.78 ? 143 ILE A CG1 1 
ATOM   1148 C  CG2 . ILE A 1 146 ? -11.876 -1.353  8.026   1.00 41.54 ? 143 ILE A CG2 1 
ATOM   1149 C  CD1 . ILE A 1 146 ? -11.251 -1.971  5.080   1.00 41.51 ? 143 ILE A CD1 1 
ATOM   1150 N  N   . ASN A 1 147 ? -14.437 -2.232  10.110  1.00 41.44 ? 144 ASN A N   1 
ATOM   1151 C  CA  . ASN A 1 147 ? -15.030 -1.361  11.122  1.00 41.69 ? 144 ASN A CA  1 
ATOM   1152 C  C   . ASN A 1 147 ? -16.498 -1.021  10.851  1.00 41.32 ? 144 ASN A C   1 
ATOM   1153 O  O   . ASN A 1 147 ? -16.921 0.142   10.960  1.00 41.57 ? 144 ASN A O   1 
ATOM   1154 C  CB  . ASN A 1 147 ? -14.207 -0.080  11.273  1.00 42.08 ? 144 ASN A CB  1 
ATOM   1155 C  CG  . ASN A 1 147 ? -14.301 0.493   12.659  1.00 44.30 ? 144 ASN A CG  1 
ATOM   1156 O  OD1 . ASN A 1 147 ? -14.649 -0.218  13.605  1.00 47.75 ? 144 ASN A OD1 1 
ATOM   1157 N  ND2 . ASN A 1 147 ? -13.998 1.780   12.801  1.00 46.11 ? 144 ASN A ND2 1 
ATOM   1158 N  N   . GLY A 1 148 ? -17.261 -2.042  10.468  1.00 40.79 ? 145 GLY A N   1 
ATOM   1159 C  CA  . GLY A 1 148 ? -18.692 -1.901  10.227  1.00 40.02 ? 145 GLY A CA  1 
ATOM   1160 C  C   . GLY A 1 148 ? -19.086 -1.255  8.907   1.00 39.12 ? 145 GLY A C   1 
ATOM   1161 O  O   . GLY A 1 148 ? -20.259 -0.947  8.700   1.00 39.10 ? 145 GLY A O   1 
ATOM   1162 N  N   . GLU A 1 149 ? -18.115 -1.035  8.024   1.00 38.13 ? 146 GLU A N   1 
ATOM   1163 C  CA  . GLU A 1 149 ? -18.385 -0.516  6.685   1.00 37.43 ? 146 GLU A CA  1 
ATOM   1164 C  C   . GLU A 1 149 ? -18.058 -1.566  5.646   1.00 36.96 ? 146 GLU A C   1 
ATOM   1165 O  O   . GLU A 1 149 ? -17.202 -2.408  5.886   1.00 37.37 ? 146 GLU A O   1 
ATOM   1166 C  CB  . GLU A 1 149 ? -17.554 0.738   6.405   1.00 37.22 ? 146 GLU A CB  1 
ATOM   1167 C  CG  . GLU A 1 149 ? -18.023 1.969   7.143   1.00 37.17 ? 146 GLU A CG  1 
ATOM   1168 C  CD  . GLU A 1 149 ? -19.116 2.699   6.396   1.00 37.60 ? 146 GLU A CD  1 
ATOM   1169 O  OE1 . GLU A 1 149 ? -20.087 3.097   7.043   1.00 36.56 ? 146 GLU A OE1 1 
ATOM   1170 O  OE2 . GLU A 1 149 ? -19.013 2.867   5.162   1.00 39.12 ? 146 GLU A OE2 1 
ATOM   1171 N  N   . TRP A 1 150 ? -18.731 -1.501  4.499   1.00 35.91 ? 147 TRP A N   1 
ATOM   1172 C  CA  . TRP A 1 150 ? -18.379 -2.313  3.353   1.00 35.69 ? 147 TRP A CA  1 
ATOM   1173 C  C   . TRP A 1 150 ? -17.639 -1.460  2.300   1.00 35.97 ? 147 TRP A C   1 
ATOM   1174 O  O   . TRP A 1 150 ? -18.056 -0.333  1.980   1.00 36.06 ? 147 TRP A O   1 
ATOM   1175 C  CB  . TRP A 1 150 ? -19.612 -2.994  2.743   1.00 35.19 ? 147 TRP A CB  1 
ATOM   1176 C  CG  . TRP A 1 150 ? -20.271 -4.086  3.618   1.00 35.93 ? 147 TRP A CG  1 
ATOM   1177 C  CD1 . TRP A 1 150 ? -19.794 -4.625  4.795   1.00 35.85 ? 147 TRP A CD1 1 
ATOM   1178 C  CD2 . TRP A 1 150 ? -21.501 -4.776  3.339   1.00 35.72 ? 147 TRP A CD2 1 
ATOM   1179 N  NE1 . TRP A 1 150 ? -20.667 -5.588  5.270   1.00 35.81 ? 147 TRP A NE1 1 
ATOM   1180 C  CE2 . TRP A 1 150 ? -21.718 -5.700  4.396   1.00 36.32 ? 147 TRP A CE2 1 
ATOM   1181 C  CE3 . TRP A 1 150 ? -22.451 -4.688  2.311   1.00 34.50 ? 147 TRP A CE3 1 
ATOM   1182 C  CZ2 . TRP A 1 150 ? -22.849 -6.538  4.443   1.00 34.94 ? 147 TRP A CZ2 1 
ATOM   1183 C  CZ3 . TRP A 1 150 ? -23.573 -5.525  2.366   1.00 35.85 ? 147 TRP A CZ3 1 
ATOM   1184 C  CH2 . TRP A 1 150 ? -23.755 -6.436  3.426   1.00 34.20 ? 147 TRP A CH2 1 
ATOM   1185 N  N   . LEU A 1 151 ? -16.544 -2.010  1.773   1.00 35.43 ? 148 LEU A N   1 
ATOM   1186 C  CA  . LEU A 1 151 ? -15.700 -1.319  0.810   1.00 35.15 ? 148 LEU A CA  1 
ATOM   1187 C  C   . LEU A 1 151 ? -15.381 -2.301  -0.289  1.00 35.22 ? 148 LEU A C   1 
ATOM   1188 O  O   . LEU A 1 151 ? -15.019 -3.447  -0.004  1.00 35.56 ? 148 LEU A O   1 
ATOM   1189 C  CB  . LEU A 1 151 ? -14.399 -0.837  1.470   1.00 34.39 ? 148 LEU A CB  1 
ATOM   1190 C  CG  . LEU A 1 151 ? -14.325 0.499   2.201   1.00 33.75 ? 148 LEU A CG  1 
ATOM   1191 C  CD1 . LEU A 1 151 ? -14.893 0.437   3.613   1.00 34.27 ? 148 LEU A CD1 1 
ATOM   1192 C  CD2 . LEU A 1 151 ? -12.893 0.941   2.286   1.00 31.25 ? 148 LEU A CD2 1 
ATOM   1193 N  N   . ALA A 1 152 ? -15.527 -1.874  -1.541  1.00 35.25 ? 149 ALA A N   1 
ATOM   1194 C  CA  . ALA A 1 152 ? -15.188 -2.724  -2.681  1.00 35.42 ? 149 ALA A CA  1 
ATOM   1195 C  C   . ALA A 1 152 ? -13.675 -2.736  -2.902  1.00 36.12 ? 149 ALA A C   1 
ATOM   1196 O  O   . ALA A 1 152 ? -12.980 -1.776  -2.546  1.00 35.99 ? 149 ALA A O   1 
ATOM   1197 C  CB  . ALA A 1 152 ? -15.894 -2.261  -3.928  1.00 34.70 ? 149 ALA A CB  1 
ATOM   1198 N  N   . ASN A 1 153 ? -13.180 -3.845  -3.453  1.00 36.62 ? 150 ASN A N   1 
ATOM   1199 C  CA  . ASN A 1 153 ? -11.847 -3.916  -4.029  1.00 37.45 ? 150 ASN A CA  1 
ATOM   1200 C  C   . ASN A 1 153 ? -11.794 -5.039  -5.038  1.00 38.18 ? 150 ASN A C   1 
ATOM   1201 O  O   . ASN A 1 153 ? -12.792 -5.707  -5.264  1.00 38.72 ? 150 ASN A O   1 
ATOM   1202 C  CB  . ASN A 1 153 ? -10.721 -4.019  -2.971  1.00 37.39 ? 150 ASN A CB  1 
ATOM   1203 C  CG  . ASN A 1 153 ? -10.783 -5.288  -2.148  1.00 36.15 ? 150 ASN A CG  1 
ATOM   1204 O  OD1 . ASN A 1 153 ? -10.948 -6.389  -2.673  1.00 34.88 ? 150 ASN A OD1 1 
ATOM   1205 N  ND2 . ASN A 1 153 ? -10.627 -5.135  -0.843  1.00 34.38 ? 150 ASN A ND2 1 
ATOM   1206 N  N   . THR A 1 154 ? -10.642 -5.220  -5.668  1.00 38.99 ? 151 THR A N   1 
ATOM   1207 C  CA  . THR A 1 154 ? -10.477 -6.232  -6.691  1.00 39.54 ? 151 THR A CA  1 
ATOM   1208 C  C   . THR A 1 154 ? -9.190  -7.000  -6.423  1.00 40.18 ? 151 THR A C   1 
ATOM   1209 O  O   . THR A 1 154 ? -8.113  -6.404  -6.238  1.00 40.22 ? 151 THR A O   1 
ATOM   1210 C  CB  . THR A 1 154 ? -10.415 -5.600  -8.104  1.00 39.22 ? 151 THR A CB  1 
ATOM   1211 O  OG1 . THR A 1 154 ? -11.421 -4.597  -8.220  1.00 40.10 ? 151 THR A OG1 1 
ATOM   1212 C  CG2 . THR A 1 154 ? -10.650 -6.633  -9.192  1.00 38.94 ? 151 THR A CG2 1 
ATOM   1213 N  N   . THR A 1 155 ? -9.318  -8.322  -6.403  1.00 40.74 ? 152 THR A N   1 
ATOM   1214 C  CA  . THR A 1 155 ? -8.172  -9.218  -6.378  1.00 41.12 ? 152 THR A CA  1 
ATOM   1215 C  C   . THR A 1 155 ? -7.561  -9.204  -7.771  1.00 41.72 ? 152 THR A C   1 
ATOM   1216 O  O   . THR A 1 155 ? -8.255  -9.377  -8.758  1.00 41.54 ? 152 THR A O   1 
ATOM   1217 C  CB  . THR A 1 155 ? -8.583  -10.649 -5.973  1.00 40.85 ? 152 THR A CB  1 
ATOM   1218 O  OG1 . THR A 1 155 ? -9.290  -10.597 -4.731  1.00 39.89 ? 152 THR A OG1 1 
ATOM   1219 C  CG2 . THR A 1 155 ? -7.364  -11.550 -5.823  1.00 40.57 ? 152 THR A CG2 1 
HETATM 1220 N  N   . MSE A 1 156 ? -6.263  -8.938  -7.828  1.00 42.69 ? 153 MSE A N   1 
HETATM 1221 C  CA  . MSE A 1 156 ? -5.523  -8.817  -9.076  1.00 43.88 ? 153 MSE A CA  1 
HETATM 1222 C  C   . MSE A 1 156 ? -4.224  -9.569  -8.876  1.00 44.53 ? 153 MSE A C   1 
HETATM 1223 O  O   . MSE A 1 156 ? -3.597  -9.453  -7.823  1.00 44.19 ? 153 MSE A O   1 
HETATM 1224 C  CB  . MSE A 1 156 ? -5.219  -7.349  -9.403  1.00 44.07 ? 153 MSE A CB  1 
HETATM 1225 C  CG  . MSE A 1 156 ? -6.407  -6.410  -9.274  1.00 43.56 ? 153 MSE A CG  1 
HETATM 1226 SE SE  . MSE A 1 156 ? -6.044  -4.659  -9.944  0.70 44.80 ? 153 MSE A SE  1 
HETATM 1227 C  CE  . MSE A 1 156 ? -7.590  -3.817  -9.371  1.00 46.79 ? 153 MSE A CE  1 
ATOM   1228 N  N   . THR A 1 157 ? -3.830  -10.353 -9.872  1.00 45.47 ? 154 THR A N   1 
ATOM   1229 C  CA  . THR A 1 157 ? -2.636  -11.200 -9.749  1.00 46.79 ? 154 THR A CA  1 
ATOM   1230 C  C   . THR A 1 157 ? -1.612  -10.901 -10.836 1.00 47.12 ? 154 THR A C   1 
ATOM   1231 O  O   . THR A 1 157 ? -1.972  -10.499 -11.940 1.00 47.02 ? 154 THR A O   1 
ATOM   1232 C  CB  . THR A 1 157 ? -2.989  -12.711 -9.775  1.00 46.70 ? 154 THR A CB  1 
ATOM   1233 O  OG1 . THR A 1 157 ? -3.647  -13.020 -11.008 1.00 48.12 ? 154 THR A OG1 1 
ATOM   1234 C  CG2 . THR A 1 157 ? -3.907  -13.090 -8.608  1.00 46.07 ? 154 THR A CG2 1 
ATOM   1235 N  N   . LYS A 1 158 ? -0.338  -11.076 -10.499 1.00 48.20 ? 155 LYS A N   1 
ATOM   1236 C  CA  . LYS A 1 158 ? 0.750   -10.940 -11.458 1.00 49.37 ? 155 LYS A CA  1 
ATOM   1237 C  C   . LYS A 1 158 ? 1.674   -12.155 -11.423 1.00 50.77 ? 155 LYS A C   1 
ATOM   1238 O  O   . LYS A 1 158 ? 2.137   -12.564 -10.348 1.00 50.38 ? 155 LYS A O   1 
ATOM   1239 C  CB  . LYS A 1 158 ? 1.557   -9.670  -11.187 1.00 49.16 ? 155 LYS A CB  1 
ATOM   1240 C  CG  . LYS A 1 158 ? 2.602   -9.350  -12.262 1.00 48.17 ? 155 LYS A CG  1 
ATOM   1241 C  CD  . LYS A 1 158 ? 3.521   -8.240  -11.816 1.00 45.46 ? 155 LYS A CD  1 
ATOM   1242 C  CE  . LYS A 1 158 ? 4.526   -7.890  -12.886 1.00 45.64 ? 155 LYS A CE  1 
ATOM   1243 N  NZ  . LYS A 1 158 ? 5.276   -6.648  -12.530 1.00 45.03 ? 155 LYS A NZ  1 
ATOM   1244 N  N   . SER A 1 159 ? 1.932   -12.726 -12.604 1.00 52.60 ? 156 SER A N   1 
ATOM   1245 C  CA  . SER A 1 159 ? 2.937   -13.791 -12.767 1.00 54.37 ? 156 SER A CA  1 
ATOM   1246 C  C   . SER A 1 159 ? 4.337   -13.177 -12.680 1.00 55.18 ? 156 SER A C   1 
ATOM   1247 O  O   . SER A 1 159 ? 4.603   -12.134 -13.302 1.00 55.71 ? 156 SER A O   1 
ATOM   1248 C  CB  . SER A 1 159 ? 2.759   -14.511 -14.108 1.00 54.57 ? 156 SER A CB  1 
ATOM   1249 O  OG  . SER A 1 159 ? 3.235   -15.856 -14.039 1.00 56.08 ? 156 SER A OG  1 
ATOM   1250 N  N   . LEU A 1 160 ? 5.222   -13.807 -11.906 1.00 55.92 ? 157 LEU A N   1 
ATOM   1251 C  CA  . LEU A 1 160 ? 6.567   -13.275 -11.688 1.00 56.78 ? 157 LEU A CA  1 
ATOM   1252 C  C   . LEU A 1 160 ? 7.606   -13.855 -12.664 1.00 57.49 ? 157 LEU A C   1 
ATOM   1253 O  O   . LEU A 1 160 ? 7.507   -15.013 -13.110 1.00 58.08 ? 157 LEU A O   1 
ATOM   1254 C  CB  . LEU A 1 160 ? 7.001   -13.495 -10.231 1.00 56.92 ? 157 LEU A CB  1 
ATOM   1255 C  CG  . LEU A 1 160 ? 6.873   -12.378 -9.179  1.00 57.43 ? 157 LEU A CG  1 
ATOM   1256 C  CD1 . LEU A 1 160 ? 5.657   -11.457 -9.403  1.00 58.14 ? 157 LEU A CD1 1 
ATOM   1257 C  CD2 . LEU A 1 160 ? 6.854   -12.963 -7.754  1.00 55.99 ? 157 LEU A CD2 1 
HETATM 1258 S  S   . SO4 B 2 .   ? 16.524  9.484   1.057   1.00 83.82 ? 201 SO4 A S   1 
HETATM 1259 O  O1  . SO4 B 2 .   ? 15.697  8.325   1.342   1.00 84.28 ? 201 SO4 A O1  1 
HETATM 1260 O  O2  . SO4 B 2 .   ? 16.660  9.603   -0.407  1.00 83.87 ? 201 SO4 A O2  1 
HETATM 1261 O  O3  . SO4 B 2 .   ? 15.840  10.665  1.524   1.00 83.65 ? 201 SO4 A O3  1 
HETATM 1262 O  O4  . SO4 B 2 .   ? 17.774  9.374   1.816   1.00 81.80 ? 201 SO4 A O4  1 
HETATM 1263 N  N1A . ACO C 3 .   ? 4.757   12.549  -14.750 1.00 75.65 ? 200 ACO A N1A 1 
HETATM 1264 C  C2A . ACO C 3 .   ? 3.566   11.974  -15.013 1.00 75.21 ? 200 ACO A C2A 1 
HETATM 1265 N  N3A . ACO C 3 .   ? 3.193   10.828  -14.411 1.00 75.42 ? 200 ACO A N3A 1 
HETATM 1266 C  C4A . ACO C 3 .   ? 3.995   10.192  -13.501 1.00 75.58 ? 200 ACO A C4A 1 
HETATM 1267 C  C5A . ACO C 3 .   ? 5.233   10.723  -13.176 1.00 75.66 ? 200 ACO A C5A 1 
HETATM 1268 C  C6A . ACO C 3 .   ? 5.624   11.992  -13.860 1.00 75.66 ? 200 ACO A C6A 1 
HETATM 1269 N  N6A . ACO C 3 .   ? 6.819   12.583  -13.607 1.00 75.39 ? 200 ACO A N6A 1 
HETATM 1270 N  N7A . ACO C 3 .   ? 5.806   9.901   -12.268 1.00 74.97 ? 200 ACO A N7A 1 
HETATM 1271 C  C8A . ACO C 3 .   ? 4.939   8.886   -12.033 1.00 75.13 ? 200 ACO A C8A 1 
HETATM 1272 N  N9A . ACO C 3 .   ? 3.847   9.066   -12.790 1.00 74.85 ? 200 ACO A N9A 1 
HETATM 1273 C  C1B . ACO C 3 .   ? 2.621   8.227   -12.873 1.00 73.98 ? 200 ACO A C1B 1 
HETATM 1274 C  C2B . ACO C 3 .   ? 2.852   6.779   -13.262 1.00 72.43 ? 200 ACO A C2B 1 
HETATM 1275 O  O2B . ACO C 3 .   ? 2.954   6.638   -14.680 1.00 72.08 ? 200 ACO A O2B 1 
HETATM 1276 C  C3B . ACO C 3 .   ? 1.599   6.114   -12.716 1.00 71.99 ? 200 ACO A C3B 1 
HETATM 1277 O  O3B . ACO C 3 .   ? 0.584   6.010   -13.716 1.00 74.48 ? 200 ACO A O3B 1 
HETATM 1278 P  P3B . ACO C 3 .   ? -0.578  4.881   -13.655 1.00 78.25 ? 200 ACO A P3B 1 
HETATM 1279 O  O7A . ACO C 3 .   ? -1.580  5.318   -12.592 1.00 77.57 ? 200 ACO A O7A 1 
HETATM 1280 O  O8A . ACO C 3 .   ? 0.147   3.610   -13.276 1.00 78.43 ? 200 ACO A O8A 1 
HETATM 1281 O  O9A . ACO C 3 .   ? -1.121  4.900   -15.067 1.00 77.56 ? 200 ACO A O9A 1 
HETATM 1282 C  C4B . ACO C 3 .   ? 1.118   7.018   -11.573 1.00 68.95 ? 200 ACO A C4B 1 
HETATM 1283 O  O4B . ACO C 3 .   ? 1.896   8.215   -11.635 1.00 71.09 ? 200 ACO A O4B 1 
HETATM 1284 C  C5B . ACO C 3 .   ? 1.306   6.383   -10.195 1.00 63.02 ? 200 ACO A C5B 1 
HETATM 1285 O  O5B . ACO C 3 .   ? 2.637   5.850   -10.128 1.00 54.79 ? 200 ACO A O5B 1 
HETATM 1286 P  P1A . ACO C 3 .   ? 3.622   6.099   -8.882  1.00 48.53 ? 200 ACO A P1A 1 
HETATM 1287 O  O1A . ACO C 3 .   ? 4.038   7.555   -8.844  1.00 49.51 ? 200 ACO A O1A 1 
HETATM 1288 O  O2A . ACO C 3 .   ? 4.656   5.001   -8.988  1.00 48.16 ? 200 ACO A O2A 1 
HETATM 1289 O  O3A . ACO C 3 .   ? 2.634   5.755   -7.649  1.00 45.60 ? 200 ACO A O3A 1 
HETATM 1290 P  P2A . ACO C 3 .   ? 2.354   6.737   -6.428  1.00 41.65 ? 200 ACO A P2A 1 
HETATM 1291 O  O4A . ACO C 3 .   ? 1.521   7.882   -6.936  1.00 44.71 ? 200 ACO A O4A 1 
HETATM 1292 O  O5A . ACO C 3 .   ? 3.668   7.009   -5.753  1.00 42.12 ? 200 ACO A O5A 1 
HETATM 1293 O  O6A . ACO C 3 .   ? 1.457   5.831   -5.428  1.00 43.66 ? 200 ACO A O6A 1 
HETATM 1294 C  CBP . ACO C 3 .   ? -0.640  4.663   -4.770  1.00 45.02 ? 200 ACO A CBP 1 
HETATM 1295 C  CCP . ACO C 3 .   ? 0.427   4.924   -5.847  1.00 43.57 ? 200 ACO A CCP 1 
HETATM 1296 C  CDP . ACO C 3 .   ? -1.742  3.824   -5.406  1.00 43.26 ? 200 ACO A CDP 1 
HETATM 1297 C  CEP . ACO C 3 .   ? -0.021  3.922   -3.596  1.00 45.09 ? 200 ACO A CEP 1 
HETATM 1298 C  CAP . ACO C 3 .   ? -1.217  5.990   -4.218  1.00 44.88 ? 200 ACO A CAP 1 
HETATM 1299 O  OAP . ACO C 3 .   ? -2.006  6.679   -5.204  1.00 45.36 ? 200 ACO A OAP 1 
HETATM 1300 C  C9P . ACO C 3 .   ? -1.966  5.939   -2.890  1.00 44.20 ? 200 ACO A C9P 1 
HETATM 1301 O  O9P . ACO C 3 .   ? -1.307  6.073   -1.744  1.00 43.50 ? 200 ACO A O9P 1 
HETATM 1302 N  N8P . ACO C 3 .   ? -3.228  5.801   -2.883  1.00 43.74 ? 200 ACO A N8P 1 
HETATM 1303 C  C7P . ACO C 3 .   ? -4.167  5.777   -1.753  1.00 45.27 ? 200 ACO A C7P 1 
HETATM 1304 C  C6P . ACO C 3 .   ? -4.064  4.527   -0.877  1.00 44.80 ? 200 ACO A C6P 1 
HETATM 1305 C  C5P . ACO C 3 .   ? -4.361  3.321   -1.715  1.00 46.14 ? 200 ACO A C5P 1 
HETATM 1306 O  O5P . ACO C 3 .   ? -5.294  3.318   -2.509  1.00 47.39 ? 200 ACO A O5P 1 
HETATM 1307 N  N4P . ACO C 3 .   ? -3.550  2.287   -1.550  1.00 46.34 ? 200 ACO A N4P 1 
HETATM 1308 C  C3P . ACO C 3 .   ? -3.628  1.033   -2.271  1.00 48.95 ? 200 ACO A C3P 1 
HETATM 1309 C  C2P . ACO C 3 .   ? -4.622  0.148   -1.536  1.00 51.29 ? 200 ACO A C2P 1 
HETATM 1310 S  S1P . ACO C 3 .   ? -4.275  -1.463  -2.134  1.00 52.22 ? 200 ACO A S1P 1 
HETATM 1311 C  C   . ACO C 3 .   ? -3.439  -2.202  -0.896  1.00 52.42 ? 200 ACO A C   1 
HETATM 1312 O  O   . ACO C 3 .   ? -2.844  -1.530  -0.060  1.00 51.94 ? 200 ACO A O   1 
HETATM 1313 C  CH3 . ACO C 3 .   ? -3.444  -3.524  -0.834  1.00 52.75 ? 200 ACO A CH3 1 
HETATM 1314 O  O   . HOH D 4 .   ? 15.925  2.708   -4.738  0.50 31.81 ? 202 HOH A O   1 
HETATM 1315 O  O   . HOH D 4 .   ? 6.161   -1.846  15.313  1.00 25.51 ? 203 HOH A O   1 
HETATM 1316 O  O   . HOH D 4 .   ? 8.811   -5.261  8.542   1.00 31.91 ? 204 HOH A O   1 
HETATM 1317 O  O   . HOH D 4 .   ? 5.138   9.134   -5.857  1.00 34.37 ? 205 HOH A O   1 
HETATM 1318 O  O   . HOH D 4 .   ? -10.585 -2.342  -7.126  1.00 33.24 ? 206 HOH A O   1 
HETATM 1319 O  O   . HOH D 4 .   ? 5.826   -2.971  -10.351 1.00 37.82 ? 207 HOH A O   1 
HETATM 1320 O  O   . HOH D 4 .   ? -1.926  11.678  8.614   1.00 39.73 ? 208 HOH A O   1 
HETATM 1321 O  O   . HOH D 4 .   ? 10.343  8.306   -14.017 1.00 42.26 ? 209 HOH A O   1 
HETATM 1322 O  O   . HOH D 4 .   ? 15.224  0.626   -6.349  0.50 33.77 ? 210 HOH A O   1 
HETATM 1323 O  O   . HOH D 4 .   ? -20.623 0.548   4.124   1.00 45.19 ? 211 HOH A O   1 
HETATM 1324 O  O   . HOH D 4 .   ? -19.014 -8.036  -3.340  1.00 29.59 ? 212 HOH A O   1 
HETATM 1325 O  O   . HOH D 4 .   ? 10.139  -3.971  12.502  1.00 33.04 ? 213 HOH A O   1 
HETATM 1326 O  O   . HOH D 4 .   ? 13.158  15.095  -13.705 1.00 31.78 ? 214 HOH A O   1 
HETATM 1327 O  O   . HOH D 4 .   ? -3.428  -9.694  -0.423  1.00 44.96 ? 215 HOH A O   1 
HETATM 1328 O  O   . HOH D 4 .   ? 7.238   7.383   13.637  1.00 47.66 ? 216 HOH A O   1 
HETATM 1329 O  O   . HOH D 4 .   ? 2.859   -3.897  17.968  1.00 43.40 ? 217 HOH A O   1 
HETATM 1330 O  O   . HOH D 4 .   ? -10.181 8.530   -5.690  1.00 44.54 ? 218 HOH A O   1 
HETATM 1331 O  O   . HOH D 4 .   ? -5.644  -1.877  13.465  1.00 38.96 ? 219 HOH A O   1 
HETATM 1332 O  O   . HOH D 4 .   ? -9.437  12.429  -3.694  1.00 44.54 ? 220 HOH A O   1 
HETATM 1333 O  O   . HOH D 4 .   ? -16.998 0.630   -1.766  1.00 35.20 ? 221 HOH A O   1 
HETATM 1334 O  O   . HOH D 4 .   ? 0.634   8.266   14.217  1.00 41.83 ? 222 HOH A O   1 
HETATM 1335 O  O   . HOH D 4 .   ? -4.045  -6.845  -0.515  1.00 41.10 ? 223 HOH A O   1 
HETATM 1336 O  O   . HOH D 4 .   ? 0.683   -10.656 -15.441 1.00 49.09 ? 224 HOH A O   1 
HETATM 1337 O  O   . HOH D 4 .   ? -12.570 -4.537  11.831  1.00 34.83 ? 225 HOH A O   1 
HETATM 1338 O  O   . HOH D 4 .   ? -1.841  -6.959  13.784  1.00 40.16 ? 226 HOH A O   1 
HETATM 1339 O  O   . HOH D 4 .   ? 10.922  8.328   -16.881 1.00 69.57 ? 227 HOH A O   1 
HETATM 1340 O  O   . HOH D 4 .   ? 15.608  9.997   -4.544  1.00 36.19 ? 228 HOH A O   1 
HETATM 1341 O  O   . HOH D 4 .   ? -17.250 5.300   9.486   1.00 31.66 ? 229 HOH A O   1 
HETATM 1342 O  O   . HOH D 4 .   ? 8.624   -3.167  14.776  1.00 32.15 ? 230 HOH A O   1 
HETATM 1343 O  O   . HOH D 4 .   ? 4.979   -4.277  16.158  1.00 41.29 ? 231 HOH A O   1 
HETATM 1344 O  O   . HOH D 4 .   ? -20.246 -0.010  0.342   1.00 38.99 ? 232 HOH A O   1 
HETATM 1345 O  O   . HOH D 4 .   ? -17.227 8.824   -3.382  1.00 31.84 ? 233 HOH A O   1 
HETATM 1346 O  O   . HOH D 4 .   ? -19.290 10.687  -1.307  1.00 49.27 ? 234 HOH A O   1 
HETATM 1347 O  O   . HOH D 4 .   ? 12.866  -0.617  -6.104  1.00 38.07 ? 235 HOH A O   1 
HETATM 1348 O  O   . HOH D 4 .   ? 11.691  15.318  1.152   1.00 63.80 ? 236 HOH A O   1 
HETATM 1349 O  O   . HOH D 4 .   ? 13.528  -5.839  -2.317  1.00 31.56 ? 237 HOH A O   1 
HETATM 1350 O  O   . HOH D 4 .   ? 10.559  14.470  -5.252  1.00 36.69 ? 238 HOH A O   1 
HETATM 1351 O  O   . HOH D 4 .   ? 6.280   -0.194  17.188  1.00 35.24 ? 239 HOH A O   1 
HETATM 1352 O  O   . HOH D 4 .   ? -7.878  2.779   -10.666 1.00 48.63 ? 240 HOH A O   1 
HETATM 1353 O  O   . HOH D 4 .   ? -17.863 3.808   -2.702  1.00 34.06 ? 241 HOH A O   1 
HETATM 1354 O  O   . HOH D 4 .   ? -4.640  3.738   -9.966  1.00 36.74 ? 242 HOH A O   1 
HETATM 1355 O  O   . HOH D 4 .   ? -20.599 7.506   3.412   1.00 52.01 ? 243 HOH A O   1 
HETATM 1356 O  O   . HOH D 4 .   ? -2.503  -8.298  7.435   1.00 45.57 ? 244 HOH A O   1 
HETATM 1357 O  O   . HOH D 4 .   ? -0.598  -9.083  13.199  1.00 42.64 ? 245 HOH A O   1 
HETATM 1358 O  O   . HOH D 4 .   ? -21.849 9.774   4.129   1.00 54.47 ? 246 HOH A O   1 
HETATM 1359 O  O   . HOH D 4 .   ? 0.700   -10.469 9.083   1.00 34.50 ? 247 HOH A O   1 
HETATM 1360 O  O   . HOH D 4 .   ? 7.430   10.019  -15.653 1.00 46.90 ? 248 HOH A O   1 
HETATM 1361 O  O   . HOH D 4 .   ? -4.304  -2.263  3.241   1.00 39.92 ? 249 HOH A O   1 
HETATM 1362 O  O   . HOH D 4 .   ? 16.718  13.415  -7.235  1.00 42.40 ? 250 HOH A O   1 
HETATM 1363 O  O   . HOH D 4 .   ? -6.323  -2.170  5.212   1.00 43.47 ? 251 HOH A O   1 
HETATM 1364 O  O   . HOH D 4 .   ? 3.801   14.587  -5.793  1.00 39.77 ? 252 HOH A O   1 
HETATM 1365 O  O   . HOH D 4 .   ? -18.194 6.622   -3.803  1.00 30.89 ? 253 HOH A O   1 
HETATM 1366 O  O   . HOH D 4 .   ? -20.377 -7.419  7.918   1.00 46.24 ? 254 HOH A O   1 
HETATM 1367 O  O   . HOH D 4 .   ? -15.553 1.814   -3.751  1.00 43.83 ? 255 HOH A O   1 
HETATM 1368 O  O   . HOH D 4 .   ? 15.029  12.975  -11.360 1.00 38.29 ? 256 HOH A O   1 
HETATM 1369 O  O   . HOH D 4 .   ? 0.668   14.848  6.657   1.00 46.99 ? 257 HOH A O   1 
HETATM 1370 O  O   . HOH D 4 .   ? 11.367  12.425  -6.660  1.00 45.08 ? 258 HOH A O   1 
HETATM 1371 O  O   . HOH D 4 .   ? 15.842  6.569   -11.889 1.00 47.01 ? 259 HOH A O   1 
HETATM 1372 O  O   . HOH D 4 .   ? -18.157 6.194   -6.657  1.00 32.18 ? 260 HOH A O   1 
HETATM 1373 O  O   . HOH D 4 .   ? 1.285   15.808  -5.067  1.00 46.44 ? 261 HOH A O   1 
HETATM 1374 O  O   . HOH D 4 .   ? -15.442 10.970  -0.620  1.00 48.52 ? 262 HOH A O   1 
HETATM 1375 O  O   . HOH D 4 .   ? -7.780  -12.057 -0.695  1.00 44.33 ? 263 HOH A O   1 
HETATM 1376 O  O   . HOH D 4 .   ? 12.471  13.113  -9.174  1.00 49.98 ? 264 HOH A O   1 
HETATM 1377 O  O   . HOH D 4 .   ? 6.278   14.116  -18.070 1.00 48.81 ? 265 HOH A O   1 
HETATM 1378 O  O   . HOH D 4 .   ? -6.554  6.456   12.458  1.00 38.77 ? 266 HOH A O   1 
HETATM 1379 O  O   . HOH D 4 .   ? 7.471   -6.745  -14.833 1.00 44.94 ? 267 HOH A O   1 
HETATM 1380 O  O   . HOH D 4 .   ? 6.035   15.236  -15.239 1.00 49.17 ? 268 HOH A O   1 
HETATM 1381 O  O   . HOH D 4 .   ? -15.016 2.230   -8.298  1.00 42.15 ? 269 HOH A O   1 
HETATM 1382 O  O   . HOH D 4 .   ? 4.357   -12.123 6.493   1.00 48.47 ? 270 HOH A O   1 
HETATM 1383 O  O   . HOH D 4 .   ? -9.187  -7.234  1.117   1.00 51.69 ? 271 HOH A O   1 
HETATM 1384 O  O   . HOH D 4 .   ? -19.854 14.646  4.017   1.00 55.94 ? 272 HOH A O   1 
HETATM 1385 O  O   . HOH D 4 .   ? 14.106  12.252  -5.255  1.00 60.16 ? 273 HOH A O   1 
HETATM 1386 O  O   . HOH D 4 .   ? -16.168 4.812   -7.709  1.00 50.84 ? 274 HOH A O   1 
HETATM 1387 O  O   . HOH D 4 .   ? 5.428   12.421  -19.854 1.00 56.31 ? 275 HOH A O   1 
HETATM 1388 O  O   . HOH D 4 .   ? 13.692  -3.641  -6.895  1.00 38.92 ? 276 HOH A O   1 
HETATM 1389 O  O   . HOH D 4 .   ? 14.726  -3.709  -3.706  1.00 46.06 ? 277 HOH A O   1 
HETATM 1390 O  O   . HOH D 4 .   ? 11.064  3.373   -12.038 1.00 55.59 ? 278 HOH A O   1 
HETATM 1391 O  O   . HOH D 4 .   ? 10.854  9.557   -6.640  1.00 47.88 ? 279 HOH A O   1 
HETATM 1392 O  O   . HOH D 4 .   ? 15.865  0.393   8.347   1.00 46.46 ? 280 HOH A O   1 
HETATM 1393 O  O   . HOH D 4 .   ? 13.758  5.745   11.776  1.00 42.22 ? 281 HOH A O   1 
HETATM 1394 O  O   . HOH D 4 .   ? -9.973  -1.904  0.963   1.00 39.65 ? 282 HOH A O   1 
HETATM 1395 O  O   . HOH D 4 .   ? 3.525   1.809   -15.921 1.00 42.33 ? 283 HOH A O   1 
HETATM 1396 O  O   . HOH D 4 .   ? -1.414  -5.696  19.375  1.00 64.41 ? 284 HOH A O   1 
HETATM 1397 O  O   . HOH D 4 .   ? 8.650   18.851  -1.918  1.00 45.62 ? 285 HOH A O   1 
HETATM 1398 O  O   . HOH D 4 .   ? -12.711 -0.616  -10.132 1.00 45.46 ? 286 HOH A O   1 
HETATM 1399 O  O   . HOH D 4 .   ? 3.061   1.231   12.502  1.00 63.58 ? 287 HOH A O   1 
HETATM 1400 O  O   . HOH D 4 .   ? 1.699   -9.426  11.163  1.00 53.08 ? 288 HOH A O   1 
HETATM 1401 O  O   . HOH D 4 .   ? 3.569   -3.337  -9.685  1.00 80.74 ? 289 HOH A O   1 
HETATM 1402 O  O   . HOH D 4 .   ? -1.167  8.904   -7.484  1.00 45.57 ? 290 HOH A O   1 
HETATM 1403 O  O   . HOH D 4 .   ? 7.032   12.365  -16.761 1.00 66.93 ? 291 HOH A O   1 
# 
